data_9MIT
#
_entry.id   9MIT
#
_cell.length_a   169.816
_cell.length_b   49.713
_cell.length_c   175.122
_cell.angle_alpha   90.00
_cell.angle_beta   99.18
_cell.angle_gamma   90.00
#
_symmetry.space_group_name_H-M   'C 1 2 1'
#
loop_
_entity.id
_entity.type
_entity.pdbx_description
1 polymer 'Purine nucleoside phosphorylase, putative'
2 non-polymer GLYCEROL
3 non-polymer '4-(2-HYDROXYETHYL)-1-PIPERAZINE ETHANESULFONIC ACID'
4 water water
#
_entity_poly.entity_id   1
_entity_poly.type   'polypeptide(L)'
_entity_poly.pdbx_seq_one_letter_code
;MAHHHHHHMATPHNSAKVGDFAETVLMCGDPLRAKLIADNYLENAKQVNSVRGMLGFTGTYKGKPLSVMGHGMGIPSISI
YAEELYNVYKVKTIIRVGTCGTVDPNVHVRDVCIVTASGTDSNVNRMRLLGHDFPATANFEVVSALVESAKALNIPTQVG
KAYSTDIFYSKEQGLNEALAQYHFIAVEMESAGLFPIADYYGARAGCICTVSDHIITHESATPEERQTSFQNMIKIALEA
TLKL
;
_entity_poly.pdbx_strand_id   A,B,C,D,E,F
#
loop_
_chem_comp.id
_chem_comp.type
_chem_comp.name
_chem_comp.formula
EPE non-polymer '4-(2-HYDROXYETHYL)-1-PIPERAZINE ETHANESULFONIC ACID' 'C8 H18 N2 O4 S'
GOL non-polymer GLYCEROL 'C3 H8 O3'
#
# COMPACT_ATOMS: atom_id res chain seq x y z
N MET A 9 3.01 -28.13 28.13
CA MET A 9 2.03 -27.07 28.54
C MET A 9 0.93 -26.94 27.49
N ALA A 10 -0.21 -26.37 27.89
CA ALA A 10 -1.33 -26.29 26.97
C ALA A 10 -1.06 -25.33 25.84
N THR A 11 -0.27 -24.26 26.09
CA THR A 11 0.23 -23.40 25.03
C THR A 11 1.68 -23.02 25.34
N PRO A 12 2.40 -22.46 24.37
CA PRO A 12 3.78 -22.03 24.65
C PRO A 12 3.89 -20.90 25.65
N HIS A 13 2.80 -20.19 25.95
CA HIS A 13 2.85 -18.94 26.71
C HIS A 13 1.96 -18.96 27.95
N ASN A 14 1.40 -20.11 28.31
CA ASN A 14 0.44 -20.20 29.39
C ASN A 14 0.49 -21.60 29.97
N SER A 15 0.70 -21.68 31.28
CA SER A 15 0.78 -22.97 31.96
C SER A 15 -0.58 -23.45 32.45
N ALA A 16 -1.63 -22.66 32.27
CA ALA A 16 -2.95 -23.07 32.70
C ALA A 16 -3.40 -24.30 31.90
N LYS A 17 -4.15 -25.16 32.58
CA LYS A 17 -4.79 -26.30 31.93
C LYS A 17 -6.13 -25.86 31.37
N VAL A 18 -6.60 -26.56 30.34
CA VAL A 18 -7.93 -26.29 29.82
C VAL A 18 -8.93 -26.41 30.97
N GLY A 19 -9.83 -25.45 31.07
CA GLY A 19 -10.77 -25.36 32.17
C GLY A 19 -10.35 -24.42 33.28
N ASP A 20 -9.08 -24.04 33.33
CA ASP A 20 -8.60 -23.16 34.40
C ASP A 20 -9.05 -21.72 34.22
N PHE A 21 -9.47 -21.31 33.01
CA PHE A 21 -10.01 -19.98 32.80
C PHE A 21 -11.53 -20.04 32.73
N ALA A 22 -12.18 -19.07 33.35
CA ALA A 22 -13.61 -18.91 33.22
C ALA A 22 -13.94 -18.49 31.78
N GLU A 23 -15.23 -18.55 31.43
CA GLU A 23 -15.65 -18.15 30.09
C GLU A 23 -15.55 -16.66 29.89
N THR A 24 -15.52 -15.88 30.96
CA THR A 24 -15.35 -14.43 30.90
C THR A 24 -14.01 -14.07 31.53
N VAL A 25 -13.24 -13.24 30.83
CA VAL A 25 -11.92 -12.83 31.29
C VAL A 25 -11.79 -11.33 31.13
N LEU A 26 -11.36 -10.65 32.20
CA LEU A 26 -10.83 -9.30 32.08
C LEU A 26 -9.33 -9.34 31.82
N MET A 27 -8.85 -8.47 30.94
CA MET A 27 -7.43 -8.43 30.67
C MET A 27 -6.93 -6.99 30.66
N CYS A 28 -5.74 -6.79 31.20
CA CYS A 28 -5.06 -5.50 31.21
C CYS A 28 -3.60 -5.73 30.80
N GLY A 29 -2.91 -4.69 30.38
CA GLY A 29 -1.55 -4.87 29.90
C GLY A 29 -0.58 -5.28 30.99
N ASP A 30 -0.70 -4.68 32.18
CA ASP A 30 0.26 -4.88 33.25
C ASP A 30 -0.12 -6.10 34.09
N PRO A 31 0.68 -7.16 34.11
CA PRO A 31 0.30 -8.31 34.94
C PRO A 31 0.18 -8.00 36.42
N LEU A 32 0.90 -6.98 36.91
CA LEU A 32 0.80 -6.62 38.31
C LEU A 32 -0.55 -5.97 38.59
N ARG A 33 -1.13 -5.32 37.59
CA ARG A 33 -2.49 -4.80 37.73
C ARG A 33 -3.50 -5.93 37.67
N ALA A 34 -3.26 -6.95 36.85
CA ALA A 34 -4.13 -8.12 36.89
C ALA A 34 -4.15 -8.71 38.28
N LYS A 35 -2.98 -8.81 38.93
CA LYS A 35 -2.94 -9.32 40.29
C LYS A 35 -3.71 -8.44 41.25
N LEU A 36 -3.56 -7.11 41.12
CA LEU A 36 -4.32 -6.20 41.98
C LEU A 36 -5.82 -6.40 41.80
N ILE A 37 -6.28 -6.60 40.56
CA ILE A 37 -7.69 -6.83 40.33
C ILE A 37 -8.13 -8.12 40.98
N ALA A 38 -7.35 -9.18 40.81
CA ALA A 38 -7.71 -10.46 41.42
C ALA A 38 -7.76 -10.33 42.93
N ASP A 39 -6.73 -9.72 43.52
CA ASP A 39 -6.62 -9.63 44.97
C ASP A 39 -7.73 -8.80 45.57
N ASN A 40 -8.14 -7.74 44.90
CA ASN A 40 -9.07 -6.78 45.49
C ASN A 40 -10.53 -7.03 45.12
N TYR A 41 -10.81 -7.76 44.04
CA TYR A 41 -12.18 -7.90 43.55
C TYR A 41 -12.65 -9.33 43.31
N LEU A 42 -11.75 -10.28 43.14
CA LEU A 42 -12.18 -11.67 42.95
C LEU A 42 -12.20 -12.39 44.29
N GLU A 43 -13.18 -13.25 44.46
CA GLU A 43 -13.23 -14.14 45.60
C GLU A 43 -12.64 -15.50 45.22
N ASN A 44 -11.92 -16.10 46.16
CA ASN A 44 -11.38 -17.45 46.00
C ASN A 44 -10.53 -17.56 44.76
N ALA A 45 -9.76 -16.51 44.50
CA ALA A 45 -8.90 -16.46 43.33
C ALA A 45 -7.71 -17.38 43.51
N LYS A 46 -7.32 -18.00 42.42
CA LYS A 46 -6.16 -18.88 42.33
C LYS A 46 -5.36 -18.41 41.12
N GLN A 47 -4.05 -18.32 41.28
CA GLN A 47 -3.18 -18.05 40.14
C GLN A 47 -3.18 -19.26 39.23
N VAL A 48 -3.37 -19.02 37.93
CA VAL A 48 -3.41 -20.10 36.94
C VAL A 48 -2.34 -19.97 35.87
N ASN A 49 -1.64 -18.84 35.79
CA ASN A 49 -0.51 -18.74 34.89
C ASN A 49 0.53 -17.81 35.49
N SER A 50 1.82 -18.17 35.30
CA SER A 50 2.91 -17.23 35.54
C SER A 50 3.99 -17.30 34.48
N VAL A 51 3.75 -17.95 33.34
CA VAL A 51 4.73 -17.99 32.26
C VAL A 51 5.01 -16.56 31.81
N ARG A 52 6.30 -16.24 31.66
CA ARG A 52 6.76 -14.90 31.24
C ARG A 52 6.31 -13.81 32.21
N GLY A 53 6.00 -14.18 33.45
CA GLY A 53 5.45 -13.24 34.41
C GLY A 53 4.08 -12.72 34.08
N MET A 54 3.38 -13.32 33.11
CA MET A 54 2.12 -12.76 32.64
C MET A 54 1.00 -13.36 33.48
N LEU A 55 0.87 -12.81 34.69
CA LEU A 55 0.04 -13.39 35.73
C LEU A 55 -1.43 -13.45 35.29
N GLY A 56 -2.05 -14.60 35.57
CA GLY A 56 -3.47 -14.80 35.34
C GLY A 56 -4.08 -15.53 36.51
N PHE A 57 -5.36 -15.25 36.76
CA PHE A 57 -6.06 -15.65 37.96
C PHE A 57 -7.51 -16.00 37.64
N THR A 58 -8.07 -16.92 38.42
CA THR A 58 -9.46 -17.32 38.26
C THR A 58 -10.13 -17.41 39.62
N GLY A 59 -11.29 -16.77 39.74
CA GLY A 59 -12.08 -16.84 40.96
C GLY A 59 -13.52 -16.61 40.61
N THR A 60 -14.25 -15.94 41.49
CA THR A 60 -15.61 -15.52 41.18
C THR A 60 -15.77 -14.04 41.51
N TYR A 61 -16.74 -13.42 40.85
CA TYR A 61 -17.22 -12.11 41.24
C TYR A 61 -18.73 -12.22 41.42
N LYS A 62 -19.20 -11.96 42.63
CA LYS A 62 -20.61 -12.09 42.98
C LYS A 62 -21.18 -13.44 42.52
N GLY A 63 -20.41 -14.49 42.80
CA GLY A 63 -20.86 -15.84 42.57
C GLY A 63 -20.55 -16.37 41.18
N LYS A 64 -20.23 -15.49 40.22
CA LYS A 64 -20.08 -15.94 38.84
C LYS A 64 -18.61 -16.15 38.51
N PRO A 65 -18.25 -17.22 37.80
CA PRO A 65 -16.83 -17.43 37.47
C PRO A 65 -16.27 -16.29 36.64
N LEU A 66 -15.06 -15.87 37.00
CA LEU A 66 -14.39 -14.78 36.28
C LEU A 66 -12.89 -14.94 36.43
N SER A 67 -12.17 -14.65 35.35
CA SER A 67 -10.71 -14.67 35.34
C SER A 67 -10.20 -13.28 35.01
N VAL A 68 -8.95 -13.03 35.37
CA VAL A 68 -8.25 -11.80 35.00
CA VAL A 68 -8.24 -11.79 35.03
C VAL A 68 -6.81 -12.15 34.68
N MET A 69 -6.29 -11.57 33.60
CA MET A 69 -4.94 -11.89 33.19
C MET A 69 -4.33 -10.72 32.44
N GLY A 70 -3.02 -10.56 32.62
CA GLY A 70 -2.28 -9.60 31.83
C GLY A 70 -2.18 -10.00 30.37
N HIS A 71 -2.04 -8.98 29.52
CA HIS A 71 -1.83 -9.19 28.08
C HIS A 71 -0.57 -8.59 27.52
N GLY A 72 0.24 -7.88 28.30
CA GLY A 72 1.44 -7.27 27.76
C GLY A 72 1.11 -6.06 26.92
N MET A 73 2.14 -5.51 26.29
CA MET A 73 2.01 -4.26 25.56
C MET A 73 2.04 -4.51 24.06
N GLY A 74 1.01 -4.02 23.37
CA GLY A 74 0.96 -3.99 21.93
C GLY A 74 0.12 -5.13 21.34
N ILE A 75 -0.29 -4.89 20.10
CA ILE A 75 -1.11 -5.82 19.35
C ILE A 75 -0.50 -7.21 19.26
N PRO A 76 0.79 -7.39 18.92
CA PRO A 76 1.31 -8.77 18.83
C PRO A 76 1.18 -9.54 20.14
N SER A 77 1.40 -8.86 21.27
CA SER A 77 1.32 -9.52 22.57
C SER A 77 -0.11 -9.93 22.90
N ILE A 78 -1.07 -8.99 22.85
CA ILE A 78 -2.45 -9.37 23.13
C ILE A 78 -2.91 -10.43 22.16
N SER A 79 -2.43 -10.39 20.90
CA SER A 79 -2.91 -11.37 19.93
C SER A 79 -2.56 -12.79 20.35
N ILE A 80 -1.31 -13.01 20.82
CA ILE A 80 -0.92 -14.31 21.34
C ILE A 80 -1.85 -14.75 22.46
N TYR A 81 -2.02 -13.90 23.46
CA TYR A 81 -2.75 -14.33 24.64
C TYR A 81 -4.23 -14.57 24.34
N ALA A 82 -4.85 -13.66 23.57
CA ALA A 82 -6.27 -13.77 23.27
C ALA A 82 -6.54 -14.92 22.32
N GLU A 83 -5.70 -15.11 21.30
CA GLU A 83 -5.90 -16.26 20.42
C GLU A 83 -5.95 -17.54 21.25
N GLU A 84 -5.00 -17.69 22.17
CA GLU A 84 -4.97 -18.86 23.03
C GLU A 84 -6.20 -18.96 23.92
N LEU A 85 -6.62 -17.85 24.52
CA LEU A 85 -7.77 -17.91 25.42
C LEU A 85 -9.03 -18.37 24.69
N TYR A 86 -9.27 -17.85 23.48
CA TYR A 86 -10.45 -18.29 22.75
C TYR A 86 -10.29 -19.70 22.22
N ASN A 87 -9.13 -20.02 21.64
CA ASN A 87 -8.97 -21.30 20.96
C ASN A 87 -8.75 -22.46 21.91
N VAL A 88 -7.77 -22.33 22.80
CA VAL A 88 -7.40 -23.42 23.70
C VAL A 88 -8.27 -23.44 24.94
N TYR A 89 -8.48 -22.28 25.55
CA TYR A 89 -9.16 -22.24 26.84
C TYR A 89 -10.66 -22.03 26.70
N LYS A 90 -11.16 -21.85 25.48
CA LYS A 90 -12.59 -21.84 25.17
C LYS A 90 -13.31 -20.69 25.86
N VAL A 91 -12.58 -19.60 26.07
CA VAL A 91 -13.15 -18.38 26.61
C VAL A 91 -14.18 -17.84 25.62
N LYS A 92 -15.25 -17.24 26.14
CA LYS A 92 -16.33 -16.69 25.32
C LYS A 92 -16.32 -15.18 25.26
N THR A 93 -15.87 -14.49 26.32
CA THR A 93 -15.94 -13.04 26.39
C THR A 93 -14.66 -12.53 27.02
N ILE A 94 -14.00 -11.58 26.36
CA ILE A 94 -12.86 -10.86 26.93
C ILE A 94 -13.20 -9.38 26.98
N ILE A 95 -13.07 -8.76 28.15
CA ILE A 95 -13.15 -7.32 28.29
C ILE A 95 -11.77 -6.80 28.62
N ARG A 96 -11.21 -5.99 27.73
CA ARG A 96 -9.96 -5.31 27.99
C ARG A 96 -10.22 -4.09 28.86
N VAL A 97 -9.40 -3.91 29.89
CA VAL A 97 -9.51 -2.81 30.82
C VAL A 97 -8.14 -2.13 30.85
N GLY A 98 -8.13 -0.81 30.81
CA GLY A 98 -6.84 -0.15 30.75
C GLY A 98 -6.93 1.34 30.92
N THR A 99 -5.83 2.01 30.64
CA THR A 99 -5.77 3.45 30.60
C THR A 99 -5.52 3.89 29.17
N CYS A 100 -5.79 5.16 28.90
CA CYS A 100 -5.62 5.67 27.55
C CYS A 100 -5.32 7.15 27.61
N GLY A 101 -4.81 7.68 26.50
CA GLY A 101 -4.81 9.09 26.26
C GLY A 101 -6.03 9.46 25.47
N THR A 102 -6.34 10.74 25.42
CA THR A 102 -7.37 11.22 24.52
C THR A 102 -6.88 12.43 23.75
N VAL A 103 -7.44 12.60 22.54
CA VAL A 103 -7.27 13.81 21.76
C VAL A 103 -8.56 14.58 21.58
N ASP A 104 -9.70 14.02 22.00
CA ASP A 104 -10.97 14.65 21.66
C ASP A 104 -11.17 15.91 22.51
N PRO A 105 -11.63 17.02 21.90
CA PRO A 105 -11.74 18.27 22.67
C PRO A 105 -12.75 18.24 23.80
N ASN A 106 -13.71 17.31 23.79
CA ASN A 106 -14.72 17.24 24.84
C ASN A 106 -14.56 16.03 25.74
N VAL A 107 -13.42 15.35 25.67
CA VAL A 107 -13.07 14.29 26.60
C VAL A 107 -11.96 14.82 27.49
N HIS A 108 -12.04 14.48 28.77
CA HIS A 108 -11.15 15.03 29.78
C HIS A 108 -10.50 13.91 30.58
N VAL A 109 -9.36 14.23 31.20
CA VAL A 109 -8.74 13.26 32.08
C VAL A 109 -9.76 12.88 33.16
N ARG A 110 -9.69 11.64 33.58
CA ARG A 110 -10.59 10.99 34.53
C ARG A 110 -11.83 10.42 33.82
N ASP A 111 -12.08 10.75 32.56
CA ASP A 111 -13.24 10.20 31.88
C ASP A 111 -13.07 8.70 31.66
N VAL A 112 -14.18 7.99 31.55
CA VAL A 112 -14.25 6.57 31.28
C VAL A 112 -14.75 6.37 29.85
N CYS A 113 -13.97 5.71 29.03
CA CYS A 113 -14.25 5.54 27.62
C CYS A 113 -14.62 4.08 27.36
N ILE A 114 -15.78 3.87 26.73
CA ILE A 114 -16.24 2.55 26.33
C ILE A 114 -16.08 2.50 24.81
N VAL A 115 -15.31 1.53 24.33
CA VAL A 115 -14.86 1.50 22.93
C VAL A 115 -15.86 0.74 22.07
N THR A 116 -16.33 1.39 21.00
CA THR A 116 -17.19 0.71 20.03
C THR A 116 -16.40 0.08 18.89
N ALA A 117 -15.27 0.67 18.50
CA ALA A 117 -14.41 0.15 17.43
C ALA A 117 -13.08 0.86 17.60
N SER A 118 -12.02 0.30 16.99
CA SER A 118 -10.69 0.85 17.15
CA SER A 118 -10.68 0.83 17.15
C SER A 118 -9.96 0.86 15.81
N GLY A 119 -9.42 2.02 15.46
CA GLY A 119 -8.53 2.13 14.33
C GLY A 119 -7.14 1.69 14.70
N THR A 120 -6.25 1.65 13.71
CA THR A 120 -4.89 1.21 13.99
C THR A 120 -3.94 1.60 12.86
N ASP A 121 -2.66 1.66 13.21
CA ASP A 121 -1.57 1.74 12.24
C ASP A 121 -0.88 0.40 12.03
N SER A 122 -1.40 -0.66 12.64
CA SER A 122 -0.93 -2.01 12.42
C SER A 122 -1.44 -2.55 11.10
N ASN A 123 -0.71 -3.53 10.57
CA ASN A 123 -1.12 -4.23 9.36
CA ASN A 123 -1.09 -4.24 9.36
C ASN A 123 -1.90 -5.50 9.62
N VAL A 124 -2.18 -5.84 10.88
CA VAL A 124 -2.70 -7.18 11.16
C VAL A 124 -4.10 -7.39 10.59
N ASN A 125 -4.91 -6.35 10.51
CA ASN A 125 -6.28 -6.54 10.06
C ASN A 125 -6.39 -6.51 8.56
N ARG A 126 -5.58 -5.70 7.90
CA ARG A 126 -5.48 -5.80 6.45
C ARG A 126 -5.10 -7.21 6.03
N MET A 127 -4.18 -7.85 6.77
CA MET A 127 -3.77 -9.18 6.38
CA MET A 127 -3.75 -9.20 6.44
C MET A 127 -4.87 -10.22 6.57
N ARG A 128 -5.89 -9.93 7.37
CA ARG A 128 -7.03 -10.83 7.54
C ARG A 128 -8.11 -10.65 6.49
N LEU A 129 -8.14 -9.51 5.79
CA LEU A 129 -9.26 -9.19 4.90
C LEU A 129 -8.75 -8.77 3.52
N LEU A 130 -7.78 -9.52 2.99
CA LEU A 130 -7.33 -9.35 1.61
CA LEU A 130 -7.33 -9.35 1.61
C LEU A 130 -6.86 -7.92 1.34
N GLY A 131 -6.28 -7.30 2.35
CA GLY A 131 -5.71 -6.00 2.19
C GLY A 131 -6.67 -4.86 2.37
N HIS A 132 -7.95 -5.15 2.66
CA HIS A 132 -8.97 -4.12 2.73
C HIS A 132 -9.10 -3.57 4.16
N ASP A 133 -10.04 -2.63 4.35
CA ASP A 133 -10.33 -2.05 5.66
C ASP A 133 -11.30 -2.97 6.41
N PHE A 134 -10.81 -3.53 7.52
CA PHE A 134 -11.54 -4.42 8.42
C PHE A 134 -11.67 -3.68 9.75
N PRO A 135 -12.84 -3.16 10.09
CA PRO A 135 -12.96 -2.43 11.36
C PRO A 135 -12.87 -3.38 12.53
N ALA A 136 -11.98 -3.07 13.47
CA ALA A 136 -11.89 -3.79 14.74
C ALA A 136 -13.06 -3.30 15.58
N THR A 137 -14.07 -4.15 15.73
CA THR A 137 -15.37 -3.74 16.24
C THR A 137 -15.71 -4.53 17.49
N ALA A 138 -16.08 -3.81 18.54
CA ALA A 138 -16.50 -4.47 19.77
C ALA A 138 -17.87 -5.10 19.59
N ASN A 139 -18.10 -6.16 20.34
CA ASN A 139 -19.40 -6.83 20.35
C ASN A 139 -20.43 -5.92 21.01
N PHE A 140 -21.61 -5.80 20.38
CA PHE A 140 -22.62 -4.86 20.86
C PHE A 140 -23.13 -5.22 22.26
N GLU A 141 -23.34 -6.51 22.53
CA GLU A 141 -23.81 -6.88 23.86
C GLU A 141 -22.81 -6.48 24.93
N VAL A 142 -21.51 -6.61 24.64
CA VAL A 142 -20.50 -6.19 25.60
C VAL A 142 -20.51 -4.68 25.79
N VAL A 143 -20.55 -3.93 24.68
CA VAL A 143 -20.62 -2.48 24.77
C VAL A 143 -21.82 -2.06 25.61
N SER A 144 -23.00 -2.61 25.29
CA SER A 144 -24.22 -2.26 26.00
CA SER A 144 -24.22 -2.26 26.00
C SER A 144 -24.11 -2.63 27.48
N ALA A 145 -23.51 -3.78 27.77
CA ALA A 145 -23.44 -4.16 29.18
C ALA A 145 -22.58 -3.17 29.95
N LEU A 146 -21.48 -2.69 29.34
CA LEU A 146 -20.64 -1.71 30.00
C LEU A 146 -21.38 -0.39 30.16
N VAL A 147 -22.10 0.05 29.13
CA VAL A 147 -22.85 1.29 29.20
C VAL A 147 -23.91 1.23 30.29
N GLU A 148 -24.68 0.13 30.31
CA GLU A 148 -25.75 -0.01 31.29
C GLU A 148 -25.21 -0.15 32.70
N SER A 149 -24.07 -0.82 32.87
CA SER A 149 -23.48 -0.94 34.19
CA SER A 149 -23.45 -0.94 34.18
C SER A 149 -23.02 0.42 34.71
N ALA A 150 -22.40 1.23 33.87
CA ALA A 150 -22.02 2.57 34.30
C ALA A 150 -23.24 3.42 34.66
N LYS A 151 -24.31 3.32 33.87
CA LYS A 151 -25.53 4.06 34.22
C LYS A 151 -26.05 3.68 35.60
N ALA A 152 -26.07 2.37 35.91
CA ALA A 152 -26.57 1.90 37.19
C ALA A 152 -25.70 2.38 38.34
N LEU A 153 -24.41 2.57 38.07
CA LEU A 153 -23.46 3.07 39.06
C LEU A 153 -23.37 4.59 39.06
N ASN A 154 -24.17 5.26 38.23
CA ASN A 154 -24.14 6.73 38.12
C ASN A 154 -22.74 7.26 37.77
N ILE A 155 -22.03 6.56 36.88
CA ILE A 155 -20.69 6.98 36.45
C ILE A 155 -20.80 7.44 35.00
N PRO A 156 -20.50 8.71 34.70
CA PRO A 156 -20.56 9.17 33.32
C PRO A 156 -19.54 8.45 32.45
N THR A 157 -19.91 8.19 31.20
CA THR A 157 -19.04 7.53 30.25
C THR A 157 -19.05 8.29 28.92
N GLN A 158 -17.98 8.10 28.17
CA GLN A 158 -17.87 8.47 26.77
C GLN A 158 -17.84 7.20 25.95
N VAL A 159 -18.62 7.14 24.87
CA VAL A 159 -18.73 5.93 24.08
C VAL A 159 -18.30 6.26 22.66
N GLY A 160 -17.35 5.50 22.11
CA GLY A 160 -16.90 5.84 20.77
C GLY A 160 -15.59 5.14 20.42
N LYS A 161 -14.91 5.70 19.41
CA LYS A 161 -13.78 5.04 18.77
C LYS A 161 -12.48 5.18 19.56
N ALA A 162 -11.71 4.11 19.58
CA ALA A 162 -10.32 4.16 19.98
C ALA A 162 -9.39 4.10 18.78
N TYR A 163 -8.11 4.35 19.05
CA TYR A 163 -7.06 4.18 18.06
C TYR A 163 -5.94 3.42 18.75
N SER A 164 -5.57 2.27 18.18
CA SER A 164 -4.53 1.39 18.73
C SER A 164 -3.27 1.54 17.89
N THR A 165 -2.22 2.09 18.48
CA THR A 165 -0.98 2.29 17.77
C THR A 165 0.05 1.25 18.19
N ASP A 166 0.91 0.93 17.23
CA ASP A 166 2.12 0.13 17.48
C ASP A 166 3.26 0.93 18.13
N ILE A 167 3.21 2.27 18.10
CA ILE A 167 4.35 3.11 18.48
C ILE A 167 3.94 4.04 19.62
N PHE A 168 4.32 3.69 20.85
CA PHE A 168 4.09 4.58 21.98
C PHE A 168 4.78 5.92 21.80
N TYR A 169 6.03 5.90 21.36
CA TYR A 169 6.84 7.10 21.20
C TYR A 169 6.66 7.64 19.77
N SER A 170 5.48 8.21 19.52
CA SER A 170 5.14 8.68 18.19
C SER A 170 5.97 9.88 17.78
N LYS A 171 6.38 9.88 16.52
CA LYS A 171 7.03 10.98 15.86
C LYS A 171 6.21 11.48 14.68
N GLU A 172 4.94 11.08 14.59
CA GLU A 172 4.12 11.28 13.39
C GLU A 172 3.37 12.62 13.43
N GLN A 173 3.77 13.53 12.56
CA GLN A 173 3.15 14.85 12.50
C GLN A 173 1.75 14.77 11.92
N GLY A 174 0.80 15.44 12.59
CA GLY A 174 -0.56 15.54 12.10
C GLY A 174 -1.48 14.44 12.56
N LEU A 175 -0.94 13.39 13.20
CA LEU A 175 -1.78 12.27 13.62
C LEU A 175 -2.80 12.71 14.67
N ASN A 176 -2.33 13.40 15.70
CA ASN A 176 -3.24 13.76 16.78
C ASN A 176 -4.35 14.66 16.30
N GLU A 177 -4.04 15.57 15.38
CA GLU A 177 -5.04 16.50 14.86
C GLU A 177 -6.08 15.77 14.03
N ALA A 178 -5.67 14.76 13.27
CA ALA A 178 -6.63 13.97 12.49
C ALA A 178 -7.51 13.11 13.39
N LEU A 179 -6.92 12.47 14.41
CA LEU A 179 -7.71 11.74 15.38
C LEU A 179 -8.73 12.64 16.06
N ALA A 180 -8.33 13.86 16.40
CA ALA A 180 -9.25 14.79 17.06
C ALA A 180 -10.36 15.22 16.10
N GLN A 181 -10.03 15.48 14.84
CA GLN A 181 -11.03 15.95 13.88
C GLN A 181 -12.15 14.94 13.72
N TYR A 182 -11.84 13.66 13.82
CA TYR A 182 -12.82 12.59 13.67
C TYR A 182 -13.30 12.02 14.99
N HIS A 183 -12.98 12.69 16.10
CA HIS A 183 -13.57 12.38 17.40
C HIS A 183 -13.24 10.97 17.86
N PHE A 184 -11.98 10.57 17.69
CA PHE A 184 -11.48 9.42 18.42
C PHE A 184 -11.35 9.82 19.88
N ILE A 185 -11.87 8.97 20.76
CA ILE A 185 -11.93 9.29 22.20
C ILE A 185 -10.81 8.69 23.02
N ALA A 186 -10.16 7.62 22.55
CA ALA A 186 -9.16 6.92 23.32
C ALA A 186 -8.00 6.54 22.40
N VAL A 187 -6.78 6.73 22.89
CA VAL A 187 -5.57 6.28 22.22
C VAL A 187 -4.88 5.27 23.12
N GLU A 188 -4.66 4.07 22.60
CA GLU A 188 -4.06 2.97 23.38
C GLU A 188 -3.32 2.09 22.37
N MET A 189 -3.00 0.84 22.76
CA MET A 189 -2.12 0.04 21.92
C MET A 189 -2.60 -1.38 21.61
N GLU A 190 -3.80 -1.78 22.04
CA GLU A 190 -4.15 -3.18 21.90
C GLU A 190 -5.53 -3.54 21.33
N SER A 191 -6.54 -2.69 21.53
CA SER A 191 -7.90 -3.15 21.27
CA SER A 191 -7.91 -3.12 21.26
C SER A 191 -8.11 -3.54 19.82
N ALA A 192 -7.45 -2.87 18.86
CA ALA A 192 -7.65 -3.23 17.46
C ALA A 192 -7.14 -4.62 17.13
N GLY A 193 -6.26 -5.19 17.96
CA GLY A 193 -5.84 -6.55 17.75
C GLY A 193 -6.77 -7.58 18.34
N LEU A 194 -7.50 -7.21 19.39
CA LEU A 194 -8.37 -8.14 20.09
C LEU A 194 -9.67 -8.41 19.34
N PHE A 195 -10.32 -7.38 18.85
CA PHE A 195 -11.67 -7.55 18.31
C PHE A 195 -11.72 -8.51 17.14
N PRO A 196 -10.79 -8.51 16.18
CA PRO A 196 -10.91 -9.44 15.05
C PRO A 196 -10.65 -10.88 15.43
N ILE A 197 -9.86 -11.10 16.49
CA ILE A 197 -9.64 -12.45 17.00
C ILE A 197 -10.92 -13.01 17.61
N ALA A 198 -11.61 -12.20 18.40
CA ALA A 198 -12.91 -12.62 18.90
C ALA A 198 -13.83 -12.98 17.72
N ASP A 199 -13.83 -12.17 16.66
CA ASP A 199 -14.66 -12.48 15.50
C ASP A 199 -14.30 -13.84 14.91
N TYR A 200 -13.00 -14.10 14.74
CA TYR A 200 -12.57 -15.35 14.14
C TYR A 200 -13.17 -16.55 14.87
N TYR A 201 -13.21 -16.47 16.21
CA TYR A 201 -13.67 -17.57 17.06
C TYR A 201 -15.15 -17.49 17.38
N GLY A 202 -15.87 -16.57 16.75
CA GLY A 202 -17.30 -16.46 17.00
C GLY A 202 -17.60 -16.11 18.43
N ALA A 203 -16.73 -15.30 19.04
CA ALA A 203 -16.78 -14.96 20.45
C ALA A 203 -16.95 -13.44 20.59
N ARG A 204 -16.84 -12.95 21.82
CA ARG A 204 -17.14 -11.57 22.16
C ARG A 204 -15.96 -10.87 22.80
N ALA A 205 -15.81 -9.58 22.50
CA ALA A 205 -14.82 -8.75 23.12
C ALA A 205 -15.30 -7.31 23.22
N GLY A 206 -14.74 -6.59 24.17
CA GLY A 206 -14.93 -5.16 24.30
C GLY A 206 -13.75 -4.57 25.03
N CYS A 207 -13.81 -3.26 25.24
CA CYS A 207 -12.73 -2.53 25.90
C CYS A 207 -13.31 -1.34 26.62
N ILE A 208 -12.79 -1.09 27.82
CA ILE A 208 -13.10 0.09 28.59
C ILE A 208 -11.79 0.64 29.14
N CYS A 209 -11.59 1.95 29.07
CA CYS A 209 -10.34 2.58 29.49
CA CYS A 209 -10.35 2.53 29.58
C CYS A 209 -10.62 3.87 30.22
N THR A 210 -9.72 4.24 31.13
CA THR A 210 -9.79 5.54 31.77
C THR A 210 -8.76 6.49 31.19
N VAL A 211 -9.14 7.75 31.05
CA VAL A 211 -8.25 8.74 30.44
C VAL A 211 -7.26 9.25 31.48
N SER A 212 -5.98 8.97 31.25
CA SER A 212 -4.92 9.47 32.12
CA SER A 212 -4.93 9.47 32.12
C SER A 212 -4.33 10.78 31.64
N ASP A 213 -4.38 11.06 30.34
CA ASP A 213 -3.73 12.23 29.78
C ASP A 213 -4.50 12.76 28.59
N HIS A 214 -4.51 14.06 28.46
CA HIS A 214 -4.98 14.71 27.25
C HIS A 214 -3.75 14.99 26.38
N ILE A 215 -3.71 14.33 25.23
CA ILE A 215 -2.55 14.40 24.34
C ILE A 215 -2.40 15.79 23.72
N ILE A 216 -3.50 16.51 23.55
CA ILE A 216 -3.45 17.83 22.93
C ILE A 216 -3.15 18.93 23.95
N THR A 217 -3.92 18.99 25.03
CA THR A 217 -3.82 20.10 25.97
C THR A 217 -3.01 19.77 27.21
N HIS A 218 -2.55 18.53 27.33
CA HIS A 218 -1.50 18.09 28.25
C HIS A 218 -1.97 17.95 29.68
N GLU A 219 -3.27 18.07 29.96
CA GLU A 219 -3.72 17.73 31.30
C GLU A 219 -3.34 16.29 31.60
N SER A 220 -3.12 16.01 32.89
CA SER A 220 -2.72 14.69 33.35
C SER A 220 -3.38 14.43 34.71
N ALA A 221 -4.02 13.28 34.83
CA ALA A 221 -4.64 12.91 36.09
C ALA A 221 -3.59 12.70 37.17
N THR A 222 -3.87 13.23 38.35
CA THR A 222 -3.00 12.99 39.50
C THR A 222 -3.06 11.52 39.89
N PRO A 223 -2.11 11.07 40.69
CA PRO A 223 -2.15 9.69 41.20
C PRO A 223 -3.47 9.34 41.89
N GLU A 224 -4.00 10.26 42.68
CA GLU A 224 -5.27 10.02 43.38
C GLU A 224 -6.42 9.92 42.40
N GLU A 225 -6.44 10.80 41.39
CA GLU A 225 -7.48 10.72 40.37
C GLU A 225 -7.37 9.44 39.56
N ARG A 226 -6.15 9.00 39.28
CA ARG A 226 -6.00 7.72 38.58
C ARG A 226 -6.54 6.58 39.41
N GLN A 227 -6.33 6.58 40.73
CA GLN A 227 -6.88 5.51 41.56
CA GLN A 227 -6.89 5.50 41.55
C GLN A 227 -8.41 5.51 41.51
N THR A 228 -9.02 6.70 41.62
CA THR A 228 -10.47 6.79 41.56
C THR A 228 -11.02 6.35 40.22
N SER A 229 -10.38 6.80 39.13
CA SER A 229 -10.84 6.37 37.82
CA SER A 229 -10.80 6.37 37.79
C SER A 229 -10.72 4.86 37.65
N PHE A 230 -9.62 4.29 38.15
CA PHE A 230 -9.44 2.84 38.07
C PHE A 230 -10.56 2.11 38.81
N GLN A 231 -10.87 2.57 40.02
CA GLN A 231 -11.93 1.93 40.80
C GLN A 231 -13.26 2.02 40.06
N ASN A 232 -13.54 3.16 39.44
CA ASN A 232 -14.80 3.30 38.72
C ASN A 232 -14.85 2.36 37.51
N MET A 233 -13.78 2.35 36.72
CA MET A 233 -13.72 1.50 35.54
CA MET A 233 -13.77 1.52 35.54
C MET A 233 -13.87 0.04 35.89
N ILE A 234 -13.16 -0.41 36.92
CA ILE A 234 -13.15 -1.81 37.25
C ILE A 234 -14.50 -2.24 37.79
N LYS A 235 -15.18 -1.38 38.57
CA LYS A 235 -16.52 -1.72 39.02
C LYS A 235 -17.49 -1.83 37.85
N ILE A 236 -17.38 -0.92 36.88
CA ILE A 236 -18.22 -1.01 35.69
C ILE A 236 -18.01 -2.34 35.00
N ALA A 237 -16.75 -2.70 34.77
CA ALA A 237 -16.45 -3.94 34.05
C ALA A 237 -16.96 -5.15 34.83
N LEU A 238 -16.72 -5.19 36.14
CA LEU A 238 -17.13 -6.32 36.95
C LEU A 238 -18.65 -6.48 36.93
N GLU A 239 -19.38 -5.38 37.11
CA GLU A 239 -20.84 -5.47 37.07
C GLU A 239 -21.34 -5.87 35.68
N ALA A 240 -20.65 -5.43 34.62
CA ALA A 240 -21.05 -5.84 33.28
C ALA A 240 -20.91 -7.35 33.08
N THR A 241 -19.88 -7.98 33.69
CA THR A 241 -19.71 -9.42 33.52
C THR A 241 -20.94 -10.18 34.02
N LEU A 242 -21.65 -9.64 35.01
CA LEU A 242 -22.83 -10.33 35.54
C LEU A 242 -23.98 -10.38 34.54
N LYS A 243 -23.98 -9.48 33.58
CA LYS A 243 -24.98 -9.43 32.52
C LYS A 243 -24.51 -10.10 31.24
N LEU A 244 -23.34 -10.73 31.25
CA LEU A 244 -22.79 -11.35 30.06
C LEU A 244 -22.58 -12.85 30.23
N MET B 9 9.33 8.35 38.42
CA MET B 9 10.09 7.29 37.67
C MET B 9 10.73 7.87 36.42
N ALA B 10 11.85 7.30 35.99
CA ALA B 10 12.52 7.86 34.83
C ALA B 10 11.71 7.64 33.56
N THR B 11 10.95 6.53 33.48
CA THR B 11 10.01 6.36 32.38
C THR B 11 8.73 5.71 32.90
N PRO B 12 7.65 5.70 32.10
CA PRO B 12 6.43 5.03 32.57
C PRO B 12 6.58 3.54 32.71
N HIS B 13 7.61 2.94 32.12
CA HIS B 13 7.74 1.49 32.06
C HIS B 13 8.98 0.96 32.76
N ASN B 14 9.74 1.80 33.45
CA ASN B 14 11.03 1.37 33.98
C ASN B 14 11.34 2.22 35.20
N SER B 15 11.57 1.58 36.34
CA SER B 15 11.86 2.30 37.57
C SER B 15 13.34 2.60 37.76
N ALA B 16 14.19 2.13 36.86
CA ALA B 16 15.61 2.43 36.98
C ALA B 16 15.87 3.92 36.81
N LYS B 17 16.95 4.39 37.42
CA LYS B 17 17.43 5.74 37.20
C LYS B 17 18.55 5.73 36.17
N VAL B 18 18.73 6.87 35.51
CA VAL B 18 19.81 7.01 34.54
C VAL B 18 21.11 6.62 35.21
N GLY B 19 21.88 5.77 34.52
CA GLY B 19 23.10 5.23 35.05
C GLY B 19 22.97 3.80 35.53
N ASP B 20 21.75 3.34 35.82
CA ASP B 20 21.58 2.00 36.35
C ASP B 20 21.77 0.92 35.29
N PHE B 21 21.62 1.26 34.02
CA PHE B 21 21.91 0.33 32.94
C PHE B 21 23.33 0.56 32.43
N ALA B 22 24.04 -0.55 32.17
CA ALA B 22 25.33 -0.50 31.51
C ALA B 22 25.16 -0.03 30.07
N GLU B 23 26.28 0.30 29.43
CA GLU B 23 26.24 0.74 28.04
C GLU B 23 25.81 -0.39 27.11
N THR B 24 26.01 -1.65 27.49
CA THR B 24 25.60 -2.80 26.69
C THR B 24 24.52 -3.55 27.47
N VAL B 25 23.44 -3.91 26.78
CA VAL B 25 22.31 -4.61 27.37
C VAL B 25 21.96 -5.80 26.50
N LEU B 26 21.88 -6.98 27.10
CA LEU B 26 21.25 -8.13 26.46
C LEU B 26 19.76 -8.09 26.77
N MET B 27 18.94 -8.37 25.77
CA MET B 27 17.50 -8.40 26.01
C MET B 27 16.88 -9.64 25.39
N CYS B 28 15.90 -10.20 26.09
CA CYS B 28 15.14 -11.36 25.63
C CYS B 28 13.67 -11.10 25.94
N GLY B 29 12.77 -11.80 25.27
CA GLY B 29 11.35 -11.51 25.47
C GLY B 29 10.86 -11.85 26.86
N ASP B 30 11.30 -13.00 27.41
CA ASP B 30 10.79 -13.51 28.67
C ASP B 30 11.56 -12.92 29.84
N PRO B 31 10.93 -12.15 30.73
CA PRO B 31 11.69 -11.58 31.85
C PRO B 31 12.26 -12.63 32.76
N LEU B 32 11.64 -13.82 32.84
CA LEU B 32 12.19 -14.88 33.67
C LEU B 32 13.48 -15.44 33.06
N ARG B 33 13.61 -15.38 31.74
CA ARG B 33 14.87 -15.76 31.10
C ARG B 33 15.93 -14.69 31.31
N ALA B 34 15.53 -13.43 31.32
CA ALA B 34 16.47 -12.39 31.72
C ALA B 34 17.02 -12.66 33.11
N LYS B 35 16.14 -13.06 34.04
CA LYS B 35 16.59 -13.38 35.40
C LYS B 35 17.50 -14.59 35.40
N LEU B 36 17.17 -15.63 34.62
CA LEU B 36 18.07 -16.78 34.52
C LEU B 36 19.45 -16.35 34.03
N ILE B 37 19.50 -15.47 33.02
CA ILE B 37 20.79 -15.04 32.52
C ILE B 37 21.56 -14.30 33.61
N ALA B 38 20.90 -13.40 34.32
CA ALA B 38 21.57 -12.64 35.38
C ALA B 38 22.06 -13.59 36.47
N ASP B 39 21.19 -14.51 36.90
CA ASP B 39 21.53 -15.41 37.99
C ASP B 39 22.69 -16.31 37.64
N ASN B 40 22.75 -16.79 36.40
CA ASN B 40 23.73 -17.81 36.05
C ASN B 40 25.01 -17.27 35.41
N TYR B 41 24.99 -16.03 34.93
CA TYR B 41 26.14 -15.50 34.18
C TYR B 41 26.64 -14.15 34.66
N LEU B 42 25.85 -13.36 35.38
CA LEU B 42 26.36 -12.08 35.88
C LEU B 42 26.88 -12.21 37.30
N GLU B 43 27.99 -11.54 37.56
CA GLU B 43 28.44 -11.29 38.93
C GLU B 43 28.03 -9.88 39.34
N ASN B 44 28.08 -9.62 40.64
CA ASN B 44 27.74 -8.31 41.17
C ASN B 44 26.35 -7.84 40.75
N ALA B 45 25.41 -8.76 40.58
CA ALA B 45 24.16 -8.40 39.92
C ALA B 45 23.19 -7.73 40.88
N LYS B 46 22.47 -6.73 40.37
CA LYS B 46 21.39 -6.11 41.11
CA LYS B 46 21.39 -6.09 41.10
C LYS B 46 20.20 -5.96 40.18
N GLN B 47 19.02 -6.09 40.76
CA GLN B 47 17.80 -5.85 40.02
C GLN B 47 17.58 -4.34 39.91
N VAL B 48 17.37 -3.86 38.68
CA VAL B 48 17.17 -2.43 38.41
C VAL B 48 15.78 -2.09 37.88
N ASN B 49 14.99 -3.07 37.45
CA ASN B 49 13.61 -2.78 37.10
C ASN B 49 12.71 -3.96 37.43
N SER B 50 11.49 -3.66 37.87
CA SER B 50 10.46 -4.69 37.92
C SER B 50 9.08 -4.16 37.52
N VAL B 51 8.99 -2.97 36.94
CA VAL B 51 7.71 -2.46 36.47
C VAL B 51 7.13 -3.43 35.45
N ARG B 52 5.83 -3.71 35.58
CA ARG B 52 5.10 -4.64 34.71
C ARG B 52 5.69 -6.04 34.71
N GLY B 53 6.45 -6.38 35.74
CA GLY B 53 7.13 -7.65 35.79
C GLY B 53 8.29 -7.79 34.82
N MET B 54 8.69 -6.70 34.18
CA MET B 54 9.69 -6.78 33.12
C MET B 54 11.09 -6.64 33.73
N LEU B 55 11.54 -7.73 34.33
CA LEU B 55 12.74 -7.77 35.14
C LEU B 55 13.97 -7.33 34.35
N GLY B 56 14.76 -6.46 34.98
CA GLY B 56 16.03 -6.03 34.42
C GLY B 56 17.08 -6.00 35.49
N PHE B 57 18.32 -6.28 35.09
CA PHE B 57 19.43 -6.48 36.02
C PHE B 57 20.69 -5.87 35.46
N THR B 58 21.58 -5.44 36.35
CA THR B 58 22.90 -4.94 35.98
C THR B 58 23.95 -5.61 36.84
N GLY B 59 25.01 -6.08 36.19
CA GLY B 59 26.09 -6.77 36.87
C GLY B 59 27.32 -6.68 36.02
N THR B 60 28.18 -7.70 36.11
CA THR B 60 29.39 -7.77 35.30
C THR B 60 29.49 -9.17 34.70
N TYR B 61 30.04 -9.22 33.49
CA TYR B 61 30.47 -10.48 32.88
C TYR B 61 31.96 -10.36 32.63
N LYS B 62 32.71 -11.24 33.26
CA LYS B 62 34.16 -11.25 33.21
C LYS B 62 34.72 -9.85 33.49
N GLY B 63 34.14 -9.19 34.47
CA GLY B 63 34.59 -7.90 34.93
C GLY B 63 34.00 -6.69 34.23
N LYS B 64 33.26 -6.88 33.11
CA LYS B 64 32.80 -5.72 32.35
C LYS B 64 31.34 -5.48 32.65
N PRO B 65 30.92 -4.25 32.96
CA PRO B 65 29.50 -4.01 33.27
C PRO B 65 28.61 -4.41 32.10
N LEU B 66 27.52 -5.08 32.46
CA LEU B 66 26.57 -5.59 31.47
C LEU B 66 25.20 -5.62 32.13
N SER B 67 24.16 -5.27 31.38
CA SER B 67 22.79 -5.39 31.85
C SER B 67 22.06 -6.45 31.04
N VAL B 68 20.97 -6.97 31.61
N VAL B 68 20.97 -6.94 31.62
CA VAL B 68 20.10 -7.92 30.90
CA VAL B 68 20.08 -7.92 30.99
C VAL B 68 18.66 -7.68 31.36
C VAL B 68 18.67 -7.53 31.36
N MET B 69 17.76 -7.56 30.40
CA MET B 69 16.38 -7.17 30.71
C MET B 69 15.42 -7.80 29.71
N GLY B 70 14.22 -8.11 30.19
CA GLY B 70 13.18 -8.58 29.29
C GLY B 70 12.65 -7.46 28.41
N HIS B 71 12.13 -7.86 27.24
CA HIS B 71 11.50 -6.90 26.34
C HIS B 71 10.06 -7.21 25.99
N GLY B 72 9.50 -8.30 26.46
CA GLY B 72 8.13 -8.67 26.12
C GLY B 72 8.04 -9.17 24.69
N MET B 73 6.82 -9.39 24.26
CA MET B 73 6.58 -10.02 22.96
C MET B 73 6.07 -8.99 21.95
N GLY B 74 6.77 -8.91 20.82
CA GLY B 74 6.34 -8.15 19.68
C GLY B 74 7.05 -6.82 19.53
N ILE B 75 7.00 -6.32 18.28
CA ILE B 75 7.65 -5.05 17.95
C ILE B 75 7.17 -3.89 18.83
N PRO B 76 5.89 -3.71 19.10
CA PRO B 76 5.49 -2.55 19.94
C PRO B 76 6.09 -2.60 21.32
N SER B 77 6.20 -3.80 21.87
CA SER B 77 6.77 -3.96 23.21
C SER B 77 8.27 -3.65 23.25
N ILE B 78 9.06 -4.29 22.38
CA ILE B 78 10.50 -4.00 22.38
C ILE B 78 10.74 -2.54 22.04
N SER B 79 9.88 -1.95 21.22
CA SER B 79 10.07 -0.55 20.82
C SER B 79 10.01 0.38 22.02
N ILE B 80 9.05 0.16 22.91
CA ILE B 80 8.97 0.95 24.14
C ILE B 80 10.25 0.80 24.94
N TYR B 81 10.66 -0.44 25.22
CA TYR B 81 11.80 -0.65 26.11
C TYR B 81 13.10 -0.15 25.50
N ALA B 82 13.30 -0.40 24.21
CA ALA B 82 14.54 -0.02 23.57
C ALA B 82 14.62 1.47 23.34
N GLU B 83 13.53 2.12 22.92
CA GLU B 83 13.55 3.57 22.80
C GLU B 83 13.99 4.21 24.10
N GLU B 84 13.46 3.71 25.21
CA GLU B 84 13.81 4.27 26.51
C GLU B 84 15.27 3.98 26.86
N LEU B 85 15.74 2.77 26.60
CA LEU B 85 17.12 2.43 26.96
C LEU B 85 18.10 3.34 26.23
N TYR B 86 17.89 3.55 24.92
CA TYR B 86 18.78 4.42 24.17
C TYR B 86 18.61 5.89 24.56
N ASN B 87 17.37 6.35 24.71
CA ASN B 87 17.12 7.79 24.89
C ASN B 87 17.36 8.23 26.32
N VAL B 88 16.72 7.55 27.28
CA VAL B 88 16.79 7.95 28.68
C VAL B 88 18.01 7.38 29.39
N TYR B 89 18.26 6.09 29.19
CA TYR B 89 19.34 5.39 29.90
C TYR B 89 20.69 5.48 29.19
N LYS B 90 20.75 6.08 27.99
CA LYS B 90 22.02 6.34 27.28
C LYS B 90 22.77 5.06 26.94
N VAL B 91 22.05 3.96 26.74
CA VAL B 91 22.65 2.70 26.33
C VAL B 91 23.23 2.86 24.94
N LYS B 92 24.37 2.21 24.71
CA LYS B 92 25.04 2.25 23.40
C LYS B 92 24.79 1.02 22.53
N THR B 93 24.59 -0.15 23.13
CA THR B 93 24.47 -1.40 22.39
C THR B 93 23.41 -2.30 23.04
N ILE B 94 22.47 -2.79 22.23
CA ILE B 94 21.51 -3.80 22.67
C ILE B 94 21.71 -5.02 21.78
N ILE B 95 21.90 -6.17 22.40
CA ILE B 95 21.93 -7.45 21.70
C ILE B 95 20.70 -8.23 22.14
N ARG B 96 19.81 -8.50 21.19
CA ARG B 96 18.65 -9.32 21.45
C ARG B 96 19.08 -10.77 21.42
N VAL B 97 18.62 -11.53 22.39
CA VAL B 97 18.88 -12.97 22.46
C VAL B 97 17.52 -13.65 22.59
N GLY B 98 17.35 -14.78 21.91
CA GLY B 98 16.04 -15.40 21.96
C GLY B 98 16.00 -16.72 21.23
N THR B 99 14.79 -17.23 21.07
CA THR B 99 14.55 -18.42 20.28
C THR B 99 13.80 -18.02 19.02
N CYS B 100 13.84 -18.91 18.02
CA CYS B 100 13.22 -18.64 16.75
C CYS B 100 12.79 -19.94 16.11
N GLY B 101 11.92 -19.81 15.11
CA GLY B 101 11.71 -20.89 14.17
C GLY B 101 12.58 -20.68 12.95
N THR B 102 12.67 -21.71 12.14
CA THR B 102 13.31 -21.57 10.83
C THR B 102 12.46 -22.22 9.75
N VAL B 103 12.62 -21.69 8.53
CA VAL B 103 12.06 -22.30 7.33
C VAL B 103 13.16 -22.74 6.37
N ASP B 104 14.42 -22.43 6.64
CA ASP B 104 15.46 -22.61 5.66
C ASP B 104 15.78 -24.10 5.53
N PRO B 105 15.91 -24.64 4.31
CA PRO B 105 16.14 -26.08 4.19
C PRO B 105 17.47 -26.54 4.76
N ASN B 106 18.44 -25.64 4.97
CA ASN B 106 19.76 -26.02 5.47
C ASN B 106 20.00 -25.56 6.89
N VAL B 107 18.98 -25.07 7.57
CA VAL B 107 19.03 -24.72 8.99
C VAL B 107 18.24 -25.79 9.73
N HIS B 108 18.74 -26.17 10.90
CA HIS B 108 18.12 -27.25 11.66
C HIS B 108 17.86 -26.78 13.08
N VAL B 109 16.91 -27.45 13.72
CA VAL B 109 16.68 -27.21 15.13
CA VAL B 109 16.68 -27.18 15.13
C VAL B 109 17.99 -27.38 15.88
N ARG B 110 18.19 -26.58 16.92
CA ARG B 110 19.38 -26.56 17.75
C ARG B 110 20.38 -25.54 17.22
N ASP B 111 20.27 -25.15 15.94
CA ASP B 111 21.22 -24.21 15.38
C ASP B 111 21.14 -22.84 16.03
N VAL B 112 22.27 -22.12 15.99
CA VAL B 112 22.39 -20.73 16.46
C VAL B 112 22.45 -19.84 15.22
N CYS B 113 21.62 -18.80 15.21
CA CYS B 113 21.49 -17.88 14.09
C CYS B 113 21.90 -16.48 14.51
N ILE B 114 22.85 -15.89 13.79
CA ILE B 114 23.27 -14.51 13.99
C ILE B 114 22.63 -13.69 12.88
N VAL B 115 21.89 -12.65 13.27
CA VAL B 115 21.00 -11.91 12.37
C VAL B 115 21.74 -10.70 11.78
N THR B 116 21.80 -10.64 10.46
CA THR B 116 22.37 -9.48 9.78
C THR B 116 21.33 -8.40 9.49
N ALA B 117 20.08 -8.78 9.24
CA ALA B 117 18.98 -7.85 8.99
C ALA B 117 17.70 -8.65 9.17
N SER B 118 16.57 -7.93 9.33
CA SER B 118 15.30 -8.61 9.57
CA SER B 118 15.30 -8.60 9.58
C SER B 118 14.21 -7.96 8.76
N GLY B 119 13.46 -8.78 8.03
CA GLY B 119 12.23 -8.35 7.38
C GLY B 119 11.09 -8.31 8.37
N THR B 120 9.92 -7.86 7.88
CA THR B 120 8.76 -7.76 8.77
C THR B 120 7.48 -7.58 7.98
N ASP B 121 6.38 -7.90 8.64
CA ASP B 121 5.03 -7.57 8.19
C ASP B 121 4.46 -6.40 8.99
N SER B 122 5.27 -5.76 9.82
CA SER B 122 4.85 -4.57 10.55
C SER B 122 4.95 -3.35 9.64
N ASN B 123 4.22 -2.31 10.00
CA ASN B 123 4.28 -1.04 9.29
CA ASN B 123 4.26 -1.04 9.32
C ASN B 123 5.25 -0.06 9.93
N VAL B 124 5.93 -0.42 11.01
CA VAL B 124 6.69 0.58 11.76
C VAL B 124 7.83 1.20 10.96
N ASN B 125 8.47 0.44 10.07
CA ASN B 125 9.63 1.00 9.38
C ASN B 125 9.24 1.77 8.14
N ARG B 126 8.17 1.35 7.46
CA ARG B 126 7.62 2.19 6.40
C ARG B 126 7.28 3.57 6.95
N MET B 127 6.72 3.63 8.17
CA MET B 127 6.34 4.92 8.74
CA MET B 127 6.34 4.91 8.76
C MET B 127 7.55 5.79 9.06
N ARG B 128 8.72 5.20 9.21
CA ARG B 128 9.96 5.95 9.46
C ARG B 128 10.60 6.46 8.19
N LEU B 129 10.28 5.89 7.03
CA LEU B 129 11.01 6.21 5.82
C LEU B 129 10.07 6.53 4.67
N LEU B 130 9.07 7.37 4.95
CA LEU B 130 8.22 7.94 3.91
CA LEU B 130 8.21 7.94 3.91
C LEU B 130 7.53 6.85 3.08
N GLY B 131 7.25 5.73 3.71
CA GLY B 131 6.53 4.65 3.07
C GLY B 131 7.40 3.68 2.33
N HIS B 132 8.70 3.89 2.28
CA HIS B 132 9.62 3.09 1.49
C HIS B 132 10.12 1.87 2.25
N ASP B 133 11.01 1.11 1.62
CA ASP B 133 11.60 -0.08 2.24
C ASP B 133 12.83 0.39 3.02
N PHE B 134 12.77 0.19 4.32
CA PHE B 134 13.84 0.54 5.26
C PHE B 134 14.31 -0.78 5.86
N PRO B 135 15.49 -1.27 5.50
CA PRO B 135 15.93 -2.55 6.04
C PRO B 135 16.32 -2.38 7.50
N ALA B 136 15.74 -3.21 8.35
CA ALA B 136 16.14 -3.27 9.74
C ALA B 136 17.44 -4.04 9.77
N THR B 137 18.54 -3.34 10.02
CA THR B 137 19.88 -3.85 9.76
C THR B 137 20.70 -3.83 11.04
N ALA B 138 21.32 -4.97 11.37
CA ALA B 138 22.17 -5.05 12.54
C ALA B 138 23.45 -4.27 12.31
N ASN B 139 23.99 -3.73 13.40
CA ASN B 139 25.27 -3.05 13.36
C ASN B 139 26.40 -4.03 13.05
N PHE B 140 27.32 -3.62 12.15
CA PHE B 140 28.34 -4.54 11.70
C PHE B 140 29.31 -4.93 12.81
N GLU B 141 29.69 -3.97 13.66
CA GLU B 141 30.57 -4.33 14.78
C GLU B 141 29.92 -5.39 15.67
N VAL B 142 28.62 -5.28 15.89
CA VAL B 142 27.91 -6.26 16.73
C VAL B 142 27.86 -7.62 16.04
N VAL B 143 27.48 -7.65 14.75
CA VAL B 143 27.47 -8.91 14.02
C VAL B 143 28.85 -9.55 14.05
N SER B 144 29.87 -8.76 13.73
CA SER B 144 31.23 -9.29 13.69
CA SER B 144 31.24 -9.28 13.70
C SER B 144 31.65 -9.83 15.06
N ALA B 145 31.28 -9.13 16.14
CA ALA B 145 31.66 -9.60 17.47
C ALA B 145 30.99 -10.94 17.79
N LEU B 146 29.75 -11.13 17.38
CA LEU B 146 29.07 -12.40 17.59
C LEU B 146 29.70 -13.50 16.75
N VAL B 147 29.96 -13.22 15.47
CA VAL B 147 30.56 -14.20 14.58
C VAL B 147 31.93 -14.62 15.12
N GLU B 148 32.76 -13.64 15.50
CA GLU B 148 34.11 -13.98 15.94
CA GLU B 148 34.11 -13.93 15.97
C GLU B 148 34.08 -14.69 17.29
N SER B 149 33.13 -14.32 18.16
CA SER B 149 33.03 -15.01 19.43
C SER B 149 32.65 -16.47 19.23
N ALA B 150 31.72 -16.73 18.31
CA ALA B 150 31.34 -18.11 18.05
C ALA B 150 32.52 -18.91 17.50
N LYS B 151 33.28 -18.32 16.58
CA LYS B 151 34.43 -19.04 16.04
C LYS B 151 35.43 -19.36 17.13
N ALA B 152 35.66 -18.39 18.01
CA ALA B 152 36.62 -18.58 19.09
C ALA B 152 36.15 -19.67 20.06
N LEU B 153 34.84 -19.83 20.19
CA LEU B 153 34.23 -20.85 21.06
C LEU B 153 34.01 -22.18 20.34
N ASN B 154 34.39 -22.30 19.07
CA ASN B 154 34.21 -23.54 18.32
C ASN B 154 32.72 -23.91 18.18
N ILE B 155 31.85 -22.93 18.05
CA ILE B 155 30.41 -23.13 17.90
C ILE B 155 30.03 -22.74 16.47
N PRO B 156 29.57 -23.67 15.63
CA PRO B 156 29.09 -23.27 14.29
C PRO B 156 27.87 -22.38 14.40
N THR B 157 27.73 -21.48 13.43
CA THR B 157 26.60 -20.57 13.39
C THR B 157 26.08 -20.42 11.97
N GLN B 158 24.78 -20.12 11.87
CA GLN B 158 24.16 -19.62 10.65
C GLN B 158 24.14 -18.10 10.75
N VAL B 159 24.45 -17.43 9.66
CA VAL B 159 24.49 -15.96 9.61
C VAL B 159 23.60 -15.50 8.47
N GLY B 160 22.67 -14.61 8.74
CA GLY B 160 21.77 -14.19 7.68
C GLY B 160 20.51 -13.52 8.21
N LYS B 161 19.48 -13.50 7.36
CA LYS B 161 18.30 -12.70 7.60
C LYS B 161 17.34 -13.37 8.57
N ALA B 162 16.69 -12.54 9.40
CA ALA B 162 15.52 -12.94 10.16
C ALA B 162 14.28 -12.31 9.55
N TYR B 163 13.12 -12.78 9.98
CA TYR B 163 11.82 -12.18 9.64
C TYR B 163 11.06 -12.03 10.94
N SER B 164 10.66 -10.79 11.23
CA SER B 164 9.94 -10.45 12.46
C SER B 164 8.47 -10.26 12.14
N THR B 165 7.61 -11.13 12.67
CA THR B 165 6.19 -11.02 12.43
C THR B 165 5.44 -10.50 13.64
N ASP B 166 4.35 -9.76 13.35
CA ASP B 166 3.40 -9.35 14.37
C ASP B 166 2.45 -10.49 14.80
N ILE B 167 2.39 -11.59 14.06
CA ILE B 167 1.37 -12.62 14.29
C ILE B 167 2.05 -13.98 14.51
N PHE B 168 2.12 -14.39 15.78
CA PHE B 168 2.64 -15.71 16.09
C PHE B 168 1.79 -16.80 15.47
N TYR B 169 0.47 -16.67 15.56
CA TYR B 169 -0.44 -17.69 15.04
C TYR B 169 -0.81 -17.36 13.59
N SER B 170 0.17 -17.54 12.71
CA SER B 170 0.01 -17.20 11.31
C SER B 170 -1.00 -18.09 10.61
N LYS B 171 -1.79 -17.44 9.74
CA LYS B 171 -2.75 -18.10 8.86
C LYS B 171 -2.42 -17.81 7.40
N GLU B 172 -1.22 -17.32 7.13
CA GLU B 172 -0.86 -16.76 5.83
C GLU B 172 -0.29 -17.82 4.88
N GLN B 173 -1.07 -18.17 3.86
CA GLN B 173 -0.63 -19.15 2.87
C GLN B 173 0.52 -18.60 2.03
N GLY B 174 1.55 -19.43 1.83
CA GLY B 174 2.66 -19.08 0.96
C GLY B 174 3.80 -18.34 1.63
N LEU B 175 3.62 -17.85 2.85
CA LEU B 175 4.66 -17.07 3.50
C LEU B 175 5.90 -17.92 3.74
N ASN B 176 5.71 -19.08 4.35
CA ASN B 176 6.87 -19.89 4.72
C ASN B 176 7.68 -20.28 3.49
N GLU B 177 6.99 -20.58 2.38
CA GLU B 177 7.68 -21.00 1.16
C GLU B 177 8.50 -19.86 0.58
N ALA B 178 7.97 -18.63 0.62
CA ALA B 178 8.74 -17.48 0.15
C ALA B 178 9.94 -17.21 1.05
N LEU B 179 9.73 -17.26 2.38
CA LEU B 179 10.85 -17.07 3.29
C LEU B 179 11.93 -18.10 3.02
N ALA B 180 11.54 -19.34 2.74
CA ALA B 180 12.52 -20.39 2.50
C ALA B 180 13.27 -20.15 1.19
N GLN B 181 12.55 -19.68 0.16
CA GLN B 181 13.16 -19.49 -1.15
C GLN B 181 14.28 -18.46 -1.10
N TYR B 182 14.14 -17.45 -0.24
CA TYR B 182 15.12 -16.39 -0.08
C TYR B 182 16.03 -16.60 1.13
N HIS B 183 16.04 -17.80 1.70
CA HIS B 183 16.98 -18.20 2.74
C HIS B 183 16.94 -17.31 3.97
N PHE B 184 15.74 -16.94 4.40
CA PHE B 184 15.60 -16.40 5.73
C PHE B 184 15.88 -17.52 6.72
N ILE B 185 16.76 -17.26 7.68
CA ILE B 185 17.21 -18.30 8.61
C ILE B 185 16.43 -18.31 9.93
N ALA B 186 15.77 -17.22 10.30
CA ALA B 186 15.13 -17.16 11.60
C ALA B 186 13.81 -16.41 11.46
N VAL B 187 12.80 -16.93 12.15
CA VAL B 187 11.48 -16.31 12.23
C VAL B 187 11.23 -16.02 13.70
N GLU B 188 11.03 -14.75 14.01
CA GLU B 188 10.84 -14.31 15.40
C GLU B 188 9.90 -13.10 15.35
N MET B 189 9.87 -12.28 16.41
CA MET B 189 8.85 -11.24 16.49
C MET B 189 9.34 -9.84 16.80
N GLU B 190 10.65 -9.60 16.96
CA GLU B 190 11.08 -8.33 17.52
C GLU B 190 12.23 -7.61 16.83
N SER B 191 13.17 -8.33 16.22
CA SER B 191 14.40 -7.67 15.79
CA SER B 191 14.41 -7.70 15.75
C SER B 191 14.16 -6.56 14.77
N ALA B 192 13.16 -6.68 13.90
CA ALA B 192 12.93 -5.63 12.91
C ALA B 192 12.50 -4.32 13.56
N GLY B 193 12.02 -4.35 14.80
CA GLY B 193 11.64 -3.14 15.49
C GLY B 193 12.83 -2.51 16.20
N LEU B 194 13.81 -3.32 16.61
CA LEU B 194 14.94 -2.83 17.38
C LEU B 194 15.92 -2.08 16.51
N PHE B 195 16.31 -2.64 15.38
CA PHE B 195 17.44 -2.08 14.65
C PHE B 195 17.19 -0.62 14.22
N PRO B 196 16.00 -0.23 13.75
CA PRO B 196 15.83 1.17 13.34
C PRO B 196 15.87 2.14 14.50
N ILE B 197 15.48 1.70 15.69
CA ILE B 197 15.56 2.56 16.87
C ILE B 197 17.00 2.82 17.21
N ALA B 198 17.84 1.78 17.15
CA ALA B 198 19.27 1.99 17.33
C ALA B 198 19.80 3.01 16.34
N ASP B 199 19.40 2.89 15.07
CA ASP B 199 19.80 3.85 14.05
C ASP B 199 19.41 5.28 14.44
N TYR B 200 18.16 5.47 14.88
CA TYR B 200 17.69 6.81 15.23
C TYR B 200 18.59 7.46 16.27
N TYR B 201 19.05 6.69 17.25
CA TYR B 201 19.90 7.18 18.33
C TYR B 201 21.39 7.09 18.04
N GLY B 202 21.78 6.75 16.82
CA GLY B 202 23.20 6.65 16.50
C GLY B 202 23.90 5.58 17.30
N ALA B 203 23.18 4.51 17.62
CA ALA B 203 23.65 3.47 18.52
C ALA B 203 23.66 2.14 17.77
N ARG B 204 23.89 1.07 18.52
CA ARG B 204 24.17 -0.24 17.93
C ARG B 204 23.21 -1.30 18.43
N ALA B 205 22.87 -2.22 17.54
CA ALA B 205 22.05 -3.35 17.92
C ALA B 205 22.40 -4.58 17.08
N GLY B 206 22.07 -5.74 17.64
CA GLY B 206 22.16 -6.99 16.91
C GLY B 206 21.23 -8.00 17.53
N CYS B 207 21.24 -9.21 16.96
CA CYS B 207 20.41 -10.29 17.45
C CYS B 207 21.05 -11.64 17.20
N ILE B 208 20.88 -12.55 18.15
CA ILE B 208 21.28 -13.95 18.02
C ILE B 208 20.17 -14.80 18.59
N CYS B 209 19.81 -15.90 17.91
CA CYS B 209 18.69 -16.73 18.33
CA CYS B 209 18.73 -16.73 18.40
C CYS B 209 19.03 -18.20 18.16
N THR B 210 18.35 -19.03 18.93
CA THR B 210 18.42 -20.48 18.82
C THR B 210 17.18 -21.01 18.12
N VAL B 211 17.36 -21.98 17.22
CA VAL B 211 16.25 -22.57 16.47
C VAL B 211 15.56 -23.61 17.34
N SER B 212 14.34 -23.32 17.76
CA SER B 212 13.52 -24.27 18.51
CA SER B 212 13.54 -24.28 18.50
C SER B 212 12.69 -25.19 17.62
N ASP B 213 12.30 -24.72 16.43
CA ASP B 213 11.39 -25.47 15.59
C ASP B 213 11.71 -25.22 14.13
N HIS B 214 11.56 -26.25 13.32
CA HIS B 214 11.57 -26.10 11.87
C HIS B 214 10.11 -26.03 11.41
N ILE B 215 9.72 -24.85 10.93
CA ILE B 215 8.33 -24.60 10.57
C ILE B 215 7.87 -25.42 9.38
N ILE B 216 8.79 -25.82 8.50
CA ILE B 216 8.44 -26.60 7.30
C ILE B 216 8.41 -28.09 7.61
N THR B 217 9.49 -28.63 8.19
CA THR B 217 9.58 -30.06 8.44
C THR B 217 8.89 -30.48 9.72
N HIS B 218 8.56 -29.51 10.58
CA HIS B 218 7.91 -29.69 11.87
C HIS B 218 8.79 -30.34 12.91
N GLU B 219 10.09 -30.55 12.63
CA GLU B 219 11.01 -30.97 13.68
C GLU B 219 11.00 -29.95 14.82
N SER B 220 11.20 -30.45 16.05
CA SER B 220 11.23 -29.61 17.23
C SER B 220 12.38 -30.01 18.12
N ALA B 221 13.04 -29.03 18.74
CA ALA B 221 14.15 -29.31 19.63
C ALA B 221 13.66 -29.98 20.89
N THR B 222 14.38 -31.01 21.35
CA THR B 222 14.07 -31.60 22.62
C THR B 222 14.47 -30.65 23.74
N PRO B 223 13.99 -30.88 24.95
CA PRO B 223 14.48 -30.05 26.08
C PRO B 223 15.99 -30.06 26.20
N GLU B 224 16.61 -31.22 25.99
CA GLU B 224 18.07 -31.30 26.08
C GLU B 224 18.71 -30.43 25.00
N GLU B 225 18.15 -30.48 23.80
CA GLU B 225 18.71 -29.68 22.72
C GLU B 225 18.53 -28.19 23.00
N ARG B 226 17.38 -27.80 23.59
CA ARG B 226 17.15 -26.38 23.88
C ARG B 226 18.13 -25.88 24.95
N GLN B 227 18.49 -26.74 25.90
CA GLN B 227 19.49 -26.33 26.88
C GLN B 227 20.85 -26.13 26.20
N THR B 228 21.25 -27.09 25.38
CA THR B 228 22.53 -26.98 24.68
C THR B 228 22.57 -25.72 23.84
N SER B 229 21.52 -25.47 23.08
CA SER B 229 21.53 -24.32 22.19
C SER B 229 21.53 -23.02 22.98
N PHE B 230 20.77 -22.95 24.07
CA PHE B 230 20.80 -21.78 24.94
C PHE B 230 22.21 -21.52 25.47
N GLN B 231 22.88 -22.58 25.93
CA GLN B 231 24.22 -22.41 26.48
C GLN B 231 25.18 -21.88 25.44
N ASN B 232 25.08 -22.38 24.21
CA ASN B 232 25.91 -21.89 23.12
C ASN B 232 25.62 -20.43 22.84
N MET B 233 24.35 -20.11 22.64
CA MET B 233 23.96 -18.75 22.25
CA MET B 233 23.99 -18.76 22.24
C MET B 233 24.39 -17.75 23.30
N ILE B 234 24.11 -18.05 24.57
CA ILE B 234 24.36 -17.04 25.59
C ILE B 234 25.85 -16.85 25.79
N LYS B 235 26.65 -17.91 25.66
CA LYS B 235 28.09 -17.74 25.76
C LYS B 235 28.61 -16.87 24.61
N ILE B 236 28.12 -17.09 23.40
CA ILE B 236 28.52 -16.25 22.27
C ILE B 236 28.20 -14.79 22.57
N ALA B 237 26.97 -14.53 23.03
CA ALA B 237 26.56 -13.15 23.26
C ALA B 237 27.40 -12.50 24.36
N LEU B 238 27.59 -13.22 25.45
CA LEU B 238 28.39 -12.67 26.56
C LEU B 238 29.82 -12.39 26.14
N GLU B 239 30.46 -13.33 25.47
CA GLU B 239 31.82 -13.10 25.01
C GLU B 239 31.88 -11.95 24.02
N ALA B 240 30.83 -11.79 23.19
CA ALA B 240 30.84 -10.68 22.25
C ALA B 240 30.83 -9.33 22.97
N THR B 241 30.14 -9.25 24.12
CA THR B 241 30.07 -7.97 24.81
C THR B 241 31.45 -7.49 25.22
N LEU B 242 32.39 -8.42 25.42
CA LEU B 242 33.74 -8.01 25.85
C LEU B 242 34.49 -7.34 24.72
N LYS B 243 34.08 -7.59 23.49
CA LYS B 243 34.69 -7.01 22.31
C LYS B 243 34.02 -5.72 21.88
N LEU B 244 32.99 -5.28 22.59
CA LEU B 244 32.20 -4.13 22.17
C LEU B 244 32.33 -2.98 23.16
N MET C 9 -28.67 28.23 -5.74
CA MET C 9 -28.80 26.89 -5.07
C MET C 9 -27.82 26.76 -3.92
N ALA C 10 -28.29 26.17 -2.81
CA ALA C 10 -27.47 26.11 -1.61
C ALA C 10 -26.26 25.21 -1.81
N THR C 11 -26.38 24.19 -2.66
CA THR C 11 -25.27 23.32 -3.02
C THR C 11 -25.39 22.98 -4.50
N PRO C 12 -24.34 22.44 -5.12
CA PRO C 12 -24.44 22.06 -6.53
C PRO C 12 -25.38 20.88 -6.79
N HIS C 13 -25.80 20.16 -5.75
CA HIS C 13 -26.54 18.90 -5.94
C HIS C 13 -27.90 18.93 -5.23
N ASN C 14 -28.30 20.07 -4.70
CA ASN C 14 -29.48 20.12 -3.85
C ASN C 14 -30.05 21.52 -3.91
N SER C 15 -31.33 21.63 -4.30
CA SER C 15 -31.99 22.91 -4.40
C SER C 15 -32.68 23.33 -3.11
N ALA C 16 -32.65 22.49 -2.07
CA ALA C 16 -33.29 22.86 -0.82
C ALA C 16 -32.60 24.07 -0.20
N LYS C 17 -33.39 24.87 0.52
CA LYS C 17 -32.87 25.98 1.29
C LYS C 17 -32.40 25.47 2.65
N VAL C 18 -31.44 26.17 3.25
CA VAL C 18 -31.06 25.86 4.63
C VAL C 18 -32.30 25.95 5.50
N GLY C 19 -32.55 24.91 6.28
CA GLY C 19 -33.73 24.80 7.10
C GLY C 19 -34.80 23.88 6.54
N ASP C 20 -34.69 23.52 5.25
CA ASP C 20 -35.70 22.69 4.62
C ASP C 20 -35.61 21.22 5.04
N PHE C 21 -34.49 20.78 5.62
CA PHE C 21 -34.36 19.43 6.15
C PHE C 21 -34.51 19.44 7.66
N ALA C 22 -35.18 18.42 8.18
CA ALA C 22 -35.23 18.19 9.60
C ALA C 22 -33.84 17.79 10.12
N GLU C 23 -33.70 17.80 11.45
CA GLU C 23 -32.42 17.44 12.02
C GLU C 23 -32.13 15.95 11.86
N THR C 24 -33.16 15.14 11.64
CA THR C 24 -33.00 13.72 11.42
C THR C 24 -33.47 13.39 10.01
N VAL C 25 -32.67 12.59 9.31
CA VAL C 25 -32.94 12.25 7.92
C VAL C 25 -32.72 10.76 7.75
N LEU C 26 -33.70 10.08 7.18
CA LEU C 26 -33.49 8.73 6.66
C LEU C 26 -33.02 8.82 5.22
N MET C 27 -32.05 8.01 4.85
CA MET C 27 -31.61 8.00 3.46
C MET C 27 -31.54 6.58 2.91
N CYS C 28 -31.86 6.45 1.63
CA CYS C 28 -31.78 5.18 0.93
C CYS C 28 -31.22 5.46 -0.45
N GLY C 29 -30.69 4.44 -1.10
CA GLY C 29 -30.04 4.66 -2.37
C GLY C 29 -30.99 5.11 -3.47
N ASP C 30 -32.18 4.53 -3.52
CA ASP C 30 -33.13 4.74 -4.61
C ASP C 30 -34.01 5.95 -4.28
N PRO C 31 -33.92 7.05 -5.01
CA PRO C 31 -34.82 8.18 -4.72
C PRO C 31 -36.29 7.84 -4.84
N LEU C 32 -36.67 6.86 -5.67
CA LEU C 32 -38.08 6.49 -5.74
C LEU C 32 -38.52 5.75 -4.48
N ARG C 33 -37.58 5.10 -3.79
CA ARG C 33 -37.91 4.55 -2.49
C ARG C 33 -37.99 5.64 -1.43
N ALA C 34 -37.17 6.69 -1.54
CA ALA C 34 -37.35 7.83 -0.65
C ALA C 34 -38.74 8.40 -0.78
N LYS C 35 -39.23 8.52 -2.02
CA LYS C 35 -40.58 9.01 -2.26
C LYS C 35 -41.64 8.09 -1.67
N LEU C 36 -41.46 6.78 -1.85
CA LEU C 36 -42.39 5.82 -1.27
C LEU C 36 -42.42 5.95 0.25
N ILE C 37 -41.27 6.18 0.88
CA ILE C 37 -41.27 6.36 2.33
C ILE C 37 -42.02 7.63 2.70
N ALA C 38 -41.76 8.73 1.98
CA ALA C 38 -42.44 9.99 2.27
C ALA C 38 -43.95 9.84 2.09
N ASP C 39 -44.36 9.21 0.99
CA ASP C 39 -45.76 9.11 0.65
C ASP C 39 -46.51 8.23 1.63
N ASN C 40 -45.91 7.13 2.08
CA ASN C 40 -46.61 6.14 2.87
C ASN C 40 -46.45 6.31 4.37
N TYR C 41 -45.41 7.01 4.84
CA TYR C 41 -45.11 7.06 6.27
C TYR C 41 -45.01 8.47 6.86
N LEU C 42 -44.72 9.50 6.06
CA LEU C 42 -44.62 10.85 6.55
C LEU C 42 -45.95 11.59 6.46
N GLU C 43 -46.18 12.46 7.44
CA GLU C 43 -47.34 13.35 7.44
C GLU C 43 -46.90 14.72 6.93
N ASN C 44 -47.78 15.34 6.15
CA ASN C 44 -47.59 16.71 5.68
C ASN C 44 -46.25 16.86 4.97
N ALA C 45 -45.92 15.90 4.12
CA ALA C 45 -44.60 15.87 3.53
C ALA C 45 -44.56 16.76 2.30
N LYS C 46 -43.44 17.46 2.13
CA LYS C 46 -43.20 18.31 0.98
C LYS C 46 -41.89 17.89 0.33
N GLN C 47 -41.84 17.99 -0.99
CA GLN C 47 -40.61 17.72 -1.71
C GLN C 47 -39.70 18.94 -1.60
N VAL C 48 -38.47 18.72 -1.17
CA VAL C 48 -37.50 19.79 -0.98
C VAL C 48 -36.31 19.71 -1.93
N ASN C 49 -36.11 18.59 -2.62
CA ASN C 49 -35.06 18.53 -3.63
C ASN C 49 -35.49 17.62 -4.78
N SER C 50 -35.11 18.01 -6.01
CA SER C 50 -35.24 17.12 -7.15
C SER C 50 -34.04 17.20 -8.09
N VAL C 51 -32.95 17.85 -7.68
CA VAL C 51 -31.77 17.97 -8.53
C VAL C 51 -31.25 16.57 -8.79
N ARG C 52 -30.92 16.30 -10.07
CA ARG C 52 -30.43 14.98 -10.50
C ARG C 52 -31.41 13.85 -10.22
N GLY C 53 -32.69 14.20 -10.04
CA GLY C 53 -33.69 13.22 -9.66
C GLY C 53 -33.51 12.67 -8.27
N MET C 54 -32.66 13.27 -7.45
CA MET C 54 -32.35 12.69 -6.14
C MET C 54 -33.34 13.23 -5.12
N LEU C 55 -34.55 12.67 -5.19
CA LEU C 55 -35.70 13.23 -4.46
C LEU C 55 -35.47 13.26 -2.96
N GLY C 56 -35.84 14.37 -2.35
CA GLY C 56 -35.82 14.50 -0.90
C GLY C 56 -37.07 15.20 -0.43
N PHE C 57 -37.48 14.86 0.80
CA PHE C 57 -38.77 15.25 1.34
C PHE C 57 -38.63 15.55 2.81
N THR C 58 -39.49 16.45 3.31
CA THR C 58 -39.51 16.75 4.73
C THR C 58 -40.96 16.80 5.19
N GLY C 59 -41.21 16.15 6.32
CA GLY C 59 -42.52 16.18 6.93
C GLY C 59 -42.41 15.86 8.40
N THR C 60 -43.36 15.08 8.92
CA THR C 60 -43.29 14.59 10.28
C THR C 60 -43.60 13.10 10.32
N TYR C 61 -43.11 12.44 11.37
CA TYR C 61 -43.52 11.07 11.66
C TYR C 61 -43.98 11.08 13.11
N LYS C 62 -45.23 10.68 13.31
CA LYS C 62 -45.94 10.83 14.59
C LYS C 62 -45.77 12.26 15.14
N GLY C 63 -45.79 13.24 14.23
CA GLY C 63 -45.69 14.64 14.61
C GLY C 63 -44.29 15.19 14.81
N LYS C 64 -43.24 14.35 14.76
CA LYS C 64 -41.86 14.77 14.96
C LYS C 64 -41.21 15.06 13.61
N PRO C 65 -40.52 16.19 13.43
CA PRO C 65 -39.93 16.48 12.12
C PRO C 65 -39.02 15.36 11.64
N LEU C 66 -39.15 15.03 10.37
CA LEU C 66 -38.32 13.99 9.78
C LEU C 66 -38.21 14.22 8.29
N SER C 67 -37.02 14.00 7.74
CA SER C 67 -36.80 14.09 6.30
C SER C 67 -36.37 12.73 5.77
N VAL C 68 -36.56 12.53 4.47
CA VAL C 68 -36.11 11.32 3.79
C VAL C 68 -35.59 11.72 2.41
N MET C 69 -34.43 11.17 2.02
CA MET C 69 -33.82 11.55 0.76
C MET C 69 -33.01 10.40 0.20
N GLY C 70 -33.01 10.30 -1.13
CA GLY C 70 -32.11 9.36 -1.79
C GLY C 70 -30.66 9.78 -1.67
N HIS C 71 -29.76 8.77 -1.72
CA HIS C 71 -28.33 9.02 -1.73
C HIS C 71 -27.60 8.47 -2.94
N GLY C 72 -28.27 7.77 -3.86
CA GLY C 72 -27.57 7.16 -4.99
C GLY C 72 -26.73 5.95 -4.59
N MET C 73 -25.97 5.44 -5.56
CA MET C 73 -25.27 4.18 -5.37
C MET C 73 -23.80 4.46 -5.21
N GLY C 74 -23.23 3.98 -4.11
CA GLY C 74 -21.80 3.97 -3.86
C GLY C 74 -21.33 5.07 -2.92
N ILE C 75 -20.13 4.84 -2.41
CA ILE C 75 -19.52 5.77 -1.47
C ILE C 75 -19.37 7.18 -2.02
N PRO C 76 -18.92 7.40 -3.25
CA PRO C 76 -18.76 8.79 -3.72
C PRO C 76 -20.08 9.54 -3.75
N SER C 77 -21.16 8.84 -4.11
CA SER C 77 -22.47 9.47 -4.19
C SER C 77 -22.99 9.83 -2.79
N ILE C 78 -22.99 8.87 -1.87
CA ILE C 78 -23.50 9.22 -0.54
C ILE C 78 -22.62 10.28 0.11
N SER C 79 -21.33 10.28 -0.20
CA SER C 79 -20.42 11.25 0.42
C SER C 79 -20.81 12.67 0.04
N ILE C 80 -21.13 12.91 -1.22
CA ILE C 80 -21.62 14.22 -1.64
C ILE C 80 -22.86 14.61 -0.85
N TYR C 81 -23.86 13.74 -0.82
CA TYR C 81 -25.14 14.16 -0.26
C TYR C 81 -25.05 14.33 1.24
N ALA C 82 -24.36 13.43 1.92
CA ALA C 82 -24.25 13.49 3.38
C ALA C 82 -23.36 14.63 3.83
N GLU C 83 -22.24 14.88 3.14
CA GLU C 83 -21.41 16.02 3.49
C GLU C 83 -22.26 17.29 3.47
N GLU C 84 -23.06 17.47 2.40
CA GLU C 84 -23.90 18.66 2.28
C GLU C 84 -24.95 18.72 3.39
N LEU C 85 -25.59 17.60 3.68
CA LEU C 85 -26.63 17.60 4.70
C LEU C 85 -26.06 17.99 6.06
N TYR C 86 -24.93 17.43 6.44
CA TYR C 86 -24.36 17.81 7.74
C TYR C 86 -23.83 19.24 7.72
N ASN C 87 -23.18 19.67 6.64
CA ASN C 87 -22.47 20.95 6.65
C ASN C 87 -23.40 22.11 6.35
N VAL C 88 -24.07 22.07 5.21
CA VAL C 88 -24.94 23.17 4.78
C VAL C 88 -26.28 23.12 5.50
N TYR C 89 -26.90 21.94 5.58
CA TYR C 89 -28.26 21.84 6.09
C TYR C 89 -28.33 21.55 7.59
N LYS C 90 -27.18 21.38 8.23
CA LYS C 90 -27.10 21.32 9.70
C LYS C 90 -27.86 20.12 10.27
N VAL C 91 -27.97 19.07 9.46
CA VAL C 91 -28.54 17.81 9.92
C VAL C 91 -27.69 17.24 11.06
N LYS C 92 -28.38 16.65 12.06
CA LYS C 92 -27.71 16.08 13.22
C LYS C 92 -27.60 14.56 13.16
N THR C 93 -28.56 13.87 12.55
CA THR C 93 -28.57 12.41 12.52
C THR C 93 -29.02 11.92 11.16
N ILE C 94 -28.27 10.99 10.57
CA ILE C 94 -28.67 10.29 9.35
C ILE C 94 -28.71 8.80 9.63
N ILE C 95 -29.84 8.17 9.32
CA ILE C 95 -29.95 6.73 9.35
C ILE C 95 -30.10 6.24 7.92
N ARG C 96 -29.13 5.44 7.47
CA ARG C 96 -29.21 4.83 6.16
C ARG C 96 -30.08 3.57 6.24
N VAL C 97 -30.99 3.40 5.29
CA VAL C 97 -31.89 2.24 5.25
C VAL C 97 -31.74 1.60 3.86
N GLY C 98 -31.66 0.28 3.82
CA GLY C 98 -31.46 -0.36 2.54
C GLY C 98 -31.55 -1.87 2.60
N THR C 99 -31.08 -2.51 1.52
CA THR C 99 -30.95 -3.95 1.44
C THR C 99 -29.49 -4.33 1.40
N CYS C 100 -29.23 -5.60 1.69
CA CYS C 100 -27.84 -6.06 1.70
C CYS C 100 -27.80 -7.52 1.31
N GLY C 101 -26.60 -7.99 0.91
CA GLY C 101 -26.34 -9.41 0.91
C GLY C 101 -25.73 -9.84 2.23
N THR C 102 -25.71 -11.16 2.47
CA THR C 102 -24.94 -11.68 3.60
C THR C 102 -24.11 -12.88 3.16
N VAL C 103 -22.99 -13.06 3.85
CA VAL C 103 -22.17 -14.26 3.73
C VAL C 103 -22.13 -15.05 5.02
N ASP C 104 -22.70 -14.56 6.10
CA ASP C 104 -22.50 -15.18 7.41
C ASP C 104 -23.31 -16.47 7.45
N PRO C 105 -22.74 -17.58 7.92
CA PRO C 105 -23.47 -18.85 7.90
C PRO C 105 -24.72 -18.87 8.76
N ASN C 106 -24.85 -17.97 9.74
CA ASN C 106 -26.02 -17.93 10.61
C ASN C 106 -26.90 -16.70 10.40
N VAL C 107 -26.71 -16.00 9.29
CA VAL C 107 -27.61 -14.95 8.85
C VAL C 107 -28.36 -15.45 7.63
N HIS C 108 -29.64 -15.14 7.55
CA HIS C 108 -30.51 -15.67 6.51
C HIS C 108 -31.26 -14.56 5.80
N VAL C 109 -31.73 -14.87 4.59
CA VAL C 109 -32.56 -13.92 3.86
C VAL C 109 -33.75 -13.54 4.71
N ARG C 110 -34.13 -12.27 4.65
CA ARG C 110 -35.19 -11.62 5.44
C ARG C 110 -34.68 -11.11 6.78
N ASP C 111 -33.48 -11.49 7.22
CA ASP C 111 -32.97 -10.97 8.47
C ASP C 111 -32.79 -9.45 8.36
N VAL C 112 -32.93 -8.77 9.51
CA VAL C 112 -32.70 -7.34 9.64
C VAL C 112 -31.34 -7.18 10.31
N CYS C 113 -30.45 -6.40 9.69
CA CYS C 113 -29.08 -6.20 10.15
C CYS C 113 -28.92 -4.76 10.59
N ILE C 114 -28.53 -4.56 11.84
CA ILE C 114 -28.20 -3.26 12.37
C ILE C 114 -26.68 -3.15 12.43
N VAL C 115 -26.14 -2.15 11.74
CA VAL C 115 -24.69 -2.04 11.49
C VAL C 115 -24.00 -1.29 12.63
N THR C 116 -23.01 -1.92 13.23
CA THR C 116 -22.17 -1.25 14.23
C THR C 116 -20.92 -0.60 13.63
N ALA C 117 -20.37 -1.16 12.55
CA ALA C 117 -19.21 -0.59 11.86
C ALA C 117 -19.19 -1.24 10.50
N SER C 118 -18.50 -0.62 9.54
CA SER C 118 -18.44 -1.18 8.20
CA SER C 118 -18.44 -1.15 8.19
C SER C 118 -17.03 -1.11 7.65
N GLY C 119 -16.58 -2.23 7.11
CA GLY C 119 -15.33 -2.26 6.38
C GLY C 119 -15.54 -1.81 4.95
N THR C 120 -14.46 -1.80 4.17
CA THR C 120 -14.55 -1.29 2.81
C THR C 120 -13.31 -1.63 2.00
N ASP C 121 -13.48 -1.63 0.68
CA ASP C 121 -12.39 -1.68 -0.27
C ASP C 121 -12.10 -0.32 -0.90
N SER C 122 -12.76 0.73 -0.40
CA SER C 122 -12.53 2.10 -0.82
C SER C 122 -11.31 2.67 -0.11
N ASN C 123 -10.70 3.68 -0.76
CA ASN C 123 -9.59 4.41 -0.16
C ASN C 123 -10.01 5.64 0.65
N VAL C 124 -11.31 5.96 0.73
CA VAL C 124 -11.68 7.27 1.24
C VAL C 124 -11.33 7.46 2.71
N ASN C 125 -11.33 6.38 3.49
CA ASN C 125 -11.07 6.53 4.92
C ASN C 125 -9.59 6.52 5.24
N ARG C 126 -8.82 5.74 4.50
CA ARG C 126 -7.36 5.86 4.63
C ARG C 126 -6.93 7.28 4.33
N MET C 127 -7.55 7.91 3.34
CA MET C 127 -7.15 9.27 3.00
CA MET C 127 -7.19 9.28 2.98
CA MET C 127 -7.19 9.28 2.97
C MET C 127 -7.51 10.29 4.07
N ARG C 128 -8.44 9.97 4.97
CA ARG C 128 -8.79 10.86 6.08
C ARG C 128 -7.86 10.70 7.27
N LEU C 129 -7.19 9.56 7.38
CA LEU C 129 -6.45 9.24 8.60
C LEU C 129 -5.01 8.86 8.30
N LEU C 130 -4.35 9.66 7.46
CA LEU C 130 -2.91 9.51 7.21
CA LEU C 130 -2.92 9.51 7.20
C LEU C 130 -2.54 8.10 6.72
N GLY C 131 -3.45 7.46 5.99
CA GLY C 131 -3.19 6.15 5.43
C GLY C 131 -3.50 4.98 6.32
N HIS C 132 -3.97 5.24 7.55
CA HIS C 132 -4.13 4.20 8.57
C HIS C 132 -5.53 3.61 8.48
N ASP C 133 -5.82 2.65 9.37
CA ASP C 133 -7.13 2.01 9.45
C ASP C 133 -8.03 2.89 10.30
N PHE C 134 -9.07 3.43 9.67
CA PHE C 134 -10.07 4.29 10.31
C PHE C 134 -11.38 3.52 10.24
N PRO C 135 -11.87 2.97 11.35
CA PRO C 135 -13.11 2.19 11.29
C PRO C 135 -14.28 3.12 11.08
N ALA C 136 -15.07 2.83 10.05
CA ALA C 136 -16.33 3.54 9.83
C ALA C 136 -17.30 2.98 10.86
N THR C 137 -17.64 3.79 11.86
CA THR C 137 -18.27 3.31 13.08
C THR C 137 -19.58 4.06 13.28
N ALA C 138 -20.65 3.30 13.50
CA ALA C 138 -21.94 3.91 13.77
C ALA C 138 -21.97 4.53 15.16
N ASN C 139 -22.78 5.55 15.31
CA ASN C 139 -23.00 6.20 16.59
C ASN C 139 -23.76 5.26 17.50
N PHE C 140 -23.29 5.14 18.73
CA PHE C 140 -23.89 4.17 19.65
C PHE C 140 -25.34 4.51 19.97
N GLU C 141 -25.67 5.79 20.16
CA GLU C 141 -27.06 6.12 20.45
C GLU C 141 -27.97 5.68 19.29
N VAL C 142 -27.52 5.85 18.06
CA VAL C 142 -28.32 5.43 16.91
C VAL C 142 -28.46 3.91 16.87
N VAL C 143 -27.35 3.19 17.05
CA VAL C 143 -27.42 1.74 17.06
C VAL C 143 -28.40 1.27 18.13
N SER C 144 -28.25 1.82 19.33
CA SER C 144 -29.10 1.41 20.43
C SER C 144 -30.57 1.72 20.16
N ALA C 145 -30.85 2.89 19.57
CA ALA C 145 -32.24 3.23 19.29
C ALA C 145 -32.84 2.26 18.27
N LEU C 146 -32.05 1.84 17.28
CA LEU C 146 -32.52 0.85 16.32
C LEU C 146 -32.76 -0.50 17.00
N VAL C 147 -31.82 -0.94 17.82
CA VAL C 147 -31.97 -2.22 18.54
C VAL C 147 -33.20 -2.20 19.44
N GLU C 148 -33.40 -1.12 20.20
CA GLU C 148 -34.52 -1.05 21.13
C GLU C 148 -35.85 -0.93 20.39
N SER C 149 -35.84 -0.25 19.25
CA SER C 149 -37.07 -0.15 18.47
C SER C 149 -37.46 -1.52 17.96
N ALA C 150 -36.51 -2.29 17.44
CA ALA C 150 -36.80 -3.63 16.97
C ALA C 150 -37.32 -4.52 18.11
N LYS C 151 -36.73 -4.40 19.30
CA LYS C 151 -37.24 -5.16 20.45
C LYS C 151 -38.70 -4.82 20.74
N ALA C 152 -39.04 -3.53 20.74
CA ALA C 152 -40.42 -3.13 21.01
C ALA C 152 -41.38 -3.65 19.96
N LEU C 153 -40.93 -3.78 18.72
CA LEU C 153 -41.74 -4.30 17.64
C LEU C 153 -41.68 -5.81 17.54
N ASN C 154 -40.88 -6.46 18.38
CA ASN C 154 -40.76 -7.91 18.38
C ASN C 154 -40.20 -8.44 17.05
N ILE C 155 -39.27 -7.72 16.47
CA ILE C 155 -38.58 -8.11 15.24
C ILE C 155 -37.16 -8.53 15.61
N PRO C 156 -36.77 -9.78 15.39
CA PRO C 156 -35.40 -10.18 15.67
C PRO C 156 -34.43 -9.40 14.79
N THR C 157 -33.25 -9.14 15.33
CA THR C 157 -32.20 -8.45 14.58
C THR C 157 -30.85 -9.14 14.70
N GLN C 158 -30.02 -8.93 13.70
CA GLN C 158 -28.59 -9.22 13.74
C GLN C 158 -27.85 -7.91 13.89
N VAL C 159 -26.88 -7.84 14.78
CA VAL C 159 -26.18 -6.60 15.09
C VAL C 159 -24.70 -6.86 14.87
N GLY C 160 -24.06 -6.11 13.98
CA GLY C 160 -22.66 -6.33 13.75
C GLY C 160 -22.16 -5.61 12.52
N LYS C 161 -21.08 -6.15 11.96
CA LYS C 161 -20.32 -5.44 10.93
C LYS C 161 -20.91 -5.59 9.55
N ALA C 162 -20.86 -4.50 8.81
CA ALA C 162 -21.09 -4.52 7.37
C ALA C 162 -19.77 -4.39 6.63
N TYR C 163 -19.85 -4.61 5.32
CA TYR C 163 -18.75 -4.36 4.40
C TYR C 163 -19.32 -3.60 3.22
N SER C 164 -18.73 -2.44 2.93
CA SER C 164 -19.15 -1.53 1.87
C SER C 164 -18.17 -1.64 0.72
N THR C 165 -18.62 -2.18 -0.40
CA THR C 165 -17.76 -2.34 -1.55
C THR C 165 -18.07 -1.30 -2.63
N ASP C 166 -17.03 -0.91 -3.34
CA ASP C 166 -17.19 -0.10 -4.55
C ASP C 166 -17.68 -0.89 -5.77
N ILE C 167 -17.67 -2.22 -5.75
CA ILE C 167 -17.89 -3.05 -6.92
C ILE C 167 -19.05 -4.01 -6.65
N PHE C 168 -20.20 -3.68 -7.17
CA PHE C 168 -21.35 -4.57 -7.08
C PHE C 168 -21.07 -5.90 -7.77
N TYR C 169 -20.51 -5.86 -8.97
CA TYR C 169 -20.22 -7.06 -9.77
C TYR C 169 -18.81 -7.57 -9.46
N SER C 170 -18.68 -8.16 -8.27
CA SER C 170 -17.38 -8.57 -7.76
C SER C 170 -16.84 -9.77 -8.53
N LYS C 171 -15.54 -9.72 -8.76
CA LYS C 171 -14.81 -10.81 -9.39
C LYS C 171 -13.70 -11.31 -8.45
N GLU C 172 -13.79 -10.98 -7.17
CA GLU C 172 -12.66 -11.11 -6.24
C GLU C 172 -12.69 -12.46 -5.51
N GLN C 173 -11.75 -13.34 -5.85
CA GLN C 173 -11.70 -14.65 -5.23
C GLN C 173 -11.28 -14.55 -3.77
N GLY C 174 -11.96 -15.31 -2.93
CA GLY C 174 -11.60 -15.38 -1.52
C GLY C 174 -12.24 -14.33 -0.63
N LEU C 175 -12.84 -13.29 -1.20
CA LEU C 175 -13.43 -12.24 -0.38
C LEU C 175 -14.59 -12.76 0.47
N ASN C 176 -15.52 -13.45 -0.16
CA ASN C 176 -16.70 -13.88 0.58
C ASN C 176 -16.32 -14.78 1.73
N GLU C 177 -15.35 -15.66 1.51
CA GLU C 177 -14.95 -16.60 2.55
C GLU C 177 -14.30 -15.90 3.73
N ALA C 178 -13.54 -14.83 3.47
CA ALA C 178 -12.93 -14.06 4.56
C ALA C 178 -13.99 -13.26 5.32
N LEU C 179 -14.91 -12.65 4.60
CA LEU C 179 -16.00 -11.93 5.26
C LEU C 179 -16.78 -12.88 6.16
N ALA C 180 -17.02 -14.09 5.70
CA ALA C 180 -17.76 -15.07 6.47
C ALA C 180 -16.98 -15.51 7.70
N GLN C 181 -15.68 -15.72 7.53
CA GLN C 181 -14.86 -16.18 8.65
CA GLN C 181 -14.86 -16.18 8.65
C GLN C 181 -14.87 -15.20 9.81
N TYR C 182 -14.95 -13.91 9.50
CA TYR C 182 -14.94 -12.86 10.52
C TYR C 182 -16.34 -12.35 10.84
N HIS C 183 -17.38 -13.03 10.36
CA HIS C 183 -18.75 -12.75 10.76
C HIS C 183 -19.20 -11.34 10.41
N PHE C 184 -18.86 -10.89 9.20
CA PHE C 184 -19.52 -9.74 8.61
C PHE C 184 -20.93 -10.16 8.26
N ILE C 185 -21.92 -9.37 8.69
CA ILE C 185 -23.31 -9.77 8.51
C ILE C 185 -24.00 -9.15 7.30
N ALA C 186 -23.44 -8.08 6.73
CA ALA C 186 -24.10 -7.35 5.66
C ALA C 186 -23.06 -6.89 4.68
N VAL C 187 -23.38 -7.03 3.39
CA VAL C 187 -22.55 -6.53 2.30
C VAL C 187 -23.41 -5.53 1.55
N GLU C 188 -22.94 -4.30 1.48
CA GLU C 188 -23.67 -3.23 0.79
C GLU C 188 -22.62 -2.30 0.18
N MET C 189 -22.99 -1.06 -0.14
CA MET C 189 -22.07 -0.20 -0.89
C MET C 189 -21.83 1.20 -0.34
N GLU C 190 -22.43 1.58 0.79
CA GLU C 190 -22.40 2.98 1.19
C GLU C 190 -22.04 3.32 2.63
N SER C 191 -22.35 2.43 3.60
CA SER C 191 -22.27 2.85 4.98
CA SER C 191 -22.26 2.82 5.00
C SER C 191 -20.86 3.28 5.39
N ALA C 192 -19.82 2.64 4.84
CA ALA C 192 -18.45 3.01 5.24
C ALA C 192 -18.10 4.43 4.81
N GLY C 193 -18.81 4.99 3.84
CA GLY C 193 -18.58 6.38 3.47
C GLY C 193 -19.33 7.35 4.35
N LEU C 194 -20.44 6.92 4.91
CA LEU C 194 -21.28 7.82 5.69
C LEU C 194 -20.70 8.09 7.08
N PHE C 195 -20.29 7.04 7.78
CA PHE C 195 -19.94 7.20 9.19
C PHE C 195 -18.79 8.17 9.42
N PRO C 196 -17.70 8.19 8.65
CA PRO C 196 -16.63 9.15 8.91
C PRO C 196 -17.02 10.59 8.65
N ILE C 197 -17.97 10.82 7.74
CA ILE C 197 -18.43 12.18 7.50
C ILE C 197 -19.22 12.68 8.70
N ALA C 198 -20.11 11.84 9.24
CA ALA C 198 -20.77 12.16 10.49
C ALA C 198 -19.76 12.54 11.56
N ASP C 199 -18.69 11.76 11.69
CA ASP C 199 -17.66 12.06 12.68
C ASP C 199 -17.07 13.44 12.45
N TYR C 200 -16.72 13.76 11.19
CA TYR C 200 -16.09 15.03 10.89
C TYR C 200 -16.89 16.21 11.40
N TYR C 201 -18.22 16.12 11.30
CA TYR C 201 -19.14 17.18 11.68
C TYR C 201 -19.64 17.03 13.11
N GLY C 202 -19.09 16.07 13.85
CA GLY C 202 -19.53 15.87 15.23
C GLY C 202 -20.99 15.47 15.31
N ALA C 203 -21.47 14.75 14.29
CA ALA C 203 -22.86 14.37 14.18
C ALA C 203 -22.99 12.85 14.27
N ARG C 204 -24.20 12.36 14.01
CA ARG C 204 -24.53 10.97 14.25
C ARG C 204 -25.00 10.29 12.97
N ALA C 205 -24.66 9.01 12.86
CA ALA C 205 -25.12 8.20 11.75
C ALA C 205 -25.25 6.74 12.16
N GLY C 206 -26.12 6.04 11.45
CA GLY C 206 -26.22 4.60 11.56
C GLY C 206 -26.78 4.02 10.29
N CYS C 207 -26.97 2.69 10.30
CA CYS C 207 -27.45 1.96 9.15
C CYS C 207 -28.20 0.70 9.56
N ILE C 208 -29.34 0.46 8.90
CA ILE C 208 -30.09 -0.77 9.04
C ILE C 208 -30.43 -1.28 7.65
N CYS C 209 -30.26 -2.58 7.41
CA CYS C 209 -30.50 -3.17 6.10
CA CYS C 209 -30.61 -3.13 6.10
C CYS C 209 -31.19 -4.52 6.28
N THR C 210 -31.93 -4.95 5.25
CA THR C 210 -32.52 -6.27 5.25
C THR C 210 -31.81 -7.15 4.23
N VAL C 211 -31.68 -8.43 4.56
CA VAL C 211 -30.92 -9.35 3.72
C VAL C 211 -31.81 -9.81 2.57
N SER C 212 -31.41 -9.47 1.34
CA SER C 212 -32.11 -9.92 0.15
CA SER C 212 -32.13 -9.94 0.17
C SER C 212 -31.51 -11.19 -0.46
N ASP C 213 -30.25 -11.48 -0.18
CA ASP C 213 -29.58 -12.60 -0.83
C ASP C 213 -28.53 -13.18 0.09
N HIS C 214 -28.40 -14.50 0.09
CA HIS C 214 -27.23 -15.13 0.70
C HIS C 214 -26.20 -15.36 -0.38
N ILE C 215 -25.08 -14.63 -0.30
CA ILE C 215 -24.08 -14.64 -1.36
C ILE C 215 -23.42 -16.00 -1.50
N ILE C 216 -23.32 -16.77 -0.43
CA ILE C 216 -22.63 -18.05 -0.48
C ILE C 216 -23.56 -19.19 -0.87
N THR C 217 -24.71 -19.30 -0.19
CA THR C 217 -25.58 -20.44 -0.45
C THR C 217 -26.66 -20.13 -1.50
N HIS C 218 -26.81 -18.88 -1.89
CA HIS C 218 -27.56 -18.40 -3.06
C HIS C 218 -29.07 -18.25 -2.85
N GLU C 219 -29.58 -18.44 -1.64
CA GLU C 219 -30.97 -18.09 -1.38
C GLU C 219 -31.21 -16.64 -1.76
N SER C 220 -32.41 -16.36 -2.25
CA SER C 220 -32.80 -15.02 -2.66
C SER C 220 -34.24 -14.81 -2.23
N ALA C 221 -34.50 -13.62 -1.67
CA ALA C 221 -35.85 -13.28 -1.22
C ALA C 221 -36.76 -13.05 -2.42
N THR C 222 -38.00 -13.51 -2.31
CA THR C 222 -39.01 -13.26 -3.32
C THR C 222 -39.41 -11.78 -3.28
N PRO C 223 -40.05 -11.27 -4.34
CA PRO C 223 -40.60 -9.91 -4.25
C PRO C 223 -41.46 -9.67 -3.03
N GLU C 224 -42.27 -10.65 -2.63
CA GLU C 224 -43.15 -10.48 -1.49
C GLU C 224 -42.37 -10.47 -0.18
N GLU C 225 -41.36 -11.35 -0.07
CA GLU C 225 -40.50 -11.31 1.11
C GLU C 225 -39.72 -10.00 1.18
N ARG C 226 -39.35 -9.45 0.01
CA ARG C 226 -38.66 -8.18 -0.01
C ARG C 226 -39.57 -7.07 0.51
N GLN C 227 -40.85 -7.09 0.15
CA GLN C 227 -41.77 -6.07 0.64
C GLN C 227 -41.95 -6.19 2.14
N THR C 228 -42.17 -7.42 2.65
CA THR C 228 -42.30 -7.62 4.09
C THR C 228 -41.04 -7.17 4.83
N SER C 229 -39.86 -7.53 4.31
CA SER C 229 -38.62 -7.13 4.99
C SER C 229 -38.51 -5.62 5.04
N PHE C 230 -38.81 -4.95 3.92
CA PHE C 230 -38.77 -3.50 3.88
C PHE C 230 -39.72 -2.90 4.91
N GLN C 231 -40.96 -3.40 4.97
CA GLN C 231 -41.92 -2.88 5.94
C GLN C 231 -41.38 -3.00 7.37
N ASN C 232 -40.80 -4.14 7.72
CA ASN C 232 -40.22 -4.31 9.06
C ASN C 232 -39.09 -3.30 9.29
N MET C 233 -38.17 -3.20 8.34
CA MET C 233 -36.99 -2.35 8.51
CA MET C 233 -37.00 -2.37 8.54
C MET C 233 -37.38 -0.89 8.63
N ILE C 234 -38.31 -0.44 7.79
CA ILE C 234 -38.63 0.97 7.79
C ILE C 234 -39.36 1.34 9.08
N LYS C 235 -40.20 0.43 9.59
CA LYS C 235 -40.85 0.70 10.87
C LYS C 235 -39.83 0.78 12.00
N ILE C 236 -38.83 -0.09 12.00
CA ILE C 236 -37.77 0.02 13.00
C ILE C 236 -37.09 1.38 12.92
N ALA C 237 -36.72 1.80 11.71
CA ALA C 237 -36.00 3.06 11.57
C ALA C 237 -36.87 4.24 12.00
N LEU C 238 -38.13 4.28 11.55
CA LEU C 238 -39.02 5.38 11.88
C LEU C 238 -39.23 5.48 13.38
N GLU C 239 -39.51 4.35 14.03
CA GLU C 239 -39.68 4.36 15.48
C GLU C 239 -38.40 4.78 16.19
N ALA C 240 -37.25 4.39 15.65
CA ALA C 240 -35.99 4.83 16.25
C ALA C 240 -35.84 6.34 16.20
N THR C 241 -36.34 7.01 15.14
CA THR C 241 -36.19 8.46 15.10
C THR C 241 -36.91 9.14 16.27
N LEU C 242 -37.99 8.53 16.78
CA LEU C 242 -38.72 9.11 17.91
C LEU C 242 -37.92 9.07 19.20
N LYS C 243 -36.92 8.19 19.29
CA LYS C 243 -36.04 8.11 20.45
C LYS C 243 -34.79 8.96 20.31
N LEU C 244 -34.54 9.54 19.14
CA LEU C 244 -33.30 10.24 18.87
C LEU C 244 -33.52 11.74 18.81
N MET D 9 -37.10 -8.31 -14.33
CA MET D 9 -36.28 -7.25 -14.98
C MET D 9 -34.97 -7.81 -15.48
N ALA D 10 -34.40 -7.16 -16.51
CA ALA D 10 -33.20 -7.68 -17.13
C ALA D 10 -32.01 -7.56 -16.18
N THR D 11 -31.99 -6.53 -15.36
CA THR D 11 -30.97 -6.40 -14.33
C THR D 11 -31.63 -5.78 -13.10
N PRO D 12 -30.96 -5.77 -11.95
CA PRO D 12 -31.57 -5.13 -10.76
C PRO D 12 -31.74 -3.63 -10.88
N HIS D 13 -31.09 -2.98 -11.84
CA HIS D 13 -31.01 -1.53 -11.90
C HIS D 13 -31.54 -0.95 -13.21
N ASN D 14 -32.15 -1.76 -14.06
CA ASN D 14 -32.55 -1.30 -15.38
C ASN D 14 -33.76 -2.10 -15.82
N SER D 15 -34.84 -1.40 -16.17
CA SER D 15 -36.06 -2.06 -16.63
C SER D 15 -36.10 -2.24 -18.14
N ALA D 16 -35.09 -1.81 -18.87
CA ALA D 16 -35.14 -1.99 -20.31
C ALA D 16 -35.04 -3.47 -20.64
N LYS D 17 -35.72 -3.88 -21.71
CA LYS D 17 -35.52 -5.22 -22.23
C LYS D 17 -34.25 -5.25 -23.09
N VAL D 18 -33.65 -6.42 -23.19
CA VAL D 18 -32.48 -6.58 -24.04
C VAL D 18 -32.85 -6.21 -25.47
N GLY D 19 -32.01 -5.40 -26.11
CA GLY D 19 -32.28 -4.83 -27.41
C GLY D 19 -32.78 -3.41 -27.36
N ASP D 20 -33.27 -2.94 -26.21
CA ASP D 20 -33.83 -1.60 -26.11
C ASP D 20 -32.74 -0.52 -26.10
N PHE D 21 -31.49 -0.90 -25.78
CA PHE D 21 -30.35 0.00 -25.89
C PHE D 21 -29.65 -0.22 -27.21
N ALA D 22 -29.34 0.88 -27.91
CA ALA D 22 -28.55 0.83 -29.13
C ALA D 22 -27.12 0.39 -28.83
N GLU D 23 -26.41 0.02 -29.90
CA GLU D 23 -25.02 -0.43 -29.70
C GLU D 23 -24.11 0.69 -29.21
N THR D 24 -24.46 1.94 -29.43
CA THR D 24 -23.75 3.07 -28.88
C THR D 24 -24.66 3.81 -27.90
N VAL D 25 -24.08 4.16 -26.75
CA VAL D 25 -24.79 4.85 -25.68
C VAL D 25 -23.95 6.03 -25.22
N LEU D 26 -24.54 7.21 -25.18
CA LEU D 26 -23.96 8.35 -24.47
C LEU D 26 -24.45 8.31 -23.03
N MET D 27 -23.56 8.58 -22.08
CA MET D 27 -23.96 8.61 -20.69
C MET D 27 -23.41 9.84 -19.99
N CYS D 28 -24.21 10.40 -19.08
CA CYS D 28 -23.82 11.55 -18.29
C CYS D 28 -24.32 11.28 -16.87
N GLY D 29 -23.77 11.99 -15.89
CA GLY D 29 -24.13 11.67 -14.51
C GLY D 29 -25.57 11.99 -14.16
N ASP D 30 -26.07 13.14 -14.64
CA ASP D 30 -27.37 13.65 -14.24
C ASP D 30 -28.44 13.09 -15.18
N PRO D 31 -29.37 12.26 -14.70
CA PRO D 31 -30.43 11.74 -15.59
C PRO D 31 -31.27 12.82 -16.22
N LEU D 32 -31.40 14.00 -15.58
CA LEU D 32 -32.15 15.08 -16.21
C LEU D 32 -31.40 15.66 -17.41
N ARG D 33 -30.06 15.59 -17.39
CA ARG D 33 -29.27 15.97 -18.55
C ARG D 33 -29.37 14.91 -19.64
N ALA D 34 -29.45 13.63 -19.26
CA ALA D 34 -29.73 12.61 -20.28
C ALA D 34 -31.06 12.90 -20.97
N LYS D 35 -32.09 13.27 -20.20
CA LYS D 35 -33.37 13.59 -20.80
C LYS D 35 -33.26 14.80 -21.72
N LEU D 36 -32.51 15.82 -21.31
CA LEU D 36 -32.33 17.00 -22.15
C LEU D 36 -31.69 16.63 -23.48
N ILE D 37 -30.68 15.75 -23.43
CA ILE D 37 -30.02 15.31 -24.65
C ILE D 37 -31.01 14.58 -25.54
N ALA D 38 -31.80 13.68 -24.94
CA ALA D 38 -32.80 12.95 -25.73
C ALA D 38 -33.81 13.91 -26.34
N ASP D 39 -34.35 14.82 -25.53
CA ASP D 39 -35.42 15.71 -26.00
C ASP D 39 -34.95 16.61 -27.13
N ASN D 40 -33.73 17.11 -27.04
CA ASN D 40 -33.25 18.13 -27.95
C ASN D 40 -32.46 17.58 -29.13
N TYR D 41 -31.93 16.36 -29.04
CA TYR D 41 -31.05 15.86 -30.09
C TYR D 41 -31.46 14.52 -30.70
N LEU D 42 -32.27 13.71 -30.03
CA LEU D 42 -32.71 12.44 -30.60
C LEU D 42 -34.08 12.59 -31.23
N GLU D 43 -34.28 11.91 -32.35
CA GLU D 43 -35.60 11.77 -32.94
C GLU D 43 -36.14 10.38 -32.60
N ASN D 44 -37.45 10.21 -32.70
CA ASN D 44 -38.09 8.91 -32.48
C ASN D 44 -37.78 8.39 -31.08
N ALA D 45 -37.54 9.28 -30.13
CA ALA D 45 -37.01 8.87 -28.84
C ALA D 45 -38.09 8.27 -27.96
N LYS D 46 -37.70 7.23 -27.23
CA LYS D 46 -38.55 6.66 -26.20
C LYS D 46 -37.71 6.38 -24.98
N GLN D 47 -38.36 6.50 -23.83
CA GLN D 47 -37.75 6.18 -22.56
C GLN D 47 -37.71 4.67 -22.41
N VAL D 48 -36.54 4.14 -22.05
CA VAL D 48 -36.38 2.70 -21.87
C VAL D 48 -35.98 2.31 -20.45
N ASN D 49 -35.57 3.24 -19.60
CA ASN D 49 -35.33 2.93 -18.20
C ASN D 49 -35.83 4.06 -17.30
N SER D 50 -36.42 3.66 -16.17
CA SER D 50 -36.87 4.60 -15.15
C SER D 50 -36.42 4.18 -13.75
N VAL D 51 -35.77 3.01 -13.62
CA VAL D 51 -35.43 2.49 -12.31
C VAL D 51 -34.48 3.45 -11.62
N ARG D 52 -34.73 3.69 -10.32
CA ARG D 52 -33.92 4.61 -9.51
C ARG D 52 -33.90 6.02 -10.08
N GLY D 53 -34.88 6.37 -10.92
CA GLY D 53 -34.88 7.65 -11.59
C GLY D 53 -33.76 7.83 -12.59
N MET D 54 -33.07 6.75 -12.95
CA MET D 54 -31.88 6.88 -13.79
C MET D 54 -32.29 6.77 -15.27
N LEU D 55 -32.88 7.86 -15.73
CA LEU D 55 -33.56 7.92 -17.02
C LEU D 55 -32.64 7.51 -18.16
N GLY D 56 -33.16 6.64 -19.01
CA GLY D 56 -32.46 6.24 -20.22
C GLY D 56 -33.44 6.25 -21.37
N PHE D 57 -32.90 6.54 -22.56
CA PHE D 57 -33.69 6.76 -23.76
C PHE D 57 -32.98 6.18 -24.97
N THR D 58 -33.77 5.86 -25.99
CA THR D 58 -33.25 5.38 -27.25
C THR D 58 -34.00 6.06 -28.37
N GLY D 59 -33.27 6.56 -29.35
CA GLY D 59 -33.84 7.23 -30.51
C GLY D 59 -32.88 7.09 -31.63
N THR D 60 -32.88 8.07 -32.52
CA THR D 60 -31.92 8.15 -33.62
C THR D 60 -31.30 9.54 -33.68
N TYR D 61 -30.03 9.59 -34.07
CA TYR D 61 -29.36 10.83 -34.46
C TYR D 61 -28.97 10.68 -35.93
N LYS D 62 -29.49 11.58 -36.77
CA LYS D 62 -29.27 11.51 -38.22
C LYS D 62 -29.51 10.11 -38.77
N GLY D 63 -30.57 9.48 -38.27
CA GLY D 63 -31.04 8.23 -38.81
C GLY D 63 -30.50 7.00 -38.11
N LYS D 64 -29.43 7.14 -37.33
CA LYS D 64 -28.75 5.99 -36.73
C LYS D 64 -29.18 5.81 -35.29
N PRO D 65 -29.55 4.60 -34.87
CA PRO D 65 -29.99 4.40 -33.48
C PRO D 65 -28.91 4.78 -32.48
N LEU D 66 -29.35 5.44 -31.42
CA LEU D 66 -28.45 5.89 -30.37
C LEU D 66 -29.21 5.95 -29.06
N SER D 67 -28.58 5.58 -27.97
CA SER D 67 -29.18 5.69 -26.64
C SER D 67 -28.46 6.75 -25.82
N VAL D 68 -29.15 7.29 -24.82
CA VAL D 68 -28.55 8.17 -23.82
C VAL D 68 -29.13 7.82 -22.47
N MET D 69 -28.27 7.77 -21.45
CA MET D 69 -28.75 7.40 -20.13
C MET D 69 -27.87 8.02 -19.06
N GLY D 70 -28.48 8.31 -17.93
CA GLY D 70 -27.71 8.76 -16.78
C GLY D 70 -26.89 7.63 -16.18
N HIS D 71 -25.76 8.00 -15.54
CA HIS D 71 -24.93 7.02 -14.84
C HIS D 71 -24.78 7.30 -13.35
N GLY D 72 -25.31 8.42 -12.84
CA GLY D 72 -25.15 8.76 -11.42
C GLY D 72 -23.75 9.27 -11.12
N MET D 73 -23.46 9.50 -9.85
CA MET D 73 -22.19 10.12 -9.46
C MET D 73 -21.26 9.09 -8.86
N GLY D 74 -20.06 9.00 -9.43
CA GLY D 74 -18.97 8.22 -8.87
C GLY D 74 -18.72 6.92 -9.59
N ILE D 75 -17.49 6.42 -9.38
CA ILE D 75 -17.06 5.17 -9.99
C ILE D 75 -17.99 3.99 -9.65
N PRO D 76 -18.42 3.79 -8.41
CA PRO D 76 -19.28 2.62 -8.16
C PRO D 76 -20.58 2.66 -8.94
N SER D 77 -21.16 3.85 -9.10
CA SER D 77 -22.42 4.00 -9.81
C SER D 77 -22.26 3.71 -11.29
N ILE D 78 -21.32 4.37 -11.96
CA ILE D 78 -21.13 4.11 -13.38
C ILE D 78 -20.75 2.66 -13.60
N SER D 79 -20.01 2.05 -12.66
CA SER D 79 -19.59 0.68 -12.85
C SER D 79 -20.78 -0.25 -12.96
N ILE D 80 -21.77 -0.08 -12.07
CA ILE D 80 -22.99 -0.88 -12.15
C ILE D 80 -23.64 -0.73 -13.52
N TYR D 81 -23.85 0.51 -13.97
CA TYR D 81 -24.64 0.72 -15.17
C TYR D 81 -23.89 0.26 -16.41
N ALA D 82 -22.59 0.54 -16.47
CA ALA D 82 -21.79 0.18 -17.63
C ALA D 82 -21.58 -1.33 -17.72
N GLU D 83 -21.30 -1.97 -16.59
CA GLU D 83 -21.14 -3.42 -16.62
C GLU D 83 -22.38 -4.08 -17.19
N GLU D 84 -23.55 -3.60 -16.77
CA GLU D 84 -24.81 -4.13 -17.28
C GLU D 84 -25.00 -3.83 -18.77
N LEU D 85 -24.71 -2.61 -19.20
CA LEU D 85 -24.88 -2.25 -20.60
C LEU D 85 -24.03 -3.13 -21.53
N TYR D 86 -22.78 -3.40 -21.16
CA TYR D 86 -21.95 -4.26 -22.01
C TYR D 86 -22.37 -5.72 -21.91
N ASN D 87 -22.61 -6.20 -20.69
CA ASN D 87 -22.79 -7.64 -20.49
C ASN D 87 -24.19 -8.10 -20.87
N VAL D 88 -25.21 -7.41 -20.37
CA VAL D 88 -26.61 -7.80 -20.61
C VAL D 88 -27.17 -7.19 -21.88
N TYR D 89 -26.94 -5.90 -22.10
CA TYR D 89 -27.56 -5.19 -23.21
C TYR D 89 -26.72 -5.24 -24.46
N LYS D 90 -25.52 -5.81 -24.39
CA LYS D 90 -24.69 -6.07 -25.58
C LYS D 90 -24.26 -4.77 -26.27
N VAL D 91 -24.17 -3.68 -25.50
CA VAL D 91 -23.68 -2.42 -26.03
C VAL D 91 -22.23 -2.58 -26.45
N LYS D 92 -21.86 -1.87 -27.52
CA LYS D 92 -20.51 -1.95 -28.06
C LYS D 92 -19.66 -0.74 -27.69
N THR D 93 -20.27 0.43 -27.53
CA THR D 93 -19.53 1.67 -27.29
C THR D 93 -20.31 2.53 -26.32
N ILE D 94 -19.63 3.02 -25.28
CA ILE D 94 -20.17 4.02 -24.37
C ILE D 94 -19.28 5.25 -24.44
N ILE D 95 -19.89 6.40 -24.71
CA ILE D 95 -19.19 7.69 -24.65
C ILE D 95 -19.76 8.45 -23.46
N ARG D 96 -18.91 8.68 -22.47
CA ARG D 96 -19.33 9.49 -21.34
C ARG D 96 -19.26 10.95 -21.77
N VAL D 97 -20.29 11.71 -21.43
CA VAL D 97 -20.33 13.14 -21.69
C VAL D 97 -20.62 13.82 -20.36
N GLY D 98 -19.98 14.95 -20.10
CA GLY D 98 -20.24 15.62 -18.84
C GLY D 98 -19.49 16.91 -18.70
N THR D 99 -19.47 17.40 -17.47
CA THR D 99 -18.74 18.62 -17.12
C THR D 99 -17.56 18.23 -16.26
N CYS D 100 -16.60 19.14 -16.18
CA CYS D 100 -15.42 18.86 -15.39
C CYS D 100 -14.82 20.17 -14.88
N GLY D 101 -13.96 20.05 -13.87
CA GLY D 101 -13.04 21.11 -13.53
C GLY D 101 -11.73 20.90 -14.29
N THR D 102 -10.89 21.94 -14.32
CA THR D 102 -9.55 21.79 -14.85
C THR D 102 -8.56 22.44 -13.90
N VAL D 103 -7.35 21.87 -13.87
CA VAL D 103 -6.21 22.46 -13.18
C VAL D 103 -5.14 22.92 -14.14
N ASP D 104 -5.27 22.63 -15.42
CA ASP D 104 -4.16 22.86 -16.31
C ASP D 104 -4.04 24.34 -16.63
N PRO D 105 -2.83 24.90 -16.61
CA PRO D 105 -2.68 26.34 -16.84
C PRO D 105 -3.02 26.80 -18.25
N ASN D 106 -3.07 25.89 -19.22
CA ASN D 106 -3.42 26.24 -20.60
C ASN D 106 -4.85 25.87 -20.96
N VAL D 107 -5.63 25.37 -20.01
CA VAL D 107 -7.03 25.04 -20.23
C VAL D 107 -7.87 26.09 -19.51
N HIS D 108 -8.98 26.47 -20.12
CA HIS D 108 -9.83 27.53 -19.61
C HIS D 108 -11.27 27.04 -19.55
N VAL D 109 -12.06 27.66 -18.67
CA VAL D 109 -13.49 27.38 -18.65
C VAL D 109 -14.04 27.59 -20.06
N ARG D 110 -15.07 26.81 -20.41
CA ARG D 110 -15.69 26.80 -21.73
C ARG D 110 -15.04 25.76 -22.65
N ASP D 111 -13.79 25.37 -22.37
CA ASP D 111 -13.09 24.43 -23.24
C ASP D 111 -13.78 23.06 -23.22
N VAL D 112 -13.58 22.34 -24.32
CA VAL D 112 -14.01 20.95 -24.48
C VAL D 112 -12.78 20.06 -24.40
N CYS D 113 -12.86 19.02 -23.57
CA CYS D 113 -11.75 18.12 -23.29
C CYS D 113 -12.12 16.72 -23.75
N ILE D 114 -11.29 16.15 -24.62
CA ILE D 114 -11.42 14.75 -25.02
C ILE D 114 -10.41 13.92 -24.23
N VAL D 115 -10.87 12.90 -23.52
CA VAL D 115 -10.05 12.19 -22.55
C VAL D 115 -9.37 10.98 -23.19
N THR D 116 -8.05 10.91 -23.06
CA THR D 116 -7.29 9.76 -23.56
C THR D 116 -7.10 8.68 -22.50
N ALA D 117 -7.01 9.07 -21.23
CA ALA D 117 -6.86 8.15 -20.10
C ALA D 117 -7.23 8.93 -18.85
N SER D 118 -7.55 8.22 -17.76
CA SER D 118 -7.93 8.89 -16.52
CA SER D 118 -7.97 8.88 -16.52
C SER D 118 -7.28 8.24 -15.32
N GLY D 119 -6.64 9.06 -14.50
CA GLY D 119 -6.14 8.62 -13.20
C GLY D 119 -7.25 8.55 -12.17
N THR D 120 -6.90 8.11 -10.98
CA THR D 120 -7.92 7.97 -9.95
C THR D 120 -7.30 7.78 -8.58
N ASP D 121 -8.07 8.10 -7.54
CA ASP D 121 -7.78 7.75 -6.17
C ASP D 121 -8.64 6.56 -5.70
N SER D 122 -9.35 5.91 -6.62
CA SER D 122 -10.09 4.70 -6.32
C SER D 122 -9.14 3.49 -6.33
N ASN D 123 -9.56 2.43 -5.66
CA ASN D 123 -8.84 1.16 -5.69
C ASN D 123 -9.34 0.20 -6.76
N VAL D 124 -10.37 0.54 -7.54
CA VAL D 124 -11.01 -0.47 -8.37
C VAL D 124 -10.08 -1.05 -9.44
N ASN D 125 -9.14 -0.27 -9.94
CA ASN D 125 -8.29 -0.76 -11.01
C ASN D 125 -7.09 -1.53 -10.48
N ARG D 126 -6.56 -1.15 -9.32
CA ARG D 126 -5.55 -1.98 -8.68
C ARG D 126 -6.10 -3.37 -8.44
N MET D 127 -7.38 -3.45 -8.02
CA MET D 127 -7.97 -4.75 -7.73
CA MET D 127 -7.99 -4.74 -7.73
C MET D 127 -8.13 -5.61 -8.98
N ARG D 128 -8.13 -5.02 -10.18
CA ARG D 128 -8.21 -5.78 -11.42
C ARG D 128 -6.86 -6.28 -11.91
N LEU D 129 -5.77 -5.67 -11.47
CA LEU D 129 -4.46 -5.96 -12.03
C LEU D 129 -3.44 -6.25 -10.94
N LEU D 130 -3.83 -7.11 -9.99
CA LEU D 130 -2.92 -7.67 -8.99
C LEU D 130 -2.21 -6.58 -8.18
N GLY D 131 -2.91 -5.49 -7.91
CA GLY D 131 -2.37 -4.42 -7.13
C GLY D 131 -1.53 -3.43 -7.90
N HIS D 132 -1.34 -3.63 -9.20
CA HIS D 132 -0.44 -2.79 -9.99
C HIS D 132 -1.16 -1.58 -10.58
N ASP D 133 -0.42 -0.78 -11.36
CA ASP D 133 -0.97 0.40 -12.04
C ASP D 133 -1.58 -0.06 -13.36
N PHE D 134 -2.88 0.13 -13.49
CA PHE D 134 -3.67 -0.23 -14.67
C PHE D 134 -4.23 1.08 -15.19
N PRO D 135 -3.73 1.62 -16.30
CA PRO D 135 -4.24 2.90 -16.77
C PRO D 135 -5.64 2.72 -17.36
N ALA D 136 -6.57 3.52 -16.86
CA ALA D 136 -7.90 3.56 -17.43
C ALA D 136 -7.78 4.34 -18.73
N THR D 137 -7.89 3.63 -19.85
CA THR D 137 -7.47 4.15 -21.15
C THR D 137 -8.65 4.12 -22.11
N ALA D 138 -8.92 5.25 -22.74
CA ALA D 138 -10.00 5.28 -23.72
C ALA D 138 -9.62 4.51 -24.97
N ASN D 139 -10.63 3.95 -25.62
CA ASN D 139 -10.44 3.26 -26.89
C ASN D 139 -9.98 4.24 -27.96
N PHE D 140 -8.95 3.87 -28.73
CA PHE D 140 -8.42 4.79 -29.73
C PHE D 140 -9.44 5.14 -30.83
N GLU D 141 -10.23 4.17 -31.29
CA GLU D 141 -11.22 4.49 -32.33
C GLU D 141 -12.20 5.55 -31.82
N VAL D 142 -12.57 5.47 -30.54
CA VAL D 142 -13.49 6.47 -29.98
C VAL D 142 -12.81 7.83 -29.85
N VAL D 143 -11.61 7.85 -29.28
CA VAL D 143 -10.90 9.12 -29.16
C VAL D 143 -10.77 9.76 -30.54
N SER D 144 -10.33 8.97 -31.51
CA SER D 144 -10.14 9.48 -32.86
C SER D 144 -11.44 10.00 -33.43
N ALA D 145 -12.55 9.29 -33.21
CA ALA D 145 -13.82 9.73 -33.77
C ALA D 145 -14.24 11.06 -33.16
N LEU D 146 -13.95 11.26 -31.88
CA LEU D 146 -14.28 12.53 -31.25
C LEU D 146 -13.38 13.64 -31.78
N VAL D 147 -12.08 13.36 -31.89
CA VAL D 147 -11.15 14.37 -32.37
C VAL D 147 -11.51 14.80 -33.77
N GLU D 148 -11.80 13.82 -34.64
CA GLU D 148 -12.09 14.11 -36.04
C GLU D 148 -13.44 14.81 -36.18
N SER D 149 -14.41 14.46 -35.35
CA SER D 149 -15.69 15.14 -35.42
CA SER D 149 -15.70 15.14 -35.37
C SER D 149 -15.55 16.61 -35.02
N ALA D 150 -14.76 16.89 -33.98
CA ALA D 150 -14.51 18.26 -33.58
C ALA D 150 -13.82 19.03 -34.69
N LYS D 151 -12.82 18.41 -35.33
CA LYS D 151 -12.13 19.06 -36.44
C LYS D 151 -13.11 19.40 -37.56
N ALA D 152 -14.01 18.47 -37.88
CA ALA D 152 -14.96 18.69 -38.95
C ALA D 152 -15.95 19.79 -38.61
N LEU D 153 -16.27 19.95 -37.34
CA LEU D 153 -17.18 20.99 -36.87
C LEU D 153 -16.45 22.31 -36.60
N ASN D 154 -15.13 22.34 -36.77
CA ASN D 154 -14.28 23.49 -36.47
C ASN D 154 -14.41 23.96 -35.02
N ILE D 155 -14.44 22.99 -34.11
CA ILE D 155 -14.45 23.25 -32.67
C ILE D 155 -13.09 22.84 -32.12
N PRO D 156 -12.31 23.76 -31.55
CA PRO D 156 -11.06 23.35 -30.92
C PRO D 156 -11.32 22.49 -29.70
N THR D 157 -10.38 21.58 -29.43
CA THR D 157 -10.48 20.69 -28.28
C THR D 157 -9.14 20.60 -27.58
N GLN D 158 -9.20 20.31 -26.28
CA GLN D 158 -8.05 19.88 -25.50
C GLN D 158 -8.11 18.36 -25.45
N VAL D 159 -6.97 17.69 -25.61
CA VAL D 159 -6.92 16.24 -25.66
C VAL D 159 -5.88 15.79 -24.65
N GLY D 160 -6.28 14.94 -23.70
CA GLY D 160 -5.35 14.48 -22.70
C GLY D 160 -5.99 13.80 -21.50
N LYS D 161 -5.28 13.83 -20.39
CA LYS D 161 -5.66 13.02 -19.22
C LYS D 161 -6.74 13.66 -18.37
N ALA D 162 -7.60 12.81 -17.83
CA ALA D 162 -8.51 13.19 -16.75
C ALA D 162 -8.02 12.57 -15.45
N TYR D 163 -8.63 13.03 -14.37
CA TYR D 163 -8.50 12.43 -13.05
C TYR D 163 -9.88 12.26 -12.46
N SER D 164 -10.20 11.00 -12.10
CA SER D 164 -11.48 10.61 -11.55
C SER D 164 -11.34 10.39 -10.05
N THR D 165 -11.94 11.27 -9.26
CA THR D 165 -11.86 11.16 -7.81
C THR D 165 -13.15 10.60 -7.22
N ASP D 166 -12.98 9.87 -6.12
CA ASP D 166 -14.11 9.43 -5.30
C ASP D 166 -14.66 10.54 -4.40
N ILE D 167 -13.93 11.64 -4.20
CA ILE D 167 -14.31 12.65 -3.19
C ILE D 167 -14.47 14.01 -3.86
N PHE D 168 -15.72 14.41 -4.04
CA PHE D 168 -16.00 15.74 -4.58
C PHE D 168 -15.49 16.83 -3.64
N TYR D 169 -15.78 16.69 -2.35
CA TYR D 169 -15.38 17.68 -1.33
C TYR D 169 -13.96 17.37 -0.83
N SER D 170 -12.98 17.61 -1.70
CA SER D 170 -11.60 17.26 -1.39
C SER D 170 -11.04 18.15 -0.28
N LYS D 171 -10.27 17.52 0.60
CA LYS D 171 -9.52 18.18 1.67
C LYS D 171 -8.03 17.90 1.51
N GLU D 172 -7.61 17.46 0.33
CA GLU D 172 -6.29 16.87 0.12
C GLU D 172 -5.27 17.91 -0.34
N GLN D 173 -4.36 18.29 0.54
CA GLN D 173 -3.35 19.29 0.24
C GLN D 173 -2.39 18.77 -0.83
N GLY D 174 -2.11 19.62 -1.82
CA GLY D 174 -1.10 19.33 -2.81
C GLY D 174 -1.61 18.58 -4.03
N LEU D 175 -2.85 18.07 -3.98
CA LEU D 175 -3.36 17.31 -5.11
C LEU D 175 -3.47 18.17 -6.36
N ASN D 176 -4.13 19.32 -6.25
CA ASN D 176 -4.36 20.14 -7.43
C ASN D 176 -3.05 20.55 -8.08
N GLU D 177 -2.03 20.81 -7.27
CA GLU D 177 -0.77 21.28 -7.81
C GLU D 177 -0.04 20.17 -8.54
N ALA D 178 -0.15 18.93 -8.05
CA ALA D 178 0.46 17.80 -8.75
C ALA D 178 -0.27 17.52 -10.05
N LEU D 179 -1.60 17.55 -10.02
CA LEU D 179 -2.35 17.37 -11.25
C LEU D 179 -1.97 18.44 -12.27
N ALA D 180 -1.80 19.69 -11.83
CA ALA D 180 -1.43 20.77 -12.76
C ALA D 180 -0.03 20.55 -13.31
N GLN D 181 0.89 20.09 -12.46
CA GLN D 181 2.27 19.92 -12.89
C GLN D 181 2.38 18.91 -14.03
N TYR D 182 1.52 17.89 -14.01
CA TYR D 182 1.53 16.84 -15.01
C TYR D 182 0.46 17.03 -16.08
N HIS D 183 -0.16 18.21 -16.13
CA HIS D 183 -1.04 18.60 -17.23
C HIS D 183 -2.23 17.67 -17.39
N PHE D 184 -2.84 17.29 -16.26
CA PHE D 184 -4.18 16.74 -16.31
C PHE D 184 -5.13 17.85 -16.75
N ILE D 185 -6.00 17.55 -17.71
CA ILE D 185 -6.86 18.59 -18.27
C ILE D 185 -8.28 18.61 -17.69
N ALA D 186 -8.72 17.51 -17.06
CA ALA D 186 -10.10 17.39 -16.59
C ALA D 186 -10.11 16.66 -15.27
N VAL D 187 -10.88 17.18 -14.31
CA VAL D 187 -11.13 16.55 -13.02
C VAL D 187 -12.61 16.25 -12.95
N GLU D 188 -12.94 14.98 -12.74
CA GLU D 188 -14.31 14.50 -12.71
C GLU D 188 -14.34 13.28 -11.79
N MET D 189 -15.37 12.44 -11.90
CA MET D 189 -15.56 11.38 -10.91
C MET D 189 -15.83 9.98 -11.45
N GLU D 190 -15.81 9.75 -12.78
CA GLU D 190 -16.32 8.49 -13.31
C GLU D 190 -15.47 7.80 -14.38
N SER D 191 -14.73 8.54 -15.23
CA SER D 191 -14.19 7.89 -16.42
CA SER D 191 -14.16 7.92 -16.42
C SER D 191 -13.23 6.77 -16.08
N ALA D 192 -12.46 6.91 -15.00
CA ALA D 192 -11.52 5.83 -14.65
C ALA D 192 -12.20 4.52 -14.30
N GLY D 193 -13.49 4.53 -13.95
CA GLY D 193 -14.18 3.28 -13.71
C GLY D 193 -14.77 2.68 -14.96
N LEU D 194 -15.05 3.51 -15.98
CA LEU D 194 -15.66 3.04 -17.20
C LEU D 194 -14.68 2.29 -18.10
N PHE D 195 -13.49 2.86 -18.33
CA PHE D 195 -12.63 2.31 -19.37
C PHE D 195 -12.20 0.87 -19.09
N PRO D 196 -11.89 0.45 -17.86
CA PRO D 196 -11.49 -0.94 -17.65
C PRO D 196 -12.62 -1.93 -17.85
N ILE D 197 -13.85 -1.50 -17.60
CA ILE D 197 -14.99 -2.38 -17.84
C ILE D 197 -15.16 -2.62 -19.33
N ALA D 198 -15.00 -1.56 -20.13
CA ALA D 198 -15.02 -1.75 -21.58
C ALA D 198 -13.94 -2.74 -22.00
N ASP D 199 -12.73 -2.62 -21.43
CA ASP D 199 -11.67 -3.57 -21.74
C ASP D 199 -12.10 -5.00 -21.43
N TYR D 200 -12.66 -5.22 -20.23
CA TYR D 200 -13.06 -6.56 -19.83
C TYR D 200 -13.98 -7.22 -20.84
N TYR D 201 -14.93 -6.46 -21.39
CA TYR D 201 -15.89 -6.97 -22.35
C TYR D 201 -15.42 -6.86 -23.79
N GLY D 202 -14.18 -6.46 -24.03
CA GLY D 202 -13.73 -6.35 -25.41
C GLY D 202 -14.47 -5.28 -26.19
N ALA D 203 -14.89 -4.24 -25.50
CA ALA D 203 -15.75 -3.19 -26.04
C ALA D 203 -15.01 -1.86 -25.98
N ARG D 204 -15.74 -0.78 -26.30
CA ARG D 204 -15.14 0.53 -26.50
C ARG D 204 -15.75 1.57 -25.57
N ALA D 205 -14.92 2.50 -25.13
CA ALA D 205 -15.39 3.62 -24.33
C ALA D 205 -14.52 4.84 -24.57
N GLY D 206 -15.11 6.00 -24.32
CA GLY D 206 -14.36 7.24 -24.28
C GLY D 206 -15.12 8.23 -23.43
N CYS D 207 -14.58 9.45 -23.38
CA CYS D 207 -15.16 10.51 -22.56
C CYS D 207 -14.85 11.87 -23.18
N ILE D 208 -15.85 12.76 -23.18
CA ILE D 208 -15.68 14.15 -23.59
C ILE D 208 -16.40 14.99 -22.56
N CYS D 209 -15.79 16.09 -22.12
CA CYS D 209 -16.33 16.92 -21.04
CA CYS D 209 -16.42 16.93 -21.12
C CYS D 209 -16.14 18.39 -21.36
N THR D 210 -16.95 19.22 -20.75
CA THR D 210 -16.83 20.68 -20.84
C THR D 210 -16.30 21.23 -19.53
N VAL D 211 -15.42 22.22 -19.62
CA VAL D 211 -14.80 22.79 -18.43
C VAL D 211 -15.71 23.86 -17.85
N SER D 212 -16.26 23.58 -16.66
CA SER D 212 -17.11 24.54 -15.98
CA SER D 212 -17.11 24.51 -15.94
C SER D 212 -16.32 25.44 -15.02
N ASP D 213 -15.20 24.97 -14.48
CA ASP D 213 -14.48 25.72 -13.46
C ASP D 213 -12.99 25.46 -13.59
N HIS D 214 -12.20 26.49 -13.30
CA HIS D 214 -10.76 26.34 -13.13
C HIS D 214 -10.45 26.25 -11.65
N ILE D 215 -10.00 25.07 -11.23
CA ILE D 215 -9.77 24.79 -9.82
C ILE D 215 -8.65 25.65 -9.24
N ILE D 216 -7.69 26.07 -10.07
CA ILE D 216 -6.55 26.84 -9.57
C ILE D 216 -6.85 28.33 -9.56
N THR D 217 -7.30 28.88 -10.69
CA THR D 217 -7.57 30.31 -10.80
C THR D 217 -8.95 30.70 -10.28
N HIS D 218 -9.85 29.74 -10.10
CA HIS D 218 -11.20 29.94 -9.60
C HIS D 218 -12.14 30.58 -10.60
N GLU D 219 -11.71 30.79 -11.85
CA GLU D 219 -12.65 31.20 -12.88
C GLU D 219 -13.78 30.18 -13.02
N SER D 220 -14.97 30.67 -13.37
CA SER D 220 -16.15 29.84 -13.55
C SER D 220 -16.87 30.26 -14.83
N ALA D 221 -17.34 29.29 -15.59
CA ALA D 221 -18.05 29.59 -16.82
C ALA D 221 -19.38 30.25 -16.50
N THR D 222 -19.70 31.29 -17.26
CA THR D 222 -20.98 31.93 -17.14
C THR D 222 -22.05 30.98 -17.69
N PRO D 223 -23.31 31.27 -17.43
CA PRO D 223 -24.38 30.44 -18.01
C PRO D 223 -24.31 30.38 -19.52
N GLU D 224 -24.02 31.49 -20.19
CA GLU D 224 -23.93 31.49 -21.64
C GLU D 224 -22.75 30.64 -22.11
N GLU D 225 -21.63 30.73 -21.40
CA GLU D 225 -20.48 29.90 -21.73
C GLU D 225 -20.81 28.42 -21.54
N ARG D 226 -21.55 28.08 -20.47
CA ARG D 226 -21.91 26.68 -20.26
C ARG D 226 -22.82 26.17 -21.37
N GLN D 227 -23.71 27.03 -21.86
CA GLN D 227 -24.56 26.61 -22.96
C GLN D 227 -23.75 26.41 -24.24
N THR D 228 -22.87 27.36 -24.56
CA THR D 228 -22.03 27.21 -25.74
C THR D 228 -21.19 25.93 -25.68
N SER D 229 -20.52 25.72 -24.55
CA SER D 229 -19.67 24.55 -24.44
C SER D 229 -20.48 23.27 -24.51
N PHE D 230 -21.65 23.22 -23.84
CA PHE D 230 -22.51 22.03 -23.95
C PHE D 230 -22.90 21.77 -25.41
N GLN D 231 -23.32 22.82 -26.11
CA GLN D 231 -23.71 22.63 -27.51
C GLN D 231 -22.55 22.06 -28.33
N ASN D 232 -21.34 22.58 -28.10
CA ASN D 232 -20.18 22.08 -28.82
C ASN D 232 -19.92 20.62 -28.49
N MET D 233 -19.85 20.30 -27.19
CA MET D 233 -19.51 18.95 -26.75
CA MET D 233 -19.49 18.95 -26.78
C MET D 233 -20.51 17.94 -27.28
N ILE D 234 -21.80 18.24 -27.14
CA ILE D 234 -22.80 17.24 -27.52
C ILE D 234 -22.81 17.04 -29.02
N LYS D 235 -22.60 18.11 -29.80
CA LYS D 235 -22.56 17.94 -31.25
C LYS D 235 -21.35 17.09 -31.66
N ILE D 236 -20.19 17.34 -31.03
CA ILE D 236 -19.02 16.49 -31.29
C ILE D 236 -19.36 15.03 -31.02
N ALA D 237 -19.95 14.75 -29.85
CA ALA D 237 -20.26 13.37 -29.49
C ALA D 237 -21.26 12.74 -30.44
N LEU D 238 -22.32 13.46 -30.79
CA LEU D 238 -23.35 12.93 -31.69
C LEU D 238 -22.76 12.64 -33.07
N GLU D 239 -22.00 13.59 -33.62
CA GLU D 239 -21.38 13.34 -34.91
C GLU D 239 -20.43 12.16 -34.86
N ALA D 240 -19.70 12.00 -33.75
CA ALA D 240 -18.79 10.86 -33.64
C ALA D 240 -19.53 9.54 -33.71
N THR D 241 -20.77 9.48 -33.17
CA THR D 241 -21.48 8.21 -33.16
C THR D 241 -21.78 7.74 -34.59
N LEU D 242 -21.89 8.65 -35.54
CA LEU D 242 -22.15 8.26 -36.92
C LEU D 242 -20.99 7.52 -37.52
N LYS D 243 -19.80 7.70 -36.99
CA LYS D 243 -18.59 7.05 -37.49
C LYS D 243 -18.19 5.84 -36.67
N LEU D 244 -19.01 5.46 -35.70
CA LEU D 244 -18.68 4.36 -34.81
C LEU D 244 -19.65 3.18 -34.97
N HIS E 6 17.23 -17.03 -26.18
CA HIS E 6 17.66 -16.31 -27.43
C HIS E 6 17.87 -17.30 -28.57
N HIS E 7 17.89 -16.77 -29.79
CA HIS E 7 18.09 -17.61 -30.97
C HIS E 7 19.35 -18.46 -30.86
N HIS E 8 20.44 -17.89 -30.34
CA HIS E 8 21.70 -18.62 -30.24
C HIS E 8 22.50 -18.28 -28.99
N MET E 9 22.24 -17.15 -28.36
CA MET E 9 23.03 -16.75 -27.21
C MET E 9 22.56 -17.45 -25.94
N ALA E 10 23.47 -17.54 -24.98
CA ALA E 10 23.14 -18.20 -23.72
C ALA E 10 22.05 -17.47 -22.98
N THR E 11 21.99 -16.12 -23.10
CA THR E 11 20.86 -15.34 -22.62
C THR E 11 20.47 -14.31 -23.67
N PRO E 12 19.32 -13.65 -23.53
CA PRO E 12 18.97 -12.59 -24.48
C PRO E 12 19.85 -11.36 -24.42
N HIS E 13 20.66 -11.21 -23.39
CA HIS E 13 21.42 -9.98 -23.17
C HIS E 13 22.91 -10.20 -23.00
N ASN E 14 23.42 -11.40 -23.26
CA ASN E 14 24.82 -11.72 -22.97
C ASN E 14 25.29 -12.76 -23.97
N SER E 15 26.36 -12.43 -24.70
CA SER E 15 26.92 -13.35 -25.68
C SER E 15 27.96 -14.30 -25.10
N ALA E 16 28.27 -14.19 -23.80
CA ALA E 16 29.22 -15.11 -23.20
C ALA E 16 28.68 -16.54 -23.27
N LYS E 17 29.58 -17.49 -23.46
CA LYS E 17 29.22 -18.89 -23.37
C LYS E 17 29.30 -19.33 -21.91
N VAL E 18 28.61 -20.42 -21.58
CA VAL E 18 28.66 -20.92 -20.21
C VAL E 18 30.10 -21.27 -19.87
N GLY E 19 30.55 -20.82 -18.71
CA GLY E 19 31.92 -20.98 -18.29
C GLY E 19 32.80 -19.79 -18.59
N ASP E 20 32.32 -18.82 -19.36
CA ASP E 20 33.16 -17.68 -19.71
C ASP E 20 33.31 -16.69 -18.56
N PHE E 21 32.47 -16.80 -17.54
CA PHE E 21 32.56 -15.96 -16.35
C PHE E 21 33.19 -16.74 -15.21
N ALA E 22 34.07 -16.08 -14.48
CA ALA E 22 34.63 -16.67 -13.27
C ALA E 22 33.54 -16.77 -12.23
N GLU E 23 33.82 -17.49 -11.14
CA GLU E 23 32.82 -17.57 -10.07
C GLU E 23 32.65 -16.25 -9.32
N THR E 24 33.64 -15.37 -9.36
CA THR E 24 33.56 -14.07 -8.73
C THR E 24 33.55 -13.01 -9.81
N VAL E 25 32.60 -12.08 -9.73
CA VAL E 25 32.42 -11.01 -10.71
C VAL E 25 32.31 -9.68 -9.98
N LEU E 26 33.11 -8.72 -10.37
CA LEU E 26 32.87 -7.32 -10.03
C LEU E 26 31.94 -6.70 -11.08
N MET E 27 31.00 -5.87 -10.62
CA MET E 27 30.11 -5.18 -11.56
C MET E 27 30.01 -3.69 -11.22
N CYS E 28 29.98 -2.86 -12.25
CA CYS E 28 29.74 -1.43 -12.10
C CYS E 28 28.74 -1.00 -13.16
N GLY E 29 28.08 0.14 -12.95
CA GLY E 29 27.06 0.57 -13.89
C GLY E 29 27.60 0.86 -15.28
N ASP E 30 28.76 1.51 -15.36
CA ASP E 30 29.28 2.00 -16.62
C ASP E 30 30.10 0.93 -17.30
N PRO E 31 29.71 0.42 -18.48
CA PRO E 31 30.54 -0.60 -19.14
C PRO E 31 31.94 -0.12 -19.47
N LEU E 32 32.13 1.18 -19.68
CA LEU E 32 33.47 1.68 -19.95
C LEU E 32 34.33 1.65 -18.69
N ARG E 33 33.70 1.72 -17.52
CA ARG E 33 34.45 1.53 -16.28
C ARG E 33 34.81 0.07 -16.06
N ALA E 34 33.92 -0.84 -16.44
CA ALA E 34 34.29 -2.25 -16.46
C ALA E 34 35.51 -2.48 -17.33
N LYS E 35 35.56 -1.86 -18.51
CA LYS E 35 36.72 -2.00 -19.37
C LYS E 35 37.97 -1.44 -18.71
N LEU E 36 37.85 -0.29 -18.04
CA LEU E 36 39.03 0.29 -17.40
C LEU E 36 39.57 -0.64 -16.31
N ILE E 37 38.67 -1.32 -15.61
CA ILE E 37 39.07 -2.23 -14.54
C ILE E 37 39.79 -3.44 -15.11
N ALA E 38 39.22 -4.03 -16.17
CA ALA E 38 39.89 -5.14 -16.84
C ALA E 38 41.25 -4.72 -17.39
N ASP E 39 41.30 -3.61 -18.12
CA ASP E 39 42.55 -3.20 -18.75
C ASP E 39 43.65 -2.99 -17.73
N ASN E 40 43.32 -2.38 -16.58
CA ASN E 40 44.33 -1.92 -15.64
C ASN E 40 44.65 -2.90 -14.52
N TYR E 41 43.73 -3.84 -14.22
CA TYR E 41 43.91 -4.71 -13.07
C TYR E 41 43.83 -6.21 -13.36
N LEU E 42 43.20 -6.61 -14.47
CA LEU E 42 43.14 -8.03 -14.79
C LEU E 42 44.29 -8.44 -15.69
N GLU E 43 44.82 -9.64 -15.45
CA GLU E 43 45.73 -10.32 -16.35
C GLU E 43 44.99 -11.43 -17.09
N ASN E 44 45.58 -11.91 -18.19
CA ASN E 44 44.97 -13.01 -18.97
C ASN E 44 43.55 -12.68 -19.39
N ALA E 45 43.25 -11.42 -19.67
CA ALA E 45 41.88 -10.97 -19.79
C ALA E 45 41.36 -11.11 -21.22
N LYS E 46 40.07 -11.38 -21.33
CA LYS E 46 39.38 -11.50 -22.60
C LYS E 46 38.01 -10.86 -22.47
N GLN E 47 37.57 -10.17 -23.51
CA GLN E 47 36.20 -9.68 -23.56
C GLN E 47 35.25 -10.85 -23.83
N VAL E 48 34.24 -11.00 -22.97
CA VAL E 48 33.29 -12.09 -23.10
C VAL E 48 31.87 -11.62 -23.40
N ASN E 49 31.56 -10.33 -23.23
CA ASN E 49 30.27 -9.84 -23.68
C ASN E 49 30.41 -8.49 -24.37
N SER E 50 29.59 -8.30 -25.40
CA SER E 50 29.48 -7.03 -26.10
C SER E 50 28.02 -6.61 -26.32
N VAL E 51 27.06 -7.47 -25.99
CA VAL E 51 25.66 -7.18 -26.28
C VAL E 51 25.23 -5.91 -25.59
N ARG E 52 24.51 -5.06 -26.33
CA ARG E 52 24.03 -3.76 -25.87
C ARG E 52 25.15 -2.83 -25.40
N GLY E 53 26.37 -3.10 -25.84
CA GLY E 53 27.52 -2.36 -25.33
C GLY E 53 27.88 -2.64 -23.89
N MET E 54 27.30 -3.67 -23.29
CA MET E 54 27.47 -3.90 -21.85
C MET E 54 28.68 -4.80 -21.64
N LEU E 55 29.84 -4.18 -21.82
CA LEU E 55 31.11 -4.89 -21.86
C LEU E 55 31.35 -5.72 -20.61
N GLY E 56 31.80 -6.95 -20.82
CA GLY E 56 32.21 -7.80 -19.71
C GLY E 56 33.47 -8.55 -20.10
N PHE E 57 34.26 -8.89 -19.09
CA PHE E 57 35.61 -9.40 -19.28
C PHE E 57 35.92 -10.46 -18.24
N THR E 58 36.82 -11.38 -18.60
CA THR E 58 37.26 -12.43 -17.69
C THR E 58 38.76 -12.60 -17.80
N GLY E 59 39.42 -12.59 -16.65
CA GLY E 59 40.85 -12.87 -16.56
C GLY E 59 41.21 -13.37 -15.18
N THR E 60 42.33 -12.89 -14.65
CA THR E 60 42.77 -13.25 -13.31
C THR E 60 43.23 -12.00 -12.59
N TYR E 61 43.13 -12.02 -11.27
CA TYR E 61 43.71 -11.00 -10.42
C TYR E 61 44.59 -11.72 -9.40
N LYS E 62 45.88 -11.46 -9.46
CA LYS E 62 46.88 -12.14 -8.64
C LYS E 62 46.69 -13.65 -8.70
N GLY E 63 46.50 -14.15 -9.92
CA GLY E 63 46.44 -15.58 -10.20
C GLY E 63 45.07 -16.19 -10.08
N LYS E 64 44.11 -15.51 -9.46
CA LYS E 64 42.81 -16.12 -9.21
C LYS E 64 41.79 -15.68 -10.27
N PRO E 65 40.93 -16.56 -10.78
CA PRO E 65 39.99 -16.13 -11.82
C PRO E 65 39.07 -15.02 -11.31
N LEU E 66 38.84 -14.03 -12.17
CA LEU E 66 37.98 -12.91 -11.82
C LEU E 66 37.38 -12.31 -13.09
N SER E 67 36.11 -11.90 -13.02
CA SER E 67 35.44 -11.24 -14.14
C SER E 67 34.98 -9.84 -13.70
N VAL E 68 34.75 -8.97 -14.68
CA VAL E 68 34.22 -7.64 -14.44
C VAL E 68 33.26 -7.29 -15.57
N MET E 69 32.10 -6.76 -15.23
CA MET E 69 31.12 -6.50 -16.27
C MET E 69 30.24 -5.34 -15.84
N GLY E 70 29.80 -4.56 -16.82
CA GLY E 70 28.84 -3.49 -16.56
C GLY E 70 27.46 -4.05 -16.23
N HIS E 71 26.68 -3.26 -15.46
CA HIS E 71 25.29 -3.64 -15.17
C HIS E 71 24.25 -2.61 -15.59
N GLY E 72 24.65 -1.47 -16.14
CA GLY E 72 23.71 -0.43 -16.49
C GLY E 72 23.14 0.28 -15.26
N MET E 73 22.15 1.13 -15.50
CA MET E 73 21.62 2.00 -14.45
C MET E 73 20.26 1.51 -14.02
N GLY E 74 20.12 1.26 -12.73
CA GLY E 74 18.85 1.00 -12.10
C GLY E 74 18.59 -0.47 -11.80
N ILE E 75 17.67 -0.68 -10.86
CA ILE E 75 17.32 -2.03 -10.42
C ILE E 75 16.91 -2.94 -11.57
N PRO E 76 16.04 -2.53 -12.48
CA PRO E 76 15.64 -3.47 -13.55
C PRO E 76 16.83 -3.93 -14.39
N SER E 77 17.79 -3.05 -14.62
CA SER E 77 18.94 -3.38 -15.45
C SER E 77 19.86 -4.36 -14.71
N ILE E 78 20.25 -4.04 -13.47
CA ILE E 78 21.13 -4.97 -12.78
C ILE E 78 20.42 -6.30 -12.56
N SER E 79 19.09 -6.26 -12.39
CA SER E 79 18.36 -7.49 -12.15
C SER E 79 18.49 -8.45 -13.32
N ILE E 80 18.38 -7.93 -14.55
CA ILE E 80 18.56 -8.76 -15.72
C ILE E 80 19.95 -9.40 -15.71
N TYR E 81 20.99 -8.58 -15.52
CA TYR E 81 22.33 -9.11 -15.70
C TYR E 81 22.70 -10.07 -14.57
N ALA E 82 22.33 -9.73 -13.34
CA ALA E 82 22.71 -10.56 -12.19
C ALA E 82 21.92 -11.86 -12.16
N GLU E 83 20.62 -11.80 -12.50
CA GLU E 83 19.86 -13.04 -12.58
C GLU E 83 20.54 -14.02 -13.54
N GLU E 84 20.97 -13.51 -14.69
CA GLU E 84 21.63 -14.35 -15.69
C GLU E 84 22.97 -14.85 -15.17
N LEU E 85 23.74 -13.97 -14.53
CA LEU E 85 25.05 -14.42 -14.06
C LEU E 85 24.90 -15.57 -13.08
N TYR E 86 23.97 -15.47 -12.13
CA TYR E 86 23.81 -16.52 -11.13
C TYR E 86 23.19 -17.77 -11.72
N ASN E 87 22.18 -17.61 -12.59
CA ASN E 87 21.43 -18.75 -13.07
C ASN E 87 22.15 -19.47 -14.21
N VAL E 88 22.48 -18.74 -15.27
CA VAL E 88 23.07 -19.35 -16.47
C VAL E 88 24.57 -19.54 -16.32
N TYR E 89 25.26 -18.53 -15.78
CA TYR E 89 26.71 -18.57 -15.76
C TYR E 89 27.29 -19.14 -14.47
N LYS E 90 26.43 -19.51 -13.52
CA LYS E 90 26.83 -20.24 -12.30
C LYS E 90 27.79 -19.44 -11.44
N VAL E 91 27.72 -18.12 -11.55
CA VAL E 91 28.51 -17.25 -10.69
C VAL E 91 28.11 -17.45 -9.24
N LYS E 92 29.09 -17.34 -8.35
CA LYS E 92 28.87 -17.54 -6.92
C LYS E 92 28.89 -16.25 -6.13
N THR E 93 29.65 -15.24 -6.57
CA THR E 93 29.82 -14.01 -5.81
C THR E 93 29.86 -12.82 -6.76
N ILE E 94 29.00 -11.83 -6.51
CA ILE E 94 29.04 -10.56 -7.23
C ILE E 94 29.31 -9.45 -6.23
N ILE E 95 30.32 -8.64 -6.50
CA ILE E 95 30.58 -7.42 -5.73
C ILE E 95 30.31 -6.23 -6.65
N ARG E 96 29.31 -5.45 -6.30
CA ARG E 96 29.02 -4.21 -7.01
C ARG E 96 30.00 -3.12 -6.54
N VAL E 97 30.59 -2.41 -7.50
CA VAL E 97 31.51 -1.31 -7.22
C VAL E 97 30.97 -0.07 -7.93
N GLY E 98 30.95 1.06 -7.24
CA GLY E 98 30.48 2.27 -7.88
C GLY E 98 30.68 3.50 -7.04
N THR E 99 29.95 4.56 -7.38
CA THR E 99 29.98 5.80 -6.63
C THR E 99 28.61 6.01 -6.01
N CYS E 100 28.57 6.93 -5.05
CA CYS E 100 27.32 7.20 -4.37
C CYS E 100 27.31 8.63 -3.86
N GLY E 101 26.12 9.07 -3.47
CA GLY E 101 25.97 10.26 -2.67
C GLY E 101 25.79 9.84 -1.23
N THR E 102 25.94 10.80 -0.32
CA THR E 102 25.65 10.53 1.08
C THR E 102 24.83 11.68 1.65
N VAL E 103 23.99 11.36 2.63
CA VAL E 103 23.32 12.34 3.48
C VAL E 103 23.78 12.28 4.93
N ASP E 104 24.63 11.33 5.29
CA ASP E 104 24.94 11.15 6.70
C ASP E 104 25.85 12.27 7.20
N PRO E 105 25.57 12.85 8.37
CA PRO E 105 26.36 14.00 8.82
C PRO E 105 27.80 13.68 9.19
N ASN E 106 28.18 12.41 9.29
CA ASN E 106 29.54 12.03 9.62
C ASN E 106 30.21 11.25 8.50
N VAL E 107 29.63 11.28 7.30
CA VAL E 107 30.24 10.75 6.10
C VAL E 107 30.55 11.92 5.19
N HIS E 108 31.71 11.87 4.53
CA HIS E 108 32.21 12.97 3.72
C HIS E 108 32.60 12.46 2.35
N VAL E 109 32.68 13.40 1.40
CA VAL E 109 33.17 13.02 0.08
C VAL E 109 34.55 12.39 0.22
N ARG E 110 34.84 11.43 -0.66
CA ARG E 110 36.04 10.61 -0.67
C ARG E 110 35.94 9.42 0.27
N ASP E 111 34.94 9.33 1.14
CA ASP E 111 34.79 8.16 1.98
C ASP E 111 34.44 6.94 1.13
N VAL E 112 34.85 5.77 1.60
CA VAL E 112 34.56 4.47 1.00
C VAL E 112 33.48 3.84 1.87
N CYS E 113 32.35 3.46 1.27
CA CYS E 113 31.22 2.89 1.99
C CYS E 113 31.04 1.43 1.63
N ILE E 114 31.02 0.58 2.65
CA ILE E 114 30.78 -0.86 2.48
C ILE E 114 29.34 -1.11 2.94
N VAL E 115 28.54 -1.68 2.05
CA VAL E 115 27.08 -1.74 2.23
C VAL E 115 26.68 -3.04 2.91
N THR E 116 25.98 -2.94 4.05
CA THR E 116 25.47 -4.11 4.75
C THR E 116 24.06 -4.49 4.29
N ALA E 117 23.26 -3.50 3.91
CA ALA E 117 21.91 -3.72 3.43
C ALA E 117 21.48 -2.45 2.73
N SER E 118 20.44 -2.52 1.89
CA SER E 118 20.01 -1.36 1.13
CA SER E 118 20.00 -1.38 1.11
C SER E 118 18.49 -1.26 1.14
N GLY E 119 17.99 -0.08 1.48
CA GLY E 119 16.58 0.23 1.33
C GLY E 119 16.29 0.61 -0.10
N THR E 120 15.01 0.89 -0.38
CA THR E 120 14.63 1.21 -1.75
C THR E 120 13.22 1.78 -1.80
N ASP E 121 12.96 2.52 -2.87
CA ASP E 121 11.63 2.95 -3.27
C ASP E 121 11.07 2.10 -4.42
N SER E 122 11.74 1.02 -4.77
CA SER E 122 11.26 0.08 -5.76
C SER E 122 10.28 -0.88 -5.15
N ASN E 123 9.42 -1.47 -5.99
CA ASN E 123 8.50 -2.50 -5.55
CA ASN E 123 8.49 -2.50 -5.56
C ASN E 123 9.05 -3.91 -5.72
N VAL E 124 10.27 -4.09 -6.23
CA VAL E 124 10.68 -5.45 -6.59
C VAL E 124 10.78 -6.42 -5.41
N ASN E 125 11.12 -5.94 -4.22
CA ASN E 125 11.29 -6.84 -3.08
C ASN E 125 9.98 -7.14 -2.37
N ARG E 126 9.08 -6.16 -2.31
CA ARG E 126 7.74 -6.48 -1.84
C ARG E 126 7.11 -7.57 -2.69
N MET E 127 7.34 -7.52 -4.00
CA MET E 127 6.75 -8.51 -4.89
CA MET E 127 6.78 -8.50 -4.92
C MET E 127 7.31 -9.91 -4.66
N ARG E 128 8.48 -10.01 -4.05
CA ARG E 128 9.09 -11.31 -3.73
C ARG E 128 8.61 -11.88 -2.41
N LEU E 129 8.04 -11.06 -1.54
CA LEU E 129 7.75 -11.51 -0.18
C LEU E 129 6.34 -11.13 0.23
N LEU E 130 5.38 -11.41 -0.66
CA LEU E 130 3.94 -11.28 -0.35
CA LEU E 130 3.94 -11.28 -0.35
C LEU E 130 3.59 -9.89 0.14
N GLY E 131 4.28 -8.88 -0.39
CA GLY E 131 4.00 -7.51 -0.06
C GLY E 131 4.67 -6.97 1.18
N HIS E 132 5.45 -7.79 1.87
CA HIS E 132 6.07 -7.43 3.14
C HIS E 132 7.42 -6.75 2.95
N ASP E 133 8.06 -6.41 4.07
CA ASP E 133 9.39 -5.82 4.06
C ASP E 133 10.44 -6.92 3.98
N PHE E 134 11.20 -6.94 2.89
CA PHE E 134 12.25 -7.91 2.61
C PHE E 134 13.54 -7.11 2.57
N PRO E 135 14.40 -7.20 3.58
CA PRO E 135 15.64 -6.40 3.54
C PRO E 135 16.60 -6.92 2.49
N ALA E 136 17.03 -6.04 1.61
CA ALA E 136 18.07 -6.38 0.64
C ALA E 136 19.38 -6.36 1.41
N THR E 137 19.92 -7.53 1.69
CA THR E 137 20.98 -7.72 2.69
C THR E 137 22.21 -8.33 2.02
N ALA E 138 23.36 -7.69 2.23
CA ALA E 138 24.61 -8.20 1.72
C ALA E 138 25.03 -9.46 2.46
N ASN E 139 25.78 -10.30 1.78
CA ASN E 139 26.34 -11.49 2.39
C ASN E 139 27.43 -11.11 3.39
N PHE E 140 27.39 -11.69 4.59
CA PHE E 140 28.32 -11.26 5.63
C PHE E 140 29.79 -11.57 5.28
N GLU E 141 30.06 -12.73 4.69
CA GLU E 141 31.44 -13.03 4.30
C GLU E 141 31.97 -12.00 3.30
N VAL E 142 31.11 -11.54 2.40
CA VAL E 142 31.52 -10.50 1.45
C VAL E 142 31.78 -9.18 2.17
N VAL E 143 30.85 -8.75 3.04
CA VAL E 143 31.07 -7.53 3.80
C VAL E 143 32.39 -7.60 4.56
N SER E 144 32.59 -8.72 5.27
CA SER E 144 33.79 -8.88 6.09
CA SER E 144 33.79 -8.88 6.09
C SER E 144 35.05 -8.86 5.26
N ALA E 145 35.02 -9.47 4.06
CA ALA E 145 36.21 -9.47 3.21
C ALA E 145 36.55 -8.06 2.77
N LEU E 146 35.55 -7.26 2.43
CA LEU E 146 35.81 -5.88 2.05
C LEU E 146 36.36 -5.10 3.24
N VAL E 147 35.76 -5.28 4.42
CA VAL E 147 36.23 -4.56 5.60
C VAL E 147 37.67 -4.94 5.92
N GLU E 148 37.99 -6.22 5.85
CA GLU E 148 39.32 -6.67 6.24
C GLU E 148 40.35 -6.26 5.20
N SER E 149 39.96 -6.25 3.92
CA SER E 149 40.88 -5.83 2.88
C SER E 149 41.22 -4.35 3.05
N ALA E 150 40.21 -3.53 3.36
CA ALA E 150 40.48 -2.12 3.62
C ALA E 150 41.39 -1.94 4.83
N LYS E 151 41.15 -2.68 5.91
CA LYS E 151 42.03 -2.56 7.07
C LYS E 151 43.47 -2.90 6.71
N ALA E 152 43.68 -3.94 5.90
CA ALA E 152 45.03 -4.33 5.54
C ALA E 152 45.71 -3.28 4.67
N LEU E 153 44.93 -2.55 3.87
CA LEU E 153 45.44 -1.47 3.03
C LEU E 153 45.49 -0.14 3.77
N ASN E 154 45.10 -0.11 5.05
CA ASN E 154 45.09 1.12 5.85
CA ASN E 154 45.09 1.12 5.84
C ASN E 154 44.24 2.20 5.18
N ILE E 155 43.10 1.80 4.63
CA ILE E 155 42.13 2.71 4.03
C ILE E 155 40.91 2.76 4.94
N PRO E 156 40.54 3.91 5.51
CA PRO E 156 39.35 3.97 6.35
C PRO E 156 38.07 3.72 5.54
N THR E 157 37.11 3.07 6.19
CA THR E 157 35.81 2.81 5.58
C THR E 157 34.66 3.15 6.52
N GLN E 158 33.50 3.38 5.91
CA GLN E 158 32.23 3.50 6.59
C GLN E 158 31.42 2.28 6.22
N VAL E 159 30.74 1.67 7.18
CA VAL E 159 30.04 0.40 6.97
C VAL E 159 28.61 0.60 7.41
N GLY E 160 27.66 0.30 6.54
CA GLY E 160 26.28 0.51 6.93
C GLY E 160 25.34 0.50 5.73
N LYS E 161 24.18 1.13 5.92
CA LYS E 161 23.06 0.99 4.98
C LYS E 161 23.20 1.87 3.74
N ALA E 162 22.78 1.34 2.61
CA ALA E 162 22.56 2.12 1.39
C ALA E 162 21.06 2.30 1.18
N TYR E 163 20.75 3.20 0.25
CA TYR E 163 19.38 3.39 -0.23
C TYR E 163 19.44 3.43 -1.75
N SER E 164 18.69 2.55 -2.40
CA SER E 164 18.70 2.37 -3.85
C SER E 164 17.41 2.96 -4.40
N THR E 165 17.51 4.03 -5.17
CA THR E 165 16.32 4.69 -5.68
C THR E 165 16.19 4.42 -7.17
N ASP E 166 14.94 4.34 -7.63
CA ASP E 166 14.61 4.28 -9.05
C ASP E 166 14.73 5.63 -9.77
N ILE E 167 14.81 6.74 -9.02
CA ILE E 167 14.73 8.08 -9.62
C ILE E 167 15.98 8.88 -9.26
N PHE E 168 16.87 9.02 -10.26
CA PHE E 168 18.08 9.83 -10.06
C PHE E 168 17.71 11.30 -9.82
N TYR E 169 16.74 11.83 -10.57
CA TYR E 169 16.32 13.22 -10.45
C TYR E 169 15.13 13.34 -9.48
N SER E 170 15.45 13.14 -8.20
CA SER E 170 14.45 13.11 -7.15
C SER E 170 13.82 14.50 -6.98
N LYS E 171 12.52 14.49 -6.74
CA LYS E 171 11.76 15.69 -6.41
C LYS E 171 11.07 15.51 -5.07
N GLU E 172 11.53 14.55 -4.27
CA GLU E 172 10.81 14.07 -3.10
C GLU E 172 11.24 14.84 -1.86
N GLN E 173 10.33 15.59 -1.27
CA GLN E 173 10.64 16.41 -0.11
C GLN E 173 10.67 15.54 1.14
N GLY E 174 11.69 15.77 1.97
CA GLY E 174 11.83 15.09 3.24
C GLY E 174 12.60 13.80 3.21
N LEU E 175 12.86 13.27 2.02
CA LEU E 175 13.56 11.98 1.91
C LEU E 175 14.97 12.09 2.48
N ASN E 176 15.72 13.10 2.06
CA ASN E 176 17.13 13.17 2.47
C ASN E 176 17.23 13.29 3.98
N GLU E 177 16.33 14.07 4.59
CA GLU E 177 16.35 14.26 6.03
C GLU E 177 16.03 12.97 6.79
N ALA E 178 15.13 12.15 6.26
CA ALA E 178 14.82 10.87 6.88
C ALA E 178 15.97 9.90 6.72
N LEU E 179 16.59 9.85 5.53
CA LEU E 179 17.76 9.00 5.33
C LEU E 179 18.87 9.41 6.29
N ALA E 180 19.07 10.71 6.50
CA ALA E 180 20.12 11.16 7.41
C ALA E 180 19.80 10.79 8.84
N GLN E 181 18.53 10.92 9.23
CA GLN E 181 18.16 10.64 10.61
C GLN E 181 18.45 9.20 10.99
N TYR E 182 18.32 8.28 10.04
CA TYR E 182 18.54 6.86 10.29
C TYR E 182 19.91 6.39 9.82
N HIS E 183 20.78 7.33 9.46
CA HIS E 183 22.20 7.05 9.21
C HIS E 183 22.38 6.11 8.03
N PHE E 184 21.65 6.34 6.96
CA PHE E 184 21.98 5.74 5.67
C PHE E 184 23.24 6.42 5.15
N ILE E 185 24.24 5.62 4.76
CA ILE E 185 25.54 6.19 4.39
C ILE E 185 25.73 6.36 2.90
N ALA E 186 24.91 5.70 2.07
CA ALA E 186 25.12 5.73 0.63
C ALA E 186 23.79 5.76 -0.07
N VAL E 187 23.69 6.60 -1.10
CA VAL E 187 22.51 6.68 -1.96
C VAL E 187 22.98 6.34 -3.37
N GLU E 188 22.37 5.32 -3.94
CA GLU E 188 22.73 4.83 -5.27
C GLU E 188 21.46 4.24 -5.88
N MET E 189 21.59 3.40 -6.92
CA MET E 189 20.40 2.99 -7.66
C MET E 189 20.25 1.49 -7.88
N GLU E 190 21.17 0.65 -7.39
CA GLU E 190 21.13 -0.76 -7.80
C GLU E 190 21.23 -1.84 -6.72
N SER E 191 21.87 -1.57 -5.59
CA SER E 191 22.21 -2.69 -4.70
CA SER E 191 22.21 -2.66 -4.67
C SER E 191 20.98 -3.39 -4.16
N ALA E 192 19.87 -2.67 -3.93
CA ALA E 192 18.68 -3.31 -3.39
C ALA E 192 18.08 -4.33 -4.33
N GLY E 193 18.40 -4.26 -5.63
CA GLY E 193 17.93 -5.25 -6.58
C GLY E 193 18.84 -6.45 -6.64
N LEU E 194 20.13 -6.26 -6.32
CA LEU E 194 21.10 -7.34 -6.47
C LEU E 194 20.97 -8.36 -5.34
N PHE E 195 20.88 -7.88 -4.08
CA PHE E 195 21.00 -8.79 -2.95
C PHE E 195 19.90 -9.86 -2.92
N PRO E 196 18.63 -9.56 -3.22
CA PRO E 196 17.62 -10.63 -3.16
C PRO E 196 17.79 -11.67 -4.25
N ILE E 197 18.38 -11.32 -5.40
CA ILE E 197 18.60 -12.31 -6.45
C ILE E 197 19.71 -13.27 -6.03
N ALA E 198 20.76 -12.73 -5.41
CA ALA E 198 21.77 -13.61 -4.82
C ALA E 198 21.13 -14.58 -3.84
N ASP E 199 20.21 -14.10 -3.00
CA ASP E 199 19.51 -14.99 -2.07
C ASP E 199 18.77 -16.10 -2.81
N TYR E 200 18.00 -15.72 -3.84
CA TYR E 200 17.22 -16.71 -4.57
C TYR E 200 18.08 -17.86 -5.08
N TYR E 201 19.31 -17.56 -5.51
CA TYR E 201 20.20 -18.58 -6.06
C TYR E 201 21.14 -19.16 -5.03
N GLY E 202 20.93 -18.83 -3.75
CA GLY E 202 21.83 -19.35 -2.71
C GLY E 202 23.26 -18.91 -2.86
N ALA E 203 23.46 -17.70 -3.36
CA ALA E 203 24.78 -17.17 -3.72
C ALA E 203 25.04 -15.92 -2.90
N ARG E 204 26.13 -15.23 -3.22
CA ARG E 204 26.63 -14.15 -2.39
C ARG E 204 26.74 -12.87 -3.18
N ALA E 205 26.50 -11.75 -2.49
CA ALA E 205 26.63 -10.44 -3.11
C ALA E 205 27.01 -9.41 -2.07
N GLY E 206 27.66 -8.34 -2.53
CA GLY E 206 27.99 -7.23 -1.68
C GLY E 206 28.11 -6.00 -2.53
N CYS E 207 28.41 -4.87 -1.87
CA CYS E 207 28.57 -3.62 -2.58
C CYS E 207 29.54 -2.72 -1.84
N ILE E 208 30.38 -2.02 -2.61
CA ILE E 208 31.25 -0.98 -2.07
C ILE E 208 31.17 0.21 -3.01
N CYS E 209 31.09 1.43 -2.45
CA CYS E 209 30.94 2.65 -3.23
CA CYS E 209 31.03 2.62 -3.29
C CYS E 209 31.80 3.75 -2.64
N THR E 210 32.23 4.70 -3.47
CA THR E 210 32.93 5.88 -3.00
C THR E 210 31.98 7.07 -3.06
N VAL E 211 32.03 7.92 -2.04
CA VAL E 211 31.17 9.10 -1.95
C VAL E 211 31.70 10.19 -2.87
N SER E 212 30.92 10.54 -3.89
CA SER E 212 31.24 11.64 -4.80
C SER E 212 30.61 12.96 -4.38
N ASP E 213 29.50 12.92 -3.64
CA ASP E 213 28.74 14.12 -3.32
C ASP E 213 28.11 13.96 -1.95
N HIS E 214 28.09 15.05 -1.18
CA HIS E 214 27.29 15.15 0.02
C HIS E 214 26.00 15.86 -0.34
N ILE E 215 24.89 15.12 -0.35
CA ILE E 215 23.60 15.63 -0.80
C ILE E 215 23.09 16.76 0.09
N ILE E 216 23.48 16.78 1.38
CA ILE E 216 23.01 17.81 2.29
C ILE E 216 23.88 19.07 2.21
N THR E 217 25.18 18.91 2.47
CA THR E 217 26.09 20.05 2.53
C THR E 217 26.51 20.55 1.16
N HIS E 218 26.29 19.75 0.12
CA HIS E 218 26.63 20.06 -1.27
C HIS E 218 28.12 20.00 -1.56
N GLU E 219 28.94 19.52 -0.64
CA GLU E 219 30.33 19.26 -0.97
C GLU E 219 30.40 18.22 -2.09
N SER E 220 31.40 18.35 -2.95
CA SER E 220 31.52 17.50 -4.13
C SER E 220 33.00 17.22 -4.35
N ALA E 221 33.34 15.94 -4.55
CA ALA E 221 34.72 15.58 -4.79
C ALA E 221 35.20 16.15 -6.12
N THR E 222 36.44 16.64 -6.13
CA THR E 222 37.07 17.08 -7.35
C THR E 222 37.49 15.87 -8.18
N PRO E 223 37.79 16.07 -9.47
CA PRO E 223 38.17 14.90 -10.30
C PRO E 223 39.36 14.13 -9.73
N GLU E 224 40.35 14.82 -9.17
CA GLU E 224 41.51 14.13 -8.63
C GLU E 224 41.14 13.36 -7.37
N GLU E 225 40.21 13.89 -6.58
CA GLU E 225 39.73 13.14 -5.42
C GLU E 225 38.95 11.92 -5.86
N ARG E 226 38.20 12.03 -6.96
CA ARG E 226 37.45 10.88 -7.45
C ARG E 226 38.37 9.80 -7.98
N GLN E 227 39.50 10.19 -8.57
CA GLN E 227 40.44 9.18 -9.08
C GLN E 227 41.08 8.42 -7.92
N THR E 228 41.55 9.15 -6.91
CA THR E 228 42.09 8.51 -5.72
C THR E 228 41.06 7.60 -5.07
N SER E 229 39.81 8.09 -4.92
CA SER E 229 38.77 7.29 -4.29
C SER E 229 38.53 6.00 -5.06
N PHE E 230 38.45 6.11 -6.38
CA PHE E 230 38.24 4.93 -7.21
C PHE E 230 39.38 3.94 -7.04
N GLN E 231 40.61 4.42 -7.02
CA GLN E 231 41.76 3.51 -6.90
C GLN E 231 41.71 2.79 -5.56
N ASN E 232 41.39 3.50 -4.49
CA ASN E 232 41.26 2.85 -3.19
C ASN E 232 40.18 1.81 -3.20
N MET E 233 38.99 2.17 -3.70
CA MET E 233 37.86 1.25 -3.70
CA MET E 233 37.87 1.24 -3.67
C MET E 233 38.17 0.00 -4.50
N ILE E 234 38.74 0.17 -5.70
CA ILE E 234 38.92 -1.00 -6.55
C ILE E 234 39.99 -1.92 -5.96
N LYS E 235 41.03 -1.33 -5.35
CA LYS E 235 42.03 -2.14 -4.66
C LYS E 235 41.40 -2.92 -3.51
N ILE E 236 40.51 -2.30 -2.74
CA ILE E 236 39.83 -3.01 -1.66
C ILE E 236 39.05 -4.19 -2.23
N ALA E 237 38.29 -3.94 -3.30
CA ALA E 237 37.44 -4.99 -3.86
C ALA E 237 38.28 -6.12 -4.42
N LEU E 238 39.31 -5.79 -5.22
CA LEU E 238 40.15 -6.82 -5.81
C LEU E 238 40.81 -7.67 -4.74
N GLU E 239 41.37 -7.04 -3.71
CA GLU E 239 42.01 -7.81 -2.64
C GLU E 239 40.98 -8.66 -1.90
N ALA E 240 39.75 -8.17 -1.77
CA ALA E 240 38.70 -8.96 -1.12
C ALA E 240 38.40 -10.22 -1.92
N THR E 241 38.48 -10.17 -3.25
CA THR E 241 38.17 -11.35 -4.03
C THR E 241 39.13 -12.49 -3.73
N LEU E 242 40.37 -12.18 -3.32
CA LEU E 242 41.33 -13.23 -3.00
C LEU E 242 40.91 -14.00 -1.76
N LYS E 243 40.05 -13.43 -0.93
CA LYS E 243 39.62 -14.07 0.31
C LYS E 243 38.24 -14.68 0.20
N LEU E 244 37.67 -14.68 -1.00
CA LEU E 244 36.30 -15.13 -1.22
C LEU E 244 36.30 -16.33 -2.14
N ALA F 10 27.00 17.97 -20.81
CA ALA F 10 26.41 18.93 -19.88
C ALA F 10 25.60 18.22 -18.80
N THR F 11 25.60 16.88 -18.82
CA THR F 11 25.02 16.11 -17.73
C THR F 11 25.96 14.97 -17.35
N PRO F 12 25.73 14.29 -16.23
CA PRO F 12 26.61 13.17 -15.83
C PRO F 12 26.53 11.99 -16.77
N HIS F 13 25.52 11.91 -17.64
CA HIS F 13 25.29 10.74 -18.46
C HIS F 13 25.35 11.04 -19.94
N ASN F 14 25.69 12.28 -20.34
CA ASN F 14 25.55 12.71 -21.73
C ASN F 14 26.52 13.86 -21.93
N SER F 15 27.45 13.72 -22.88
CA SER F 15 28.40 14.79 -23.09
C SER F 15 27.91 15.86 -24.06
N ALA F 16 26.73 15.67 -24.65
CA ALA F 16 26.22 16.65 -25.59
C ALA F 16 25.90 17.96 -24.88
N LYS F 17 25.72 19.01 -25.68
CA LYS F 17 25.29 20.32 -25.20
C LYS F 17 23.98 20.71 -25.86
N VAL F 18 23.27 21.65 -25.24
CA VAL F 18 21.96 22.05 -25.78
C VAL F 18 22.13 22.51 -27.23
N GLY F 19 21.19 22.09 -28.07
CA GLY F 19 21.28 22.27 -29.51
C GLY F 19 21.86 21.09 -30.26
N ASP F 20 22.49 20.14 -29.56
CA ASP F 20 23.09 18.98 -30.21
C ASP F 20 22.06 17.92 -30.54
N PHE F 21 20.94 17.88 -29.83
CA PHE F 21 19.83 17.00 -30.16
C PHE F 21 18.77 17.78 -30.92
N ALA F 22 18.14 17.11 -31.87
CA ALA F 22 16.99 17.68 -32.53
C ALA F 22 15.81 17.74 -31.56
N GLU F 23 14.77 18.45 -31.97
CA GLU F 23 13.58 18.53 -31.12
C GLU F 23 12.83 17.21 -31.07
N THR F 24 13.04 16.34 -32.04
CA THR F 24 12.39 15.03 -32.09
C THR F 24 13.45 13.95 -31.98
N VAL F 25 13.22 12.98 -31.10
CA VAL F 25 14.21 11.95 -30.81
C VAL F 25 13.53 10.59 -30.80
N LEU F 26 14.05 9.65 -31.58
CA LEU F 26 13.70 8.25 -31.42
C LEU F 26 14.63 7.62 -30.40
N MET F 27 14.08 6.76 -29.54
CA MET F 27 14.93 6.07 -28.56
C MET F 27 14.60 4.59 -28.50
N CYS F 28 15.63 3.77 -28.33
CA CYS F 28 15.46 2.34 -28.12
C CYS F 28 16.38 1.92 -27.00
N GLY F 29 16.16 0.72 -26.46
CA GLY F 29 16.96 0.28 -25.33
C GLY F 29 18.42 0.04 -25.67
N ASP F 30 18.67 -0.58 -26.82
CA ASP F 30 20.02 -1.04 -27.17
C ASP F 30 20.77 0.06 -27.92
N PRO F 31 21.86 0.61 -27.37
CA PRO F 31 22.56 1.69 -28.07
C PRO F 31 23.11 1.24 -29.42
N LEU F 32 23.41 -0.05 -29.58
CA LEU F 32 23.86 -0.53 -30.88
C LEU F 32 22.73 -0.49 -31.91
N ARG F 33 21.48 -0.68 -31.47
CA ARG F 33 20.36 -0.51 -32.38
C ARG F 33 20.14 0.97 -32.71
N ALA F 34 20.42 1.86 -31.74
CA ALA F 34 20.41 3.28 -32.04
C ALA F 34 21.39 3.60 -33.16
N LYS F 35 22.60 3.04 -33.07
CA LYS F 35 23.58 3.25 -34.13
C LYS F 35 23.10 2.69 -35.46
N LEU F 36 22.49 1.50 -35.44
CA LEU F 36 21.97 0.94 -36.68
C LEU F 36 20.94 1.87 -37.32
N ILE F 37 20.09 2.49 -36.50
CA ILE F 37 19.05 3.36 -37.03
C ILE F 37 19.67 4.61 -37.66
N ALA F 38 20.63 5.21 -36.96
CA ALA F 38 21.31 6.38 -37.51
C ALA F 38 22.07 6.05 -38.77
N ASP F 39 22.77 4.92 -38.78
CA ASP F 39 23.61 4.58 -39.94
C ASP F 39 22.77 4.34 -41.18
N ASN F 40 21.63 3.68 -41.02
CA ASN F 40 20.84 3.20 -42.15
C ASN F 40 19.71 4.13 -42.53
N TYR F 41 19.31 5.07 -41.66
CA TYR F 41 18.16 5.90 -41.94
C TYR F 41 18.39 7.40 -41.82
N LEU F 42 19.43 7.85 -41.13
CA LEU F 42 19.68 9.29 -40.98
C LEU F 42 20.72 9.76 -41.99
N GLU F 43 20.45 10.91 -42.59
CA GLU F 43 21.40 11.61 -43.45
C GLU F 43 22.23 12.57 -42.60
N ASN F 44 23.51 12.75 -42.99
CA ASN F 44 24.43 13.68 -42.34
CA ASN F 44 24.40 13.70 -42.33
C ASN F 44 24.43 13.50 -40.82
N ALA F 45 24.52 12.24 -40.39
CA ALA F 45 24.41 11.92 -38.98
C ALA F 45 25.74 12.11 -38.26
N LYS F 46 25.69 12.77 -37.11
CA LYS F 46 26.83 12.99 -36.22
C LYS F 46 26.56 12.29 -34.90
N GLN F 47 27.56 11.64 -34.35
CA GLN F 47 27.45 11.08 -33.01
C GLN F 47 27.59 12.21 -32.01
N VAL F 48 26.63 12.31 -31.09
CA VAL F 48 26.61 13.37 -30.09
C VAL F 48 26.77 12.88 -28.66
N ASN F 49 26.79 11.56 -28.43
CA ASN F 49 27.04 11.05 -27.09
C ASN F 49 27.55 9.62 -27.17
N SER F 50 28.45 9.28 -26.24
CA SER F 50 28.84 7.88 -26.06
C SER F 50 29.15 7.57 -24.59
N VAL F 51 28.87 8.49 -23.67
CA VAL F 51 29.03 8.22 -22.24
C VAL F 51 28.28 6.95 -21.86
N ARG F 52 28.95 6.05 -21.14
CA ARG F 52 28.41 4.78 -20.68
C ARG F 52 28.04 3.86 -21.83
N GLY F 53 28.61 4.12 -23.00
CA GLY F 53 28.26 3.38 -24.20
C GLY F 53 26.90 3.70 -24.77
N MET F 54 26.21 4.71 -24.23
CA MET F 54 24.81 4.96 -24.61
C MET F 54 24.79 5.91 -25.81
N LEU F 55 25.02 5.31 -26.98
CA LEU F 55 25.23 6.09 -28.20
C LEU F 55 24.00 6.90 -28.59
N GLY F 56 24.22 8.16 -28.96
CA GLY F 56 23.17 9.00 -29.53
C GLY F 56 23.72 9.73 -30.73
N PHE F 57 22.81 10.09 -31.65
CA PHE F 57 23.15 10.62 -32.96
C PHE F 57 22.12 11.66 -33.39
N THR F 58 22.57 12.64 -34.19
CA THR F 58 21.69 13.67 -34.72
C THR F 58 21.98 13.84 -36.21
N GLY F 59 20.95 13.71 -37.02
CA GLY F 59 21.05 13.94 -38.46
C GLY F 59 19.73 14.47 -38.97
N THR F 60 19.37 14.06 -40.19
CA THR F 60 18.07 14.42 -40.75
C THR F 60 17.42 13.17 -41.32
N TYR F 61 16.08 13.18 -41.34
CA TYR F 61 15.31 12.19 -42.08
C TYR F 61 14.43 12.95 -43.06
N LYS F 62 14.65 12.72 -44.37
CA LYS F 62 13.92 13.45 -45.41
C LYS F 62 13.90 14.96 -45.13
N GLY F 63 15.05 15.49 -44.72
CA GLY F 63 15.24 16.91 -44.58
C GLY F 63 14.98 17.48 -43.21
N LYS F 64 14.31 16.74 -42.32
CA LYS F 64 13.91 17.29 -41.03
C LYS F 64 14.90 16.83 -39.95
N PRO F 65 15.33 17.72 -39.07
CA PRO F 65 16.25 17.32 -37.99
C PRO F 65 15.67 16.18 -37.17
N LEU F 66 16.49 15.17 -36.89
CA LEU F 66 16.03 14.03 -36.11
C LEU F 66 17.21 13.42 -35.37
N SER F 67 16.99 13.02 -34.12
CA SER F 67 18.00 12.33 -33.35
C SER F 67 17.55 10.93 -32.97
N VAL F 68 18.51 10.09 -32.59
CA VAL F 68 18.25 8.72 -32.17
C VAL F 68 19.27 8.33 -31.12
N MET F 69 18.81 7.80 -30.00
CA MET F 69 19.72 7.51 -28.89
C MET F 69 19.21 6.34 -28.07
N GLY F 70 20.13 5.58 -27.52
CA GLY F 70 19.76 4.48 -26.65
C GLY F 70 19.27 5.01 -25.32
N HIS F 71 18.43 4.20 -24.66
CA HIS F 71 17.96 4.54 -23.32
C HIS F 71 18.24 3.48 -22.27
N GLY F 72 18.85 2.37 -22.63
CA GLY F 72 19.14 1.34 -21.63
C GLY F 72 17.89 0.57 -21.25
N MET F 73 18.04 -0.33 -20.27
CA MET F 73 16.93 -1.20 -19.89
C MET F 73 16.31 -0.77 -18.57
N GLY F 74 15.01 -0.54 -18.57
CA GLY F 74 14.25 -0.33 -17.37
C GLY F 74 13.84 1.13 -17.19
N ILE F 75 12.81 1.29 -16.36
CA ILE F 75 12.29 2.63 -16.06
C ILE F 75 13.37 3.54 -15.48
N PRO F 76 14.17 3.13 -14.51
CA PRO F 76 15.17 4.08 -13.98
C PRO F 76 16.14 4.59 -15.02
N SER F 77 16.53 3.72 -15.94
CA SER F 77 17.48 4.11 -16.99
C SER F 77 16.84 5.11 -17.96
N ILE F 78 15.68 4.78 -18.53
CA ILE F 78 15.05 5.71 -19.45
C ILE F 78 14.72 7.03 -18.74
N SER F 79 14.39 6.98 -17.45
CA SER F 79 14.04 8.21 -16.76
C SER F 79 15.22 9.17 -16.72
N ILE F 80 16.44 8.67 -16.47
CA ILE F 80 17.62 9.53 -16.49
C ILE F 80 17.77 10.19 -17.86
N TYR F 81 17.76 9.39 -18.92
CA TYR F 81 18.04 9.91 -20.25
C TYR F 81 16.94 10.86 -20.73
N ALA F 82 15.68 10.50 -20.48
CA ALA F 82 14.55 11.32 -20.94
C ALA F 82 14.42 12.61 -20.15
N GLU F 83 14.56 12.56 -18.83
CA GLU F 83 14.55 13.79 -18.04
C GLU F 83 15.58 14.76 -18.60
N GLU F 84 16.78 14.29 -18.88
CA GLU F 84 17.82 15.16 -19.41
C GLU F 84 17.46 15.68 -20.79
N LEU F 85 16.93 14.82 -21.65
CA LEU F 85 16.62 15.27 -23.01
C LEU F 85 15.59 16.40 -22.97
N TYR F 86 14.52 16.24 -22.18
CA TYR F 86 13.50 17.29 -22.13
C TYR F 86 14.02 18.54 -21.39
N ASN F 87 14.77 18.35 -20.32
CA ASN F 87 15.16 19.48 -19.47
C ASN F 87 16.36 20.23 -20.04
N VAL F 88 17.47 19.53 -20.21
CA VAL F 88 18.71 20.17 -20.66
C VAL F 88 18.71 20.38 -22.16
N TYR F 89 18.31 19.36 -22.91
CA TYR F 89 18.43 19.42 -24.35
C TYR F 89 17.19 19.99 -25.04
N LYS F 90 16.15 20.33 -24.28
CA LYS F 90 14.97 21.03 -24.82
C LYS F 90 14.30 20.23 -25.94
N VAL F 91 14.38 18.90 -25.85
CA VAL F 91 13.64 18.04 -26.76
C VAL F 91 12.14 18.25 -26.54
N LYS F 92 11.38 18.18 -27.62
CA LYS F 92 9.92 18.35 -27.56
C LYS F 92 9.15 17.05 -27.73
N THR F 93 9.70 16.08 -28.46
CA THR F 93 9.01 14.84 -28.77
C THR F 93 9.98 13.67 -28.70
N ILE F 94 9.64 12.63 -27.94
CA ILE F 94 10.40 11.39 -27.90
C ILE F 94 9.48 10.24 -28.31
N ILE F 95 9.89 9.46 -29.31
CA ILE F 95 9.17 8.26 -29.70
C ILE F 95 10.05 7.07 -29.32
N ARG F 96 9.58 6.27 -28.37
CA ARG F 96 10.28 5.04 -28.04
C ARG F 96 9.97 3.97 -29.08
N VAL F 97 11.01 3.31 -29.58
CA VAL F 97 10.87 2.22 -30.55
C VAL F 97 11.55 1.01 -29.94
N GLY F 98 10.92 -0.15 -30.06
CA GLY F 98 11.47 -1.33 -29.40
C GLY F 98 10.75 -2.60 -29.79
N THR F 99 11.05 -3.66 -29.05
CA THR F 99 10.36 -4.93 -29.18
C THR F 99 9.55 -5.19 -27.92
N CYS F 100 8.59 -6.10 -28.01
CA CYS F 100 7.75 -6.39 -26.85
C CYS F 100 7.29 -7.84 -26.93
N GLY F 101 6.82 -8.34 -25.80
CA GLY F 101 6.02 -9.54 -25.77
C GLY F 101 4.55 -9.17 -25.82
N THR F 102 3.69 -10.17 -26.01
CA THR F 102 2.26 -9.95 -25.88
C THR F 102 1.61 -11.13 -25.18
N VAL F 103 0.52 -10.86 -24.47
CA VAL F 103 -0.35 -11.90 -23.96
C VAL F 103 -1.72 -11.90 -24.61
N ASP F 104 -2.04 -10.92 -25.45
CA ASP F 104 -3.41 -10.77 -25.94
C ASP F 104 -3.73 -11.90 -26.91
N PRO F 105 -4.89 -12.55 -26.78
CA PRO F 105 -5.18 -13.72 -27.63
C PRO F 105 -5.29 -13.38 -29.11
N ASN F 106 -5.50 -12.11 -29.44
CA ASN F 106 -5.68 -11.68 -30.82
C ASN F 106 -4.51 -10.85 -31.32
N VAL F 107 -3.40 -10.84 -30.60
CA VAL F 107 -2.16 -10.23 -31.05
C VAL F 107 -1.16 -11.36 -31.29
N HIS F 108 -0.40 -11.26 -32.35
CA HIS F 108 0.50 -12.32 -32.78
C HIS F 108 1.90 -11.77 -33.00
N VAL F 109 2.88 -12.68 -32.92
CA VAL F 109 4.23 -12.33 -33.30
C VAL F 109 4.22 -11.69 -34.68
N ARG F 110 5.05 -10.66 -34.86
CA ARG F 110 5.17 -9.80 -36.03
C ARG F 110 4.21 -8.62 -36.01
N ASP F 111 3.24 -8.59 -35.10
CA ASP F 111 2.33 -7.46 -35.07
C ASP F 111 3.06 -6.21 -34.60
N VAL F 112 2.62 -5.06 -35.10
CA VAL F 112 3.16 -3.76 -34.70
C VAL F 112 2.18 -3.12 -33.73
N CYS F 113 2.66 -2.70 -32.56
CA CYS F 113 1.82 -2.21 -31.47
C CYS F 113 2.13 -0.74 -31.24
N ILE F 114 1.12 0.11 -31.36
CA ILE F 114 1.24 1.53 -31.04
C ILE F 114 0.59 1.74 -29.66
N VAL F 115 1.34 2.31 -28.72
CA VAL F 115 0.93 2.35 -27.32
C VAL F 115 0.18 3.63 -27.01
N THR F 116 -1.03 3.49 -26.47
CA THR F 116 -1.78 4.67 -26.03
C THR F 116 -1.53 5.00 -24.56
N ALA F 117 -1.23 3.99 -23.75
CA ALA F 117 -0.97 4.17 -22.31
C ALA F 117 -0.29 2.90 -21.83
N SER F 118 0.43 2.99 -20.71
CA SER F 118 1.15 1.83 -20.20
CA SER F 118 1.17 1.84 -20.20
C SER F 118 0.97 1.71 -18.70
N GLY F 119 0.57 0.51 -18.26
CA GLY F 119 0.54 0.16 -16.86
C GLY F 119 1.93 -0.21 -16.37
N THR F 120 2.05 -0.48 -15.07
CA THR F 120 3.37 -0.78 -14.53
C THR F 120 3.25 -1.38 -13.15
N ASP F 121 4.32 -2.08 -12.76
CA ASP F 121 4.55 -2.55 -11.40
C ASP F 121 5.59 -1.71 -10.68
N SER F 122 6.03 -0.63 -11.30
CA SER F 122 6.93 0.33 -10.70
C SER F 122 6.15 1.28 -9.80
N ASN F 123 6.86 1.86 -8.84
CA ASN F 123 6.32 2.87 -7.93
CA ASN F 123 6.30 2.86 -7.95
C ASN F 123 6.52 4.29 -8.42
N VAL F 124 7.16 4.52 -9.57
CA VAL F 124 7.59 5.88 -9.89
C VAL F 124 6.41 6.82 -10.11
N ASN F 125 5.29 6.32 -10.63
CA ASN F 125 4.17 7.19 -10.95
C ASN F 125 3.31 7.47 -9.73
N ARG F 126 3.13 6.48 -8.84
CA ARG F 126 2.48 6.77 -7.57
C ARG F 126 3.22 7.86 -6.82
N MET F 127 4.56 7.85 -6.88
CA MET F 127 5.32 8.86 -6.15
CA MET F 127 5.34 8.86 -6.17
C MET F 127 5.15 10.26 -6.73
N ARG F 128 4.72 10.37 -7.99
CA ARG F 128 4.48 11.66 -8.60
C ARG F 128 3.09 12.22 -8.30
N LEU F 129 2.15 11.39 -7.87
CA LEU F 129 0.75 11.83 -7.75
C LEU F 129 0.16 11.42 -6.42
N LEU F 130 0.91 11.65 -5.35
CA LEU F 130 0.40 11.53 -3.98
C LEU F 130 -0.11 10.12 -3.69
N GLY F 131 0.53 9.14 -4.29
CA GLY F 131 0.21 7.75 -4.08
C GLY F 131 -0.90 7.20 -4.93
N HIS F 132 -1.50 8.01 -5.78
CA HIS F 132 -2.70 7.64 -6.53
C HIS F 132 -2.32 7.00 -7.88
N ASP F 133 -3.32 6.66 -8.67
CA ASP F 133 -3.15 6.06 -10.00
C ASP F 133 -2.97 7.19 -11.01
N PHE F 134 -1.79 7.23 -11.61
CA PHE F 134 -1.38 8.23 -12.58
C PHE F 134 -1.14 7.46 -13.86
N PRO F 135 -2.04 7.55 -14.85
CA PRO F 135 -1.83 6.75 -16.07
C PRO F 135 -0.70 7.34 -16.90
N ALA F 136 0.27 6.49 -17.22
CA ALA F 136 1.34 6.84 -18.16
C ALA F 136 0.73 6.84 -19.54
N THR F 137 0.52 8.02 -20.12
CA THR F 137 -0.36 8.19 -21.28
C THR F 137 0.43 8.81 -22.42
N ALA F 138 0.36 8.19 -23.58
CA ALA F 138 1.03 8.74 -24.76
C ALA F 138 0.29 9.98 -25.23
N ASN F 139 1.05 10.92 -25.80
CA ASN F 139 0.47 12.10 -26.41
C ASN F 139 -0.32 11.72 -27.64
N PHE F 140 -1.52 12.30 -27.77
CA PHE F 140 -2.40 11.86 -28.85
C PHE F 140 -1.85 12.22 -30.23
N GLU F 141 -1.23 13.38 -30.38
CA GLU F 141 -0.68 13.72 -31.70
C GLU F 141 0.36 12.70 -32.12
N VAL F 142 1.12 12.16 -31.17
CA VAL F 142 2.14 11.17 -31.51
C VAL F 142 1.48 9.85 -31.90
N VAL F 143 0.53 9.38 -31.09
CA VAL F 143 -0.20 8.15 -31.41
C VAL F 143 -0.80 8.26 -32.81
N SER F 144 -1.52 9.35 -33.05
CA SER F 144 -2.17 9.56 -34.36
CA SER F 144 -2.17 9.55 -34.35
C SER F 144 -1.16 9.56 -35.49
N ALA F 145 0.00 10.20 -35.29
CA ALA F 145 0.98 10.24 -36.37
C ALA F 145 1.49 8.85 -36.69
N LEU F 146 1.71 8.02 -35.66
CA LEU F 146 2.14 6.64 -35.89
C LEU F 146 1.05 5.84 -36.59
N VAL F 147 -0.20 5.99 -36.16
CA VAL F 147 -1.27 5.23 -36.78
C VAL F 147 -1.43 5.60 -38.25
N GLU F 148 -1.40 6.90 -38.54
CA GLU F 148 -1.58 7.36 -39.91
C GLU F 148 -0.40 6.99 -40.78
N SER F 149 0.81 6.99 -40.22
CA SER F 149 1.97 6.60 -41.03
C SER F 149 1.89 5.13 -41.41
N ALA F 150 1.43 4.29 -40.49
CA ALA F 150 1.26 2.87 -40.79
C ALA F 150 0.20 2.67 -41.85
N LYS F 151 -0.90 3.41 -41.75
CA LYS F 151 -1.94 3.35 -42.77
C LYS F 151 -1.37 3.71 -44.13
N ALA F 152 -0.59 4.79 -44.21
CA ALA F 152 -0.03 5.21 -45.49
C ALA F 152 0.90 4.15 -46.08
N LEU F 153 1.53 3.35 -45.22
CA LEU F 153 2.46 2.31 -45.65
C LEU F 153 1.80 0.95 -45.79
N ASN F 154 0.49 0.86 -45.54
CA ASN F 154 -0.25 -0.40 -45.67
C ASN F 154 0.29 -1.49 -44.74
N ILE F 155 0.65 -1.10 -43.53
CA ILE F 155 1.12 -2.03 -42.50
C ILE F 155 0.04 -2.08 -41.42
N PRO F 156 -0.54 -3.25 -41.12
CA PRO F 156 -1.52 -3.33 -40.04
C PRO F 156 -0.87 -2.99 -38.70
N THR F 157 -1.66 -2.42 -37.79
CA THR F 157 -1.19 -2.12 -36.45
C THR F 157 -2.26 -2.49 -35.43
N GLN F 158 -1.79 -2.72 -34.22
CA GLN F 158 -2.61 -2.88 -33.02
C GLN F 158 -2.38 -1.65 -32.17
N VAL F 159 -3.44 -1.07 -31.64
CA VAL F 159 -3.36 0.19 -30.92
C VAL F 159 -3.98 -0.04 -29.55
N GLY F 160 -3.23 0.20 -28.48
CA GLY F 160 -3.77 -0.07 -27.17
C GLY F 160 -2.71 -0.01 -26.08
N LYS F 161 -3.03 -0.66 -24.97
CA LYS F 161 -2.26 -0.51 -23.73
C LYS F 161 -1.02 -1.39 -23.72
N ALA F 162 0.07 -0.86 -23.18
CA ALA F 162 1.25 -1.64 -22.85
C ALA F 162 1.30 -1.84 -21.34
N TYR F 163 2.22 -2.70 -20.92
CA TYR F 163 2.50 -2.90 -19.50
C TYR F 163 4.01 -2.91 -19.36
N SER F 164 4.54 -2.02 -18.52
CA SER F 164 5.98 -1.85 -18.33
C SER F 164 6.38 -2.46 -16.99
N THR F 165 7.20 -3.50 -17.03
CA THR F 165 7.58 -4.20 -15.81
C THR F 165 9.03 -3.89 -15.47
N ASP F 166 9.31 -3.85 -14.16
CA ASP F 166 10.67 -3.75 -13.65
C ASP F 166 11.41 -5.09 -13.69
N ILE F 167 10.73 -6.21 -13.93
CA ILE F 167 11.32 -7.54 -13.76
C ILE F 167 11.14 -8.32 -15.05
N PHE F 168 12.23 -8.45 -15.80
CA PHE F 168 12.24 -9.27 -17.02
C PHE F 168 11.95 -10.72 -16.68
N TYR F 169 12.61 -11.22 -15.64
CA TYR F 169 12.48 -12.62 -15.24
C TYR F 169 11.35 -12.78 -14.23
N SER F 170 10.13 -12.58 -14.74
CA SER F 170 8.95 -12.58 -13.88
C SER F 170 8.68 -13.97 -13.30
N LYS F 171 8.33 -13.98 -12.02
CA LYS F 171 7.91 -15.17 -11.29
C LYS F 171 6.47 -15.03 -10.80
N GLU F 172 5.72 -14.09 -11.35
CA GLU F 172 4.45 -13.66 -10.78
C GLU F 172 3.28 -14.45 -11.37
N GLN F 173 2.58 -15.21 -10.52
CA GLN F 173 1.48 -16.03 -10.98
C GLN F 173 0.24 -15.18 -11.16
N GLY F 174 -0.48 -15.44 -12.26
CA GLY F 174 -1.73 -14.76 -12.54
C GLY F 174 -1.59 -13.46 -13.31
N LEU F 175 -0.37 -12.94 -13.46
CA LEU F 175 -0.19 -11.65 -14.12
C LEU F 175 -0.59 -11.73 -15.58
N ASN F 176 -0.05 -12.71 -16.32
CA ASN F 176 -0.33 -12.79 -17.74
C ASN F 176 -1.82 -12.91 -18.01
N GLU F 177 -2.53 -13.66 -17.16
CA GLU F 177 -3.94 -13.91 -17.37
C GLU F 177 -4.75 -12.63 -17.18
N ALA F 178 -4.37 -11.80 -16.20
CA ALA F 178 -5.05 -10.51 -16.00
C ALA F 178 -4.74 -9.53 -17.13
N LEU F 179 -3.47 -9.47 -17.54
CA LEU F 179 -3.13 -8.63 -18.68
C LEU F 179 -3.94 -9.02 -19.91
N ALA F 180 -4.11 -10.32 -20.13
CA ALA F 180 -4.88 -10.76 -21.29
C ALA F 180 -6.35 -10.39 -21.15
N GLN F 181 -6.91 -10.57 -19.95
CA GLN F 181 -8.33 -10.32 -19.77
CA GLN F 181 -8.33 -10.31 -19.76
C GLN F 181 -8.69 -8.88 -20.10
N TYR F 182 -7.79 -7.94 -19.82
CA TYR F 182 -8.02 -6.53 -20.06
C TYR F 182 -7.33 -6.05 -21.34
N HIS F 183 -6.88 -6.97 -22.16
CA HIS F 183 -6.44 -6.67 -23.53
C HIS F 183 -5.26 -5.68 -23.54
N PHE F 184 -4.29 -5.92 -22.66
CA PHE F 184 -3.00 -5.29 -22.85
C PHE F 184 -2.32 -5.95 -24.04
N ILE F 185 -1.82 -5.14 -24.96
CA ILE F 185 -1.29 -5.68 -26.21
C ILE F 185 0.23 -5.86 -26.21
N ALA F 186 0.95 -5.18 -25.31
CA ALA F 186 2.41 -5.20 -25.32
C ALA F 186 2.95 -5.25 -23.89
N VAL F 187 3.98 -6.06 -23.71
CA VAL F 187 4.71 -6.12 -22.45
C VAL F 187 6.15 -5.71 -22.75
N GLU F 188 6.61 -4.71 -22.02
CA GLU F 188 7.98 -4.21 -22.18
C GLU F 188 8.40 -3.62 -20.84
N MET F 189 9.42 -2.74 -20.83
CA MET F 189 10.03 -2.34 -19.57
C MET F 189 10.23 -0.83 -19.37
N GLU F 190 9.84 0.03 -20.31
CA GLU F 190 10.22 1.44 -20.18
C GLU F 190 9.12 2.48 -20.39
N SER F 191 8.09 2.19 -21.20
CA SER F 191 7.22 3.27 -21.63
CA SER F 191 7.17 3.24 -21.64
C SER F 191 6.51 3.94 -20.47
N ALA F 192 6.16 3.20 -19.42
CA ALA F 192 5.44 3.80 -18.30
C ALA F 192 6.29 4.82 -17.56
N GLY F 193 7.62 4.77 -17.70
CA GLY F 193 8.46 5.79 -17.10
C GLY F 193 8.64 7.03 -17.95
N LEU F 194 8.51 6.86 -19.26
CA LEU F 194 8.72 7.96 -20.20
C LEU F 194 7.57 8.96 -20.21
N PHE F 195 6.33 8.47 -20.30
CA PHE F 195 5.20 9.36 -20.54
C PHE F 195 5.01 10.40 -19.43
N PRO F 196 5.17 10.08 -18.15
CA PRO F 196 4.98 11.12 -17.13
C PRO F 196 6.07 12.16 -17.12
N ILE F 197 7.28 11.83 -17.60
CA ILE F 197 8.34 12.81 -17.67
C ILE F 197 8.05 13.81 -18.76
N ALA F 198 7.57 13.32 -19.90
CA ALA F 198 7.11 14.22 -20.95
C ALA F 198 6.02 15.16 -20.41
N ASP F 199 5.08 14.63 -19.61
CA ASP F 199 4.03 15.47 -19.03
C ASP F 199 4.66 16.58 -18.19
N TYR F 200 5.62 16.23 -17.32
CA TYR F 200 6.23 17.21 -16.42
C TYR F 200 6.78 18.41 -17.19
N TYR F 201 7.40 18.17 -18.34
CA TYR F 201 8.02 19.22 -19.13
C TYR F 201 7.07 19.80 -20.18
N GLY F 202 5.78 19.45 -20.13
CA GLY F 202 4.86 19.96 -21.12
C GLY F 202 5.20 19.53 -22.53
N ALA F 203 5.82 18.35 -22.68
CA ALA F 203 6.31 17.82 -23.95
C ALA F 203 5.50 16.57 -24.36
N ARG F 204 5.96 15.92 -25.43
CA ARG F 204 5.22 14.84 -26.06
C ARG F 204 6.04 13.56 -26.08
N ALA F 205 5.36 12.44 -25.88
CA ALA F 205 6.01 11.14 -26.03
C ALA F 205 5.02 10.12 -26.56
N GLY F 206 5.57 9.07 -27.17
CA GLY F 206 4.82 7.92 -27.64
C GLY F 206 5.73 6.70 -27.69
N CYS F 207 5.15 5.58 -28.08
CA CYS F 207 5.89 4.33 -28.15
C CYS F 207 5.28 3.45 -29.24
N ILE F 208 6.14 2.77 -29.98
CA ILE F 208 5.75 1.75 -30.94
C ILE F 208 6.70 0.58 -30.77
N CYS F 209 6.17 -0.63 -30.80
CA CYS F 209 6.95 -1.84 -30.58
CA CYS F 209 7.01 -1.80 -30.66
C CYS F 209 6.44 -2.95 -31.49
N THR F 210 7.32 -3.86 -31.87
CA THR F 210 6.93 -5.05 -32.60
C THR F 210 6.98 -6.26 -31.68
N VAL F 211 6.03 -7.17 -31.88
CA VAL F 211 5.90 -8.35 -31.03
C VAL F 211 6.90 -9.40 -31.47
N SER F 212 7.85 -9.71 -30.59
CA SER F 212 8.82 -10.78 -30.82
C SER F 212 8.36 -12.11 -30.26
N ASP F 213 7.52 -12.09 -29.23
CA ASP F 213 7.15 -13.30 -28.51
C ASP F 213 5.72 -13.21 -28.05
N HIS F 214 5.00 -14.31 -28.16
CA HIS F 214 3.71 -14.45 -27.50
C HIS F 214 3.97 -15.20 -26.20
N ILE F 215 3.73 -14.50 -25.09
CA ILE F 215 4.07 -15.02 -23.77
C ILE F 215 3.19 -16.21 -23.39
N ILE F 216 2.00 -16.30 -23.95
CA ILE F 216 1.04 -17.36 -23.61
C ILE F 216 1.19 -18.55 -24.54
N THR F 217 1.26 -18.33 -25.85
CA THR F 217 1.35 -19.43 -26.79
C THR F 217 2.77 -19.91 -27.02
N HIS F 218 3.76 -19.14 -26.59
CA HIS F 218 5.18 -19.46 -26.72
C HIS F 218 5.68 -19.40 -28.15
N GLU F 219 4.90 -18.82 -29.06
CA GLU F 219 5.38 -18.54 -30.41
C GLU F 219 6.45 -17.45 -30.33
N SER F 220 7.48 -17.59 -31.17
CA SER F 220 8.57 -16.63 -31.19
C SER F 220 8.96 -16.34 -32.63
N ALA F 221 9.36 -15.10 -32.88
CA ALA F 221 9.68 -14.66 -34.23
C ALA F 221 11.04 -15.20 -34.66
N THR F 222 11.15 -15.55 -35.93
CA THR F 222 12.41 -16.02 -36.49
C THR F 222 13.33 -14.84 -36.74
N PRO F 223 14.60 -15.09 -37.07
CA PRO F 223 15.48 -13.97 -37.44
C PRO F 223 14.95 -13.16 -38.61
N GLU F 224 14.45 -13.83 -39.65
CA GLU F 224 13.88 -13.11 -40.78
C GLU F 224 12.68 -12.27 -40.35
N GLU F 225 11.83 -12.84 -39.49
CA GLU F 225 10.63 -12.12 -39.09
C GLU F 225 10.99 -10.89 -38.26
N ARG F 226 12.02 -11.00 -37.41
CA ARG F 226 12.45 -9.84 -36.63
C ARG F 226 13.00 -8.74 -37.52
N GLN F 227 13.68 -9.09 -38.61
CA GLN F 227 14.17 -8.06 -39.52
C GLN F 227 13.02 -7.35 -40.21
N THR F 228 12.06 -8.11 -40.76
CA THR F 228 10.91 -7.50 -41.41
C THR F 228 10.14 -6.61 -40.42
N SER F 229 9.95 -7.10 -39.19
CA SER F 229 9.20 -6.32 -38.20
C SER F 229 9.93 -5.02 -37.87
N PHE F 230 11.25 -5.11 -37.61
CA PHE F 230 12.01 -3.91 -37.30
C PHE F 230 11.94 -2.91 -38.44
N GLN F 231 12.08 -3.37 -39.68
CA GLN F 231 12.05 -2.45 -40.80
C GLN F 231 10.69 -1.79 -40.93
N ASN F 232 9.61 -2.54 -40.71
CA ASN F 232 8.27 -1.96 -40.73
C ASN F 232 8.13 -0.90 -39.64
N MET F 233 8.50 -1.23 -38.40
CA MET F 233 8.31 -0.31 -37.29
C MET F 233 9.13 0.95 -37.45
N ILE F 234 10.39 0.82 -37.84
CA ILE F 234 11.23 2.01 -37.92
C ILE F 234 10.74 2.93 -39.03
N LYS F 235 10.26 2.36 -40.14
CA LYS F 235 9.72 3.21 -41.20
C LYS F 235 8.49 3.97 -40.73
N ILE F 236 7.62 3.32 -39.96
CA ILE F 236 6.45 4.00 -39.40
C ILE F 236 6.88 5.16 -38.52
N ALA F 237 7.84 4.91 -37.62
CA ALA F 237 8.27 5.96 -36.70
C ALA F 237 8.92 7.12 -37.45
N LEU F 238 9.80 6.81 -38.41
CA LEU F 238 10.47 7.87 -39.16
C LEU F 238 9.47 8.72 -39.93
N GLU F 239 8.54 8.07 -40.63
CA GLU F 239 7.51 8.83 -41.35
C GLU F 239 6.62 9.62 -40.41
N ALA F 240 6.42 9.14 -39.18
CA ALA F 240 5.60 9.89 -38.23
C ALA F 240 6.31 11.18 -37.82
N THR F 241 7.63 11.15 -37.70
CA THR F 241 8.36 12.35 -37.28
C THR F 241 8.13 13.51 -38.25
N LEU F 242 7.93 13.19 -39.54
CA LEU F 242 7.66 14.22 -40.53
C LEU F 242 6.38 14.97 -40.23
N LYS F 243 5.41 14.31 -39.60
CA LYS F 243 4.12 14.91 -39.29
C LYS F 243 4.09 15.51 -37.90
N LEU F 244 5.21 15.48 -37.17
CA LEU F 244 5.27 15.94 -35.80
C LEU F 244 6.24 17.11 -35.66
C1 GOL G . 0.74 -0.28 26.42
O1 GOL G . -0.16 -1.29 26.80
C2 GOL G . 0.81 0.77 27.52
O2 GOL G . -0.48 1.33 27.70
C3 GOL G . 1.87 1.81 27.18
O3 GOL G . 2.09 2.62 28.31
N1 EPE H . 11.71 -19.40 26.76
C2 EPE H . 11.15 -20.14 25.64
C3 EPE H . 10.22 -21.27 26.11
N4 EPE H . 10.91 -22.12 27.05
C5 EPE H . 11.32 -21.31 28.18
C6 EPE H . 12.33 -20.29 27.71
C7 EPE H . 10.08 -23.24 27.51
C8 EPE H . 10.80 -24.22 28.42
O8 EPE H . 10.21 -24.22 29.71
C9 EPE H . 12.69 -18.40 26.37
C10 EPE H . 12.09 -17.42 25.41
S EPE H . 13.17 -16.03 25.09
O1S EPE H . 13.01 -15.03 26.16
O2S EPE H . 12.66 -15.59 23.77
O3S EPE H . 14.57 -16.51 24.97
C1 GOL I . 7.71 -13.67 21.02
O1 GOL I . 8.75 -12.99 21.67
C2 GOL I . 7.87 -15.14 21.35
O2 GOL I . 9.06 -15.61 20.79
C3 GOL I . 6.68 -15.93 20.85
O3 GOL I . 6.75 -17.22 21.41
C1 GOL J . -26.16 0.12 -4.31
O1 GOL J . -26.67 1.15 -3.50
C2 GOL J . -27.29 -0.86 -4.55
O2 GOL J . -27.58 -1.44 -3.31
C3 GOL J . -26.87 -1.89 -5.56
O3 GOL J . -28.06 -2.57 -5.95
N1 EPE K . -25.39 19.57 -14.98
C2 EPE K . -24.28 20.31 -14.42
C3 EPE K . -24.76 21.39 -13.46
N4 EPE K . -25.64 22.29 -14.17
C5 EPE K . -26.77 21.57 -14.75
C6 EPE K . -26.31 20.47 -15.68
C7 EPE K . -26.09 23.38 -13.32
C8 EPE K . -26.15 24.72 -14.03
O8 EPE K . -24.95 25.43 -13.77
C9 EPE K . -25.04 18.48 -15.86
C10 EPE K . -24.03 17.57 -15.24
S EPE K . -23.56 16.20 -16.28
O1S EPE K . -24.63 15.19 -16.17
O2S EPE K . -22.26 15.71 -15.70
O3S EPE K . -23.37 16.64 -17.70
C1 GOL L . -20.21 13.80 -10.37
O1 GOL L . -20.71 13.08 -11.48
C2 GOL L . -20.53 15.28 -10.51
O2 GOL L . -19.74 15.77 -11.59
C3 GOL L . -20.25 15.97 -9.18
O3 GOL L . -20.75 17.30 -9.18
C1 GOL M . 23.24 4.95 -11.79
O1 GOL M . 23.85 3.69 -11.84
C2 GOL M . 24.30 6.04 -11.73
O2 GOL M . 24.84 6.09 -10.43
C3 GOL M . 23.70 7.39 -12.09
O3 GOL M . 24.76 8.31 -12.18
C1 GOL N . 14.57 -4.26 -21.79
O1 GOL N . 14.61 -2.98 -22.39
C2 GOL N . 14.54 -5.30 -22.88
O2 GOL N . 13.35 -5.09 -23.60
C3 GOL N . 14.60 -6.70 -22.29
O3 GOL N . 15.10 -7.56 -23.29
#